data_2E0T
# 
_entry.id   2E0T 
# 
_audit_conform.dict_name       mmcif_pdbx.dic 
_audit_conform.dict_version    5.388 
_audit_conform.dict_location   http://mmcif.pdb.org/dictionaries/ascii/mmcif_pdbx.dic 
# 
loop_
_database_2.database_id 
_database_2.database_code 
_database_2.pdbx_database_accession 
_database_2.pdbx_DOI 
PDB   2E0T         pdb_00002e0t 10.2210/pdb2e0t/pdb 
RCSB  RCSB026083   ?            ?                   
WWPDB D_1000026083 ?            ?                   
# 
loop_
_pdbx_audit_revision_history.ordinal 
_pdbx_audit_revision_history.data_content_type 
_pdbx_audit_revision_history.major_revision 
_pdbx_audit_revision_history.minor_revision 
_pdbx_audit_revision_history.revision_date 
1 'Structure model' 1 0 2007-10-16 
2 'Structure model' 1 1 2011-07-13 
3 'Structure model' 1 2 2013-06-12 
4 'Structure model' 1 3 2024-03-13 
# 
_pdbx_audit_revision_details.ordinal             1 
_pdbx_audit_revision_details.revision_ordinal    1 
_pdbx_audit_revision_details.data_content_type   'Structure model' 
_pdbx_audit_revision_details.provider            repository 
_pdbx_audit_revision_details.type                'Initial release' 
_pdbx_audit_revision_details.description         ? 
_pdbx_audit_revision_details.details             ? 
# 
loop_
_pdbx_audit_revision_group.ordinal 
_pdbx_audit_revision_group.revision_ordinal 
_pdbx_audit_revision_group.data_content_type 
_pdbx_audit_revision_group.group 
1 2 'Structure model' 'Derived calculations'      
2 2 'Structure model' 'Version format compliance' 
3 3 'Structure model' 'Database references'       
4 3 'Structure model' 'Derived calculations'      
5 4 'Structure model' 'Data collection'           
6 4 'Structure model' 'Database references'       
# 
loop_
_pdbx_audit_revision_category.ordinal 
_pdbx_audit_revision_category.revision_ordinal 
_pdbx_audit_revision_category.data_content_type 
_pdbx_audit_revision_category.category 
1 4 'Structure model' chem_comp_atom 
2 4 'Structure model' chem_comp_bond 
3 4 'Structure model' database_2     
# 
loop_
_pdbx_audit_revision_item.ordinal 
_pdbx_audit_revision_item.revision_ordinal 
_pdbx_audit_revision_item.data_content_type 
_pdbx_audit_revision_item.item 
1 4 'Structure model' '_database_2.pdbx_DOI'                
2 4 'Structure model' '_database_2.pdbx_database_accession' 
# 
_pdbx_database_status.status_code                     REL 
_pdbx_database_status.entry_id                        2E0T 
_pdbx_database_status.recvd_initial_deposition_date   2006-10-13 
_pdbx_database_status.deposit_site                    PDBJ 
_pdbx_database_status.process_site                    PDBJ 
_pdbx_database_status.status_code_sf                  REL 
_pdbx_database_status.status_code_mr                  ? 
_pdbx_database_status.SG_entry                        Y 
_pdbx_database_status.status_code_cs                  ? 
_pdbx_database_status.methods_development_category    ? 
_pdbx_database_status.pdb_format_compatible           Y 
_pdbx_database_status.status_code_nmr_data            ? 
# 
_pdbx_database_related.db_name        TargetDB 
_pdbx_database_related.db_id          hsi002021299.1 
_pdbx_database_related.details        . 
_pdbx_database_related.content_type   unspecified 
# 
loop_
_audit_author.name 
_audit_author.pdbx_ordinal 
'Xie, Y.'                                                1  
'Kishishita, S.'                                         2  
'Murayama, K.'                                           3  
'Hori-Takemoto, C.'                                      4  
'Chen, L.'                                               5  
'Liu, Z.J.'                                              6  
'Wang, B.C.'                                             7  
'Shirozu, M.'                                            8  
'Yokoyama, S.'                                           9  
'RIKEN Structural Genomics/Proteomics Initiative (RSGI)' 10 
# 
_citation.id                        primary 
_citation.title                     
'High-resolution crystal structure of the catalytic domain of human dual-specificity phosphatase 26.' 
_citation.journal_abbrev            'Acta Crystallogr.,Sect.D' 
_citation.journal_volume            69 
_citation.page_first                1160 
_citation.page_last                 1170 
_citation.year                      2013 
_citation.journal_id_ASTM           ABCRE6 
_citation.country                   DK 
_citation.journal_id_ISSN           0907-4449 
_citation.journal_id_CSD            0766 
_citation.book_publisher            ? 
_citation.pdbx_database_id_PubMed   23695260 
_citation.pdbx_database_id_DOI      10.1107/S0907444913004770 
# 
loop_
_citation_author.citation_id 
_citation_author.name 
_citation_author.ordinal 
_citation_author.identifier_ORCID 
primary 'Won, E.Y.'    1  ? 
primary 'Xie, Y.'      2  ? 
primary 'Takemoto, C.' 3  ? 
primary 'Chen, L.'     4  ? 
primary 'Liu, Z.J.'    5  ? 
primary 'Wang, B.C.'   6  ? 
primary 'Lee, D.'      7  ? 
primary 'Woo, E.J.'    8  ? 
primary 'Park, S.G.'   9  ? 
primary 'Shirouzu, M.' 10 ? 
primary 'Yokoyama, S.' 11 ? 
primary 'Kim, S.J.'    12 ? 
primary 'Chi, S.W.'    13 ? 
# 
loop_
_entity.id 
_entity.type 
_entity.src_method 
_entity.pdbx_description 
_entity.formula_weight 
_entity.pdbx_number_of_molecules 
_entity.pdbx_ec 
_entity.pdbx_mutation 
_entity.pdbx_fragment 
_entity.details 
1 polymer man 'Dual specificity phosphatase 26' 17051.617 1   3.1.3.48 ? 'catalytic domain, residues 61-211' ? 
2 water   nat water                             18.015    263 ?        ? ?                                   ? 
# 
_entity_name_com.entity_id   1 
_entity_name_com.name        
;MS0830, Putative, Low-molecular-mass dual- specificity phosphatase 4, Dual-specificity phosphatase SKRP3, Mitogen-activated protein kinase phosphatase 8, NATA1 protein, CDNA FLJ31142 fis, clone IMR322001317, weakly similar to Homo sapiens protein phosphatase
;
# 
_entity_poly.entity_id                      1 
_entity_poly.type                           'polypeptide(L)' 
_entity_poly.nstd_linkage                   no 
_entity_poly.nstd_monomer                   no 
_entity_poly.pdbx_seq_one_letter_code       
;HADEVWPGLYLGDQDMANNRRELRRLGITHVLNASHSRWRGTPEAYEGLGIRYLGVEAHDSPAFDMSIHFQTAADFIHRA
LSQPGGKILVHCAVGVSRSATLVLAYLMLYHHLTLVEAIKKVKDHRGIIPNRGFLRQLLALDRRLRQGLEA
;
_entity_poly.pdbx_seq_one_letter_code_can   
;HADEVWPGLYLGDQDMANNRRELRRLGITHVLNASHSRWRGTPEAYEGLGIRYLGVEAHDSPAFDMSIHFQTAADFIHRA
LSQPGGKILVHCAVGVSRSATLVLAYLMLYHHLTLVEAIKKVKDHRGIIPNRGFLRQLLALDRRLRQGLEA
;
_entity_poly.pdbx_strand_id                 A 
_entity_poly.pdbx_target_identifier         hsi002021299.1 
# 
_pdbx_entity_nonpoly.entity_id   2 
_pdbx_entity_nonpoly.name        water 
_pdbx_entity_nonpoly.comp_id     HOH 
# 
loop_
_entity_poly_seq.entity_id 
_entity_poly_seq.num 
_entity_poly_seq.mon_id 
_entity_poly_seq.hetero 
1 1   HIS n 
1 2   ALA n 
1 3   ASP n 
1 4   GLU n 
1 5   VAL n 
1 6   TRP n 
1 7   PRO n 
1 8   GLY n 
1 9   LEU n 
1 10  TYR n 
1 11  LEU n 
1 12  GLY n 
1 13  ASP n 
1 14  GLN n 
1 15  ASP n 
1 16  MET n 
1 17  ALA n 
1 18  ASN n 
1 19  ASN n 
1 20  ARG n 
1 21  ARG n 
1 22  GLU n 
1 23  LEU n 
1 24  ARG n 
1 25  ARG n 
1 26  LEU n 
1 27  GLY n 
1 28  ILE n 
1 29  THR n 
1 30  HIS n 
1 31  VAL n 
1 32  LEU n 
1 33  ASN n 
1 34  ALA n 
1 35  SER n 
1 36  HIS n 
1 37  SER n 
1 38  ARG n 
1 39  TRP n 
1 40  ARG n 
1 41  GLY n 
1 42  THR n 
1 43  PRO n 
1 44  GLU n 
1 45  ALA n 
1 46  TYR n 
1 47  GLU n 
1 48  GLY n 
1 49  LEU n 
1 50  GLY n 
1 51  ILE n 
1 52  ARG n 
1 53  TYR n 
1 54  LEU n 
1 55  GLY n 
1 56  VAL n 
1 57  GLU n 
1 58  ALA n 
1 59  HIS n 
1 60  ASP n 
1 61  SER n 
1 62  PRO n 
1 63  ALA n 
1 64  PHE n 
1 65  ASP n 
1 66  MET n 
1 67  SER n 
1 68  ILE n 
1 69  HIS n 
1 70  PHE n 
1 71  GLN n 
1 72  THR n 
1 73  ALA n 
1 74  ALA n 
1 75  ASP n 
1 76  PHE n 
1 77  ILE n 
1 78  HIS n 
1 79  ARG n 
1 80  ALA n 
1 81  LEU n 
1 82  SER n 
1 83  GLN n 
1 84  PRO n 
1 85  GLY n 
1 86  GLY n 
1 87  LYS n 
1 88  ILE n 
1 89  LEU n 
1 90  VAL n 
1 91  HIS n 
1 92  CYS n 
1 93  ALA n 
1 94  VAL n 
1 95  GLY n 
1 96  VAL n 
1 97  SER n 
1 98  ARG n 
1 99  SER n 
1 100 ALA n 
1 101 THR n 
1 102 LEU n 
1 103 VAL n 
1 104 LEU n 
1 105 ALA n 
1 106 TYR n 
1 107 LEU n 
1 108 MET n 
1 109 LEU n 
1 110 TYR n 
1 111 HIS n 
1 112 HIS n 
1 113 LEU n 
1 114 THR n 
1 115 LEU n 
1 116 VAL n 
1 117 GLU n 
1 118 ALA n 
1 119 ILE n 
1 120 LYS n 
1 121 LYS n 
1 122 VAL n 
1 123 LYS n 
1 124 ASP n 
1 125 HIS n 
1 126 ARG n 
1 127 GLY n 
1 128 ILE n 
1 129 ILE n 
1 130 PRO n 
1 131 ASN n 
1 132 ARG n 
1 133 GLY n 
1 134 PHE n 
1 135 LEU n 
1 136 ARG n 
1 137 GLN n 
1 138 LEU n 
1 139 LEU n 
1 140 ALA n 
1 141 LEU n 
1 142 ASP n 
1 143 ARG n 
1 144 ARG n 
1 145 LEU n 
1 146 ARG n 
1 147 GLN n 
1 148 GLY n 
1 149 LEU n 
1 150 GLU n 
1 151 ALA n 
# 
_entity_src_gen.entity_id                          1 
_entity_src_gen.pdbx_src_id                        1 
_entity_src_gen.pdbx_alt_source_flag               sample 
_entity_src_gen.pdbx_seq_type                      ? 
_entity_src_gen.pdbx_beg_seq_num                   ? 
_entity_src_gen.pdbx_end_seq_num                   ? 
_entity_src_gen.gene_src_common_name               human 
_entity_src_gen.gene_src_genus                     Homo 
_entity_src_gen.pdbx_gene_src_gene                 ? 
_entity_src_gen.gene_src_species                   ? 
_entity_src_gen.gene_src_strain                    ? 
_entity_src_gen.gene_src_tissue                    ? 
_entity_src_gen.gene_src_tissue_fraction           ? 
_entity_src_gen.gene_src_details                   ? 
_entity_src_gen.pdbx_gene_src_fragment             ? 
_entity_src_gen.pdbx_gene_src_scientific_name      'Homo sapiens' 
_entity_src_gen.pdbx_gene_src_ncbi_taxonomy_id     9606 
_entity_src_gen.pdbx_gene_src_variant              ? 
_entity_src_gen.pdbx_gene_src_cell_line            ? 
_entity_src_gen.pdbx_gene_src_atcc                 ? 
_entity_src_gen.pdbx_gene_src_organ                ? 
_entity_src_gen.pdbx_gene_src_organelle            ? 
_entity_src_gen.pdbx_gene_src_cell                 ? 
_entity_src_gen.pdbx_gene_src_cellular_location    ? 
_entity_src_gen.host_org_common_name               ? 
_entity_src_gen.pdbx_host_org_scientific_name      ? 
_entity_src_gen.pdbx_host_org_ncbi_taxonomy_id     ? 
_entity_src_gen.host_org_genus                     ? 
_entity_src_gen.pdbx_host_org_gene                 ? 
_entity_src_gen.pdbx_host_org_organ                ? 
_entity_src_gen.host_org_species                   ? 
_entity_src_gen.pdbx_host_org_tissue               ? 
_entity_src_gen.pdbx_host_org_tissue_fraction      ? 
_entity_src_gen.pdbx_host_org_strain               ? 
_entity_src_gen.pdbx_host_org_variant              ? 
_entity_src_gen.pdbx_host_org_cell_line            ? 
_entity_src_gen.pdbx_host_org_atcc                 ? 
_entity_src_gen.pdbx_host_org_culture_collection   ? 
_entity_src_gen.pdbx_host_org_cell                 ? 
_entity_src_gen.pdbx_host_org_organelle            ? 
_entity_src_gen.pdbx_host_org_cellular_location    ? 
_entity_src_gen.pdbx_host_org_vector_type          plasmid 
_entity_src_gen.pdbx_host_org_vector               ? 
_entity_src_gen.host_org_details                   ? 
_entity_src_gen.expression_system_id               ? 
_entity_src_gen.plasmid_name                       PK060110-18-MD01 
_entity_src_gen.plasmid_details                    ? 
_entity_src_gen.pdbx_description                   'Cell-free protein synthesis' 
# 
loop_
_chem_comp.id 
_chem_comp.type 
_chem_comp.mon_nstd_flag 
_chem_comp.name 
_chem_comp.pdbx_synonyms 
_chem_comp.formula 
_chem_comp.formula_weight 
ALA 'L-peptide linking' y ALANINE         ? 'C3 H7 N O2'     89.093  
ARG 'L-peptide linking' y ARGININE        ? 'C6 H15 N4 O2 1' 175.209 
ASN 'L-peptide linking' y ASPARAGINE      ? 'C4 H8 N2 O3'    132.118 
ASP 'L-peptide linking' y 'ASPARTIC ACID' ? 'C4 H7 N O4'     133.103 
CYS 'L-peptide linking' y CYSTEINE        ? 'C3 H7 N O2 S'   121.158 
GLN 'L-peptide linking' y GLUTAMINE       ? 'C5 H10 N2 O3'   146.144 
GLU 'L-peptide linking' y 'GLUTAMIC ACID' ? 'C5 H9 N O4'     147.129 
GLY 'peptide linking'   y GLYCINE         ? 'C2 H5 N O2'     75.067  
HIS 'L-peptide linking' y HISTIDINE       ? 'C6 H10 N3 O2 1' 156.162 
HOH non-polymer         . WATER           ? 'H2 O'           18.015  
ILE 'L-peptide linking' y ISOLEUCINE      ? 'C6 H13 N O2'    131.173 
LEU 'L-peptide linking' y LEUCINE         ? 'C6 H13 N O2'    131.173 
LYS 'L-peptide linking' y LYSINE          ? 'C6 H15 N2 O2 1' 147.195 
MET 'L-peptide linking' y METHIONINE      ? 'C5 H11 N O2 S'  149.211 
PHE 'L-peptide linking' y PHENYLALANINE   ? 'C9 H11 N O2'    165.189 
PRO 'L-peptide linking' y PROLINE         ? 'C5 H9 N O2'     115.130 
SER 'L-peptide linking' y SERINE          ? 'C3 H7 N O3'     105.093 
THR 'L-peptide linking' y THREONINE       ? 'C4 H9 N O3'     119.119 
TRP 'L-peptide linking' y TRYPTOPHAN      ? 'C11 H12 N2 O2'  204.225 
TYR 'L-peptide linking' y TYROSINE        ? 'C9 H11 N O3'    181.189 
VAL 'L-peptide linking' y VALINE          ? 'C5 H11 N O2'    117.146 
# 
loop_
_pdbx_poly_seq_scheme.asym_id 
_pdbx_poly_seq_scheme.entity_id 
_pdbx_poly_seq_scheme.seq_id 
_pdbx_poly_seq_scheme.mon_id 
_pdbx_poly_seq_scheme.ndb_seq_num 
_pdbx_poly_seq_scheme.pdb_seq_num 
_pdbx_poly_seq_scheme.auth_seq_num 
_pdbx_poly_seq_scheme.pdb_mon_id 
_pdbx_poly_seq_scheme.auth_mon_id 
_pdbx_poly_seq_scheme.pdb_strand_id 
_pdbx_poly_seq_scheme.pdb_ins_code 
_pdbx_poly_seq_scheme.hetero 
A 1 1   HIS 1   61  61  HIS HIS A . n 
A 1 2   ALA 2   62  62  ALA ALA A . n 
A 1 3   ASP 3   63  63  ASP ASP A . n 
A 1 4   GLU 4   64  64  GLU GLU A . n 
A 1 5   VAL 5   65  65  VAL VAL A . n 
A 1 6   TRP 6   66  66  TRP TRP A . n 
A 1 7   PRO 7   67  67  PRO PRO A . n 
A 1 8   GLY 8   68  68  GLY GLY A . n 
A 1 9   LEU 9   69  69  LEU LEU A . n 
A 1 10  TYR 10  70  70  TYR TYR A . n 
A 1 11  LEU 11  71  71  LEU LEU A . n 
A 1 12  GLY 12  72  72  GLY GLY A . n 
A 1 13  ASP 13  73  73  ASP ASP A . n 
A 1 14  GLN 14  74  74  GLN GLN A . n 
A 1 15  ASP 15  75  75  ASP ASP A . n 
A 1 16  MET 16  76  76  MET MET A . n 
A 1 17  ALA 17  77  77  ALA ALA A . n 
A 1 18  ASN 18  78  78  ASN ASN A . n 
A 1 19  ASN 19  79  79  ASN ASN A . n 
A 1 20  ARG 20  80  80  ARG ARG A . n 
A 1 21  ARG 21  81  81  ARG ARG A . n 
A 1 22  GLU 22  82  82  GLU GLU A . n 
A 1 23  LEU 23  83  83  LEU LEU A . n 
A 1 24  ARG 24  84  84  ARG ARG A . n 
A 1 25  ARG 25  85  85  ARG ARG A . n 
A 1 26  LEU 26  86  86  LEU LEU A . n 
A 1 27  GLY 27  87  87  GLY GLY A . n 
A 1 28  ILE 28  88  88  ILE ILE A . n 
A 1 29  THR 29  89  89  THR THR A . n 
A 1 30  HIS 30  90  90  HIS HIS A . n 
A 1 31  VAL 31  91  91  VAL VAL A . n 
A 1 32  LEU 32  92  92  LEU LEU A . n 
A 1 33  ASN 33  93  93  ASN ASN A . n 
A 1 34  ALA 34  94  94  ALA ALA A . n 
A 1 35  SER 35  95  95  SER SER A . n 
A 1 36  HIS 36  96  96  HIS HIS A . n 
A 1 37  SER 37  97  97  SER SER A . n 
A 1 38  ARG 38  98  98  ARG ARG A . n 
A 1 39  TRP 39  99  99  TRP TRP A . n 
A 1 40  ARG 40  100 100 ARG ARG A . n 
A 1 41  GLY 41  101 101 GLY GLY A . n 
A 1 42  THR 42  102 102 THR THR A . n 
A 1 43  PRO 43  103 103 PRO PRO A . n 
A 1 44  GLU 44  104 104 GLU GLU A . n 
A 1 45  ALA 45  105 105 ALA ALA A . n 
A 1 46  TYR 46  106 106 TYR TYR A . n 
A 1 47  GLU 47  107 107 GLU GLU A . n 
A 1 48  GLY 48  108 108 GLY GLY A . n 
A 1 49  LEU 49  109 109 LEU LEU A . n 
A 1 50  GLY 50  110 110 GLY GLY A . n 
A 1 51  ILE 51  111 111 ILE ILE A . n 
A 1 52  ARG 52  112 112 ARG ARG A . n 
A 1 53  TYR 53  113 113 TYR TYR A . n 
A 1 54  LEU 54  114 114 LEU LEU A . n 
A 1 55  GLY 55  115 115 GLY GLY A . n 
A 1 56  VAL 56  116 116 VAL VAL A . n 
A 1 57  GLU 57  117 117 GLU GLU A . n 
A 1 58  ALA 58  118 118 ALA ALA A . n 
A 1 59  HIS 59  119 119 HIS HIS A . n 
A 1 60  ASP 60  120 120 ASP ASP A . n 
A 1 61  SER 61  121 121 SER SER A . n 
A 1 62  PRO 62  122 122 PRO PRO A . n 
A 1 63  ALA 63  123 123 ALA ALA A . n 
A 1 64  PHE 64  124 124 PHE PHE A . n 
A 1 65  ASP 65  125 125 ASP ASP A . n 
A 1 66  MET 66  126 126 MET MET A . n 
A 1 67  SER 67  127 127 SER SER A . n 
A 1 68  ILE 68  128 128 ILE ILE A . n 
A 1 69  HIS 69  129 129 HIS HIS A . n 
A 1 70  PHE 70  130 130 PHE PHE A . n 
A 1 71  GLN 71  131 131 GLN GLN A . n 
A 1 72  THR 72  132 132 THR THR A . n 
A 1 73  ALA 73  133 133 ALA ALA A . n 
A 1 74  ALA 74  134 134 ALA ALA A . n 
A 1 75  ASP 75  135 135 ASP ASP A . n 
A 1 76  PHE 76  136 136 PHE PHE A . n 
A 1 77  ILE 77  137 137 ILE ILE A . n 
A 1 78  HIS 78  138 138 HIS HIS A . n 
A 1 79  ARG 79  139 139 ARG ARG A . n 
A 1 80  ALA 80  140 140 ALA ALA A . n 
A 1 81  LEU 81  141 141 LEU LEU A . n 
A 1 82  SER 82  142 142 SER SER A . n 
A 1 83  GLN 83  143 143 GLN GLN A . n 
A 1 84  PRO 84  144 144 PRO PRO A . n 
A 1 85  GLY 85  145 145 GLY GLY A . n 
A 1 86  GLY 86  146 146 GLY GLY A . n 
A 1 87  LYS 87  147 147 LYS LYS A . n 
A 1 88  ILE 88  148 148 ILE ILE A . n 
A 1 89  LEU 89  149 149 LEU LEU A . n 
A 1 90  VAL 90  150 150 VAL VAL A . n 
A 1 91  HIS 91  151 151 HIS HIS A . n 
A 1 92  CYS 92  152 152 CYS CYS A . n 
A 1 93  ALA 93  153 153 ALA ALA A . n 
A 1 94  VAL 94  154 154 VAL VAL A . n 
A 1 95  GLY 95  155 155 GLY GLY A . n 
A 1 96  VAL 96  156 156 VAL VAL A . n 
A 1 97  SER 97  157 157 SER SER A . n 
A 1 98  ARG 98  158 158 ARG ARG A . n 
A 1 99  SER 99  159 159 SER SER A . n 
A 1 100 ALA 100 160 160 ALA ALA A . n 
A 1 101 THR 101 161 161 THR THR A . n 
A 1 102 LEU 102 162 162 LEU LEU A . n 
A 1 103 VAL 103 163 163 VAL VAL A . n 
A 1 104 LEU 104 164 164 LEU LEU A . n 
A 1 105 ALA 105 165 165 ALA ALA A . n 
A 1 106 TYR 106 166 166 TYR TYR A . n 
A 1 107 LEU 107 167 167 LEU LEU A . n 
A 1 108 MET 108 168 168 MET MET A . n 
A 1 109 LEU 109 169 169 LEU LEU A . n 
A 1 110 TYR 110 170 170 TYR TYR A . n 
A 1 111 HIS 111 171 171 HIS HIS A . n 
A 1 112 HIS 112 172 172 HIS HIS A . n 
A 1 113 LEU 113 173 173 LEU LEU A . n 
A 1 114 THR 114 174 174 THR THR A . n 
A 1 115 LEU 115 175 175 LEU LEU A . n 
A 1 116 VAL 116 176 176 VAL VAL A . n 
A 1 117 GLU 117 177 177 GLU GLU A . n 
A 1 118 ALA 118 178 178 ALA ALA A . n 
A 1 119 ILE 119 179 179 ILE ILE A . n 
A 1 120 LYS 120 180 180 LYS LYS A . n 
A 1 121 LYS 121 181 181 LYS LYS A . n 
A 1 122 VAL 122 182 182 VAL VAL A . n 
A 1 123 LYS 123 183 183 LYS LYS A . n 
A 1 124 ASP 124 184 184 ASP ASP A . n 
A 1 125 HIS 125 185 185 HIS HIS A . n 
A 1 126 ARG 126 186 186 ARG ARG A . n 
A 1 127 GLY 127 187 187 GLY GLY A . n 
A 1 128 ILE 128 188 188 ILE ILE A . n 
A 1 129 ILE 129 189 189 ILE ILE A . n 
A 1 130 PRO 130 190 190 PRO PRO A . n 
A 1 131 ASN 131 191 191 ASN ASN A . n 
A 1 132 ARG 132 192 192 ARG ARG A . n 
A 1 133 GLY 133 193 193 GLY GLY A . n 
A 1 134 PHE 134 194 194 PHE PHE A . n 
A 1 135 LEU 135 195 195 LEU LEU A . n 
A 1 136 ARG 136 196 196 ARG ARG A . n 
A 1 137 GLN 137 197 197 GLN GLN A . n 
A 1 138 LEU 138 198 198 LEU LEU A . n 
A 1 139 LEU 139 199 199 LEU LEU A . n 
A 1 140 ALA 140 200 200 ALA ALA A . n 
A 1 141 LEU 141 201 201 LEU LEU A . n 
A 1 142 ASP 142 202 202 ASP ASP A . n 
A 1 143 ARG 143 203 203 ARG ARG A . n 
A 1 144 ARG 144 204 204 ARG ARG A . n 
A 1 145 LEU 145 205 205 LEU LEU A . n 
A 1 146 ARG 146 206 206 ARG ARG A . n 
A 1 147 GLN 147 207 207 GLN GLN A . n 
A 1 148 GLY 148 208 208 GLY GLY A . n 
A 1 149 LEU 149 209 209 LEU LEU A . n 
A 1 150 GLU 150 210 210 GLU GLU A . n 
A 1 151 ALA 151 211 ?   ?   ?   A . n 
# 
loop_
_pdbx_nonpoly_scheme.asym_id 
_pdbx_nonpoly_scheme.entity_id 
_pdbx_nonpoly_scheme.mon_id 
_pdbx_nonpoly_scheme.ndb_seq_num 
_pdbx_nonpoly_scheme.pdb_seq_num 
_pdbx_nonpoly_scheme.auth_seq_num 
_pdbx_nonpoly_scheme.pdb_mon_id 
_pdbx_nonpoly_scheme.auth_mon_id 
_pdbx_nonpoly_scheme.pdb_strand_id 
_pdbx_nonpoly_scheme.pdb_ins_code 
B 2 HOH 1   212 1   HOH HOH A . 
B 2 HOH 2   213 2   HOH HOH A . 
B 2 HOH 3   214 3   HOH HOH A . 
B 2 HOH 4   215 4   HOH HOH A . 
B 2 HOH 5   216 5   HOH HOH A . 
B 2 HOH 6   217 6   HOH HOH A . 
B 2 HOH 7   218 7   HOH HOH A . 
B 2 HOH 8   219 8   HOH HOH A . 
B 2 HOH 9   220 9   HOH HOH A . 
B 2 HOH 10  221 10  HOH HOH A . 
B 2 HOH 11  222 11  HOH HOH A . 
B 2 HOH 12  223 12  HOH HOH A . 
B 2 HOH 13  224 13  HOH HOH A . 
B 2 HOH 14  225 14  HOH HOH A . 
B 2 HOH 15  226 15  HOH HOH A . 
B 2 HOH 16  227 16  HOH HOH A . 
B 2 HOH 17  228 17  HOH HOH A . 
B 2 HOH 18  229 18  HOH HOH A . 
B 2 HOH 19  230 19  HOH HOH A . 
B 2 HOH 20  231 20  HOH HOH A . 
B 2 HOH 21  232 21  HOH HOH A . 
B 2 HOH 22  233 22  HOH HOH A . 
B 2 HOH 23  234 23  HOH HOH A . 
B 2 HOH 24  235 24  HOH HOH A . 
B 2 HOH 25  236 25  HOH HOH A . 
B 2 HOH 26  237 26  HOH HOH A . 
B 2 HOH 27  238 27  HOH HOH A . 
B 2 HOH 28  239 28  HOH HOH A . 
B 2 HOH 29  240 29  HOH HOH A . 
B 2 HOH 30  241 30  HOH HOH A . 
B 2 HOH 31  242 31  HOH HOH A . 
B 2 HOH 32  243 32  HOH HOH A . 
B 2 HOH 33  244 33  HOH HOH A . 
B 2 HOH 34  245 34  HOH HOH A . 
B 2 HOH 35  246 35  HOH HOH A . 
B 2 HOH 36  247 36  HOH HOH A . 
B 2 HOH 37  248 37  HOH HOH A . 
B 2 HOH 38  249 38  HOH HOH A . 
B 2 HOH 39  250 39  HOH HOH A . 
B 2 HOH 40  251 40  HOH HOH A . 
B 2 HOH 41  252 41  HOH HOH A . 
B 2 HOH 42  253 42  HOH HOH A . 
B 2 HOH 43  254 43  HOH HOH A . 
B 2 HOH 44  255 44  HOH HOH A . 
B 2 HOH 45  256 45  HOH HOH A . 
B 2 HOH 46  257 46  HOH HOH A . 
B 2 HOH 47  258 47  HOH HOH A . 
B 2 HOH 48  259 48  HOH HOH A . 
B 2 HOH 49  260 49  HOH HOH A . 
B 2 HOH 50  261 50  HOH HOH A . 
B 2 HOH 51  262 51  HOH HOH A . 
B 2 HOH 52  263 52  HOH HOH A . 
B 2 HOH 53  264 53  HOH HOH A . 
B 2 HOH 54  265 54  HOH HOH A . 
B 2 HOH 55  266 55  HOH HOH A . 
B 2 HOH 56  267 56  HOH HOH A . 
B 2 HOH 57  268 57  HOH HOH A . 
B 2 HOH 58  269 58  HOH HOH A . 
B 2 HOH 59  270 59  HOH HOH A . 
B 2 HOH 60  271 60  HOH HOH A . 
B 2 HOH 61  272 61  HOH HOH A . 
B 2 HOH 62  273 62  HOH HOH A . 
B 2 HOH 63  274 63  HOH HOH A . 
B 2 HOH 64  275 64  HOH HOH A . 
B 2 HOH 65  276 65  HOH HOH A . 
B 2 HOH 66  277 66  HOH HOH A . 
B 2 HOH 67  278 67  HOH HOH A . 
B 2 HOH 68  279 68  HOH HOH A . 
B 2 HOH 69  280 69  HOH HOH A . 
B 2 HOH 70  281 70  HOH HOH A . 
B 2 HOH 71  282 71  HOH HOH A . 
B 2 HOH 72  283 72  HOH HOH A . 
B 2 HOH 73  284 73  HOH HOH A . 
B 2 HOH 74  285 74  HOH HOH A . 
B 2 HOH 75  286 75  HOH HOH A . 
B 2 HOH 76  287 76  HOH HOH A . 
B 2 HOH 77  288 77  HOH HOH A . 
B 2 HOH 78  289 78  HOH HOH A . 
B 2 HOH 79  290 79  HOH HOH A . 
B 2 HOH 80  291 80  HOH HOH A . 
B 2 HOH 81  292 81  HOH HOH A . 
B 2 HOH 82  293 82  HOH HOH A . 
B 2 HOH 83  294 83  HOH HOH A . 
B 2 HOH 84  295 84  HOH HOH A . 
B 2 HOH 85  296 85  HOH HOH A . 
B 2 HOH 86  297 86  HOH HOH A . 
B 2 HOH 87  298 87  HOH HOH A . 
B 2 HOH 88  299 88  HOH HOH A . 
B 2 HOH 89  300 89  HOH HOH A . 
B 2 HOH 90  301 90  HOH HOH A . 
B 2 HOH 91  302 91  HOH HOH A . 
B 2 HOH 92  303 92  HOH HOH A . 
B 2 HOH 93  304 93  HOH HOH A . 
B 2 HOH 94  305 94  HOH HOH A . 
B 2 HOH 95  306 95  HOH HOH A . 
B 2 HOH 96  307 96  HOH HOH A . 
B 2 HOH 97  308 97  HOH HOH A . 
B 2 HOH 98  309 98  HOH HOH A . 
B 2 HOH 99  310 99  HOH HOH A . 
B 2 HOH 100 311 100 HOH HOH A . 
B 2 HOH 101 312 101 HOH HOH A . 
B 2 HOH 102 313 102 HOH HOH A . 
B 2 HOH 103 314 103 HOH HOH A . 
B 2 HOH 104 315 104 HOH HOH A . 
B 2 HOH 105 316 105 HOH HOH A . 
B 2 HOH 106 317 106 HOH HOH A . 
B 2 HOH 107 318 107 HOH HOH A . 
B 2 HOH 108 319 108 HOH HOH A . 
B 2 HOH 109 320 109 HOH HOH A . 
B 2 HOH 110 321 110 HOH HOH A . 
B 2 HOH 111 322 111 HOH HOH A . 
B 2 HOH 112 323 112 HOH HOH A . 
B 2 HOH 113 324 113 HOH HOH A . 
B 2 HOH 114 325 114 HOH HOH A . 
B 2 HOH 115 326 115 HOH HOH A . 
B 2 HOH 116 327 116 HOH HOH A . 
B 2 HOH 117 328 117 HOH HOH A . 
B 2 HOH 118 329 118 HOH HOH A . 
B 2 HOH 119 330 119 HOH HOH A . 
B 2 HOH 120 331 120 HOH HOH A . 
B 2 HOH 121 332 121 HOH HOH A . 
B 2 HOH 122 333 122 HOH HOH A . 
B 2 HOH 123 334 123 HOH HOH A . 
B 2 HOH 124 335 124 HOH HOH A . 
B 2 HOH 125 336 125 HOH HOH A . 
B 2 HOH 126 337 126 HOH HOH A . 
B 2 HOH 127 338 127 HOH HOH A . 
B 2 HOH 128 339 128 HOH HOH A . 
B 2 HOH 129 340 129 HOH HOH A . 
B 2 HOH 130 341 130 HOH HOH A . 
B 2 HOH 131 342 131 HOH HOH A . 
B 2 HOH 132 343 132 HOH HOH A . 
B 2 HOH 133 344 133 HOH HOH A . 
B 2 HOH 134 345 134 HOH HOH A . 
B 2 HOH 135 346 135 HOH HOH A . 
B 2 HOH 136 347 136 HOH HOH A . 
B 2 HOH 137 348 137 HOH HOH A . 
B 2 HOH 138 349 138 HOH HOH A . 
B 2 HOH 139 350 139 HOH HOH A . 
B 2 HOH 140 351 140 HOH HOH A . 
B 2 HOH 141 352 141 HOH HOH A . 
B 2 HOH 142 353 142 HOH HOH A . 
B 2 HOH 143 354 143 HOH HOH A . 
B 2 HOH 144 355 144 HOH HOH A . 
B 2 HOH 145 356 145 HOH HOH A . 
B 2 HOH 146 357 146 HOH HOH A . 
B 2 HOH 147 358 147 HOH HOH A . 
B 2 HOH 148 359 148 HOH HOH A . 
B 2 HOH 149 360 149 HOH HOH A . 
B 2 HOH 150 361 150 HOH HOH A . 
B 2 HOH 151 362 151 HOH HOH A . 
B 2 HOH 152 363 152 HOH HOH A . 
B 2 HOH 153 364 153 HOH HOH A . 
B 2 HOH 154 365 154 HOH HOH A . 
B 2 HOH 155 366 155 HOH HOH A . 
B 2 HOH 156 367 156 HOH HOH A . 
B 2 HOH 157 368 157 HOH HOH A . 
B 2 HOH 158 369 158 HOH HOH A . 
B 2 HOH 159 370 159 HOH HOH A . 
B 2 HOH 160 371 160 HOH HOH A . 
B 2 HOH 161 372 161 HOH HOH A . 
B 2 HOH 162 373 162 HOH HOH A . 
B 2 HOH 163 374 163 HOH HOH A . 
B 2 HOH 164 375 164 HOH HOH A . 
B 2 HOH 165 376 165 HOH HOH A . 
B 2 HOH 166 377 166 HOH HOH A . 
B 2 HOH 167 378 167 HOH HOH A . 
B 2 HOH 168 379 168 HOH HOH A . 
B 2 HOH 169 380 169 HOH HOH A . 
B 2 HOH 170 381 170 HOH HOH A . 
B 2 HOH 171 382 171 HOH HOH A . 
B 2 HOH 172 383 172 HOH HOH A . 
B 2 HOH 173 384 173 HOH HOH A . 
B 2 HOH 174 385 174 HOH HOH A . 
B 2 HOH 175 386 175 HOH HOH A . 
B 2 HOH 176 387 176 HOH HOH A . 
B 2 HOH 177 388 177 HOH HOH A . 
B 2 HOH 178 389 178 HOH HOH A . 
B 2 HOH 179 390 179 HOH HOH A . 
B 2 HOH 180 391 180 HOH HOH A . 
B 2 HOH 181 392 181 HOH HOH A . 
B 2 HOH 182 393 182 HOH HOH A . 
B 2 HOH 183 394 183 HOH HOH A . 
B 2 HOH 184 395 184 HOH HOH A . 
B 2 HOH 185 396 185 HOH HOH A . 
B 2 HOH 186 397 186 HOH HOH A . 
B 2 HOH 187 398 187 HOH HOH A . 
B 2 HOH 188 399 188 HOH HOH A . 
B 2 HOH 189 400 189 HOH HOH A . 
B 2 HOH 190 401 190 HOH HOH A . 
B 2 HOH 191 402 191 HOH HOH A . 
B 2 HOH 192 403 192 HOH HOH A . 
B 2 HOH 193 404 193 HOH HOH A . 
B 2 HOH 194 405 194 HOH HOH A . 
B 2 HOH 195 406 195 HOH HOH A . 
B 2 HOH 196 407 196 HOH HOH A . 
B 2 HOH 197 408 197 HOH HOH A . 
B 2 HOH 198 409 198 HOH HOH A . 
B 2 HOH 199 410 199 HOH HOH A . 
B 2 HOH 200 411 200 HOH HOH A . 
B 2 HOH 201 412 201 HOH HOH A . 
B 2 HOH 202 413 202 HOH HOH A . 
B 2 HOH 203 414 203 HOH HOH A . 
B 2 HOH 204 415 204 HOH HOH A . 
B 2 HOH 205 416 205 HOH HOH A . 
B 2 HOH 206 417 206 HOH HOH A . 
B 2 HOH 207 418 207 HOH HOH A . 
B 2 HOH 208 419 208 HOH HOH A . 
B 2 HOH 209 420 209 HOH HOH A . 
B 2 HOH 210 421 210 HOH HOH A . 
B 2 HOH 211 422 211 HOH HOH A . 
B 2 HOH 212 423 212 HOH HOH A . 
B 2 HOH 213 424 213 HOH HOH A . 
B 2 HOH 214 425 214 HOH HOH A . 
B 2 HOH 215 426 215 HOH HOH A . 
B 2 HOH 216 427 216 HOH HOH A . 
B 2 HOH 217 428 217 HOH HOH A . 
B 2 HOH 218 429 218 HOH HOH A . 
B 2 HOH 219 430 219 HOH HOH A . 
B 2 HOH 220 431 220 HOH HOH A . 
B 2 HOH 221 432 221 HOH HOH A . 
B 2 HOH 222 433 222 HOH HOH A . 
B 2 HOH 223 434 223 HOH HOH A . 
B 2 HOH 224 435 224 HOH HOH A . 
B 2 HOH 225 436 225 HOH HOH A . 
B 2 HOH 226 437 226 HOH HOH A . 
B 2 HOH 227 438 227 HOH HOH A . 
B 2 HOH 228 439 228 HOH HOH A . 
B 2 HOH 229 440 229 HOH HOH A . 
B 2 HOH 230 441 230 HOH HOH A . 
B 2 HOH 231 442 231 HOH HOH A . 
B 2 HOH 232 443 232 HOH HOH A . 
B 2 HOH 233 444 233 HOH HOH A . 
B 2 HOH 234 445 234 HOH HOH A . 
B 2 HOH 235 446 235 HOH HOH A . 
B 2 HOH 236 447 236 HOH HOH A . 
B 2 HOH 237 448 237 HOH HOH A . 
B 2 HOH 238 449 238 HOH HOH A . 
B 2 HOH 239 450 239 HOH HOH A . 
B 2 HOH 240 451 240 HOH HOH A . 
B 2 HOH 241 452 241 HOH HOH A . 
B 2 HOH 242 453 242 HOH HOH A . 
B 2 HOH 243 454 243 HOH HOH A . 
B 2 HOH 244 455 244 HOH HOH A . 
B 2 HOH 245 456 245 HOH HOH A . 
B 2 HOH 246 457 246 HOH HOH A . 
B 2 HOH 247 458 247 HOH HOH A . 
B 2 HOH 248 459 248 HOH HOH A . 
B 2 HOH 249 460 249 HOH HOH A . 
B 2 HOH 250 461 250 HOH HOH A . 
B 2 HOH 251 462 251 HOH HOH A . 
B 2 HOH 252 463 252 HOH HOH A . 
B 2 HOH 253 464 253 HOH HOH A . 
B 2 HOH 254 465 254 HOH HOH A . 
B 2 HOH 255 466 255 HOH HOH A . 
B 2 HOH 256 467 256 HOH HOH A . 
B 2 HOH 257 468 257 HOH HOH A . 
B 2 HOH 258 469 258 HOH HOH A . 
B 2 HOH 259 470 259 HOH HOH A . 
B 2 HOH 260 471 260 HOH HOH A . 
B 2 HOH 261 472 261 HOH HOH A . 
B 2 HOH 262 473 262 HOH HOH A . 
B 2 HOH 263 474 263 HOH HOH A . 
# 
loop_
_software.name 
_software.classification 
_software.version 
_software.citation_id 
_software.pdbx_ordinal 
CNS       refinement        1.1 ? 1 
HKL-2000  'data collection' .   ? 2 
HKL-2000  'data reduction'  .   ? 3 
SCALEPACK 'data scaling'    .   ? 4 
SOLVE     phasing           .   ? 5 
# 
_cell.entry_id           2E0T 
_cell.length_a           80.721 
_cell.length_b           40.176 
_cell.length_c           49.944 
_cell.angle_alpha        90.00 
_cell.angle_beta         110.35 
_cell.angle_gamma        90.00 
_cell.Z_PDB              4 
_cell.pdbx_unique_axis   ? 
_cell.length_a_esd       ? 
_cell.length_b_esd       ? 
_cell.length_c_esd       ? 
_cell.angle_alpha_esd    ? 
_cell.angle_beta_esd     ? 
_cell.angle_gamma_esd    ? 
# 
_symmetry.entry_id                         2E0T 
_symmetry.space_group_name_H-M             'C 1 2 1' 
_symmetry.pdbx_full_space_group_name_H-M   ? 
_symmetry.cell_setting                     ? 
_symmetry.Int_Tables_number                5 
_symmetry.space_group_name_Hall            ? 
# 
_exptl.entry_id          2E0T 
_exptl.method            'X-RAY DIFFRACTION' 
_exptl.crystals_number   1 
# 
_exptl_crystal.id                    1 
_exptl_crystal.density_meas          ? 
_exptl_crystal.density_Matthews      2.24 
_exptl_crystal.density_percent_sol   44.97 
_exptl_crystal.description           ? 
_exptl_crystal.F_000                 ? 
_exptl_crystal.preparation           ? 
# 
_exptl_crystal_grow.crystal_id      1 
_exptl_crystal_grow.method          'VAPOR DIFFUSION, SITTING DROP' 
_exptl_crystal_grow.temp            293 
_exptl_crystal_grow.temp_details    ? 
_exptl_crystal_grow.pH              7.6 
_exptl_crystal_grow.pdbx_details    
'0.1M HEPES-Na (pH 7.5), 0.8M Potassium sodium tartrate tetrahydrate, pH 7.6, VAPOR DIFFUSION, SITTING DROP, temperature 293K' 
_exptl_crystal_grow.pdbx_pH_range   . 
# 
loop_
_diffrn.id 
_diffrn.ambient_temp 
_diffrn.ambient_temp_details 
_diffrn.crystal_id 
1   100 ? 1 
2   ?   ? 1 
1,2 ?   ? 1 
# 
loop_
_diffrn_detector.diffrn_id 
_diffrn_detector.detector 
_diffrn_detector.type 
_diffrn_detector.pdbx_collection_date 
_diffrn_detector.details 
1 CCD 'RIGAKU JUPITER 210'   2006-07-03 mirrors 
2 CCD 'MARMOSAIC 300 mm CCD' 2006-08-14 mirrors 
# 
loop_
_diffrn_radiation.diffrn_id 
_diffrn_radiation.wavelength_id 
_diffrn_radiation.pdbx_monochromatic_or_laue_m_l 
_diffrn_radiation.monochromator 
_diffrn_radiation.pdbx_diffrn_protocol 
_diffrn_radiation.pdbx_scattering_type 
1 1 M silikon MAD                 x-ray 
2 1 M silikon 'SINGLE WAVELENGTH' x-ray 
# 
loop_
_diffrn_radiation_wavelength.id 
_diffrn_radiation_wavelength.wavelength 
_diffrn_radiation_wavelength.wt 
1 0.976  1.0 
2 0.9794 1.0 
3 0.9642 1.0 
4 0.9724 1.0 
# 
loop_
_diffrn_source.diffrn_id 
_diffrn_source.source 
_diffrn_source.type 
_diffrn_source.pdbx_synchrotron_site 
_diffrn_source.pdbx_synchrotron_beamline 
_diffrn_source.pdbx_wavelength 
_diffrn_source.pdbx_wavelength_list 
1 SYNCHROTRON 'SPRING-8 BEAMLINE BL12B2' SPring-8 BL12B2 ? '0.976, 0.9794, 0.9642' 
2 SYNCHROTRON 'APS BEAMLINE 22-ID'       APS      22-ID  ? 0.9724                  
# 
_reflns.entry_id                     2E0T 
_reflns.observed_criterion_sigma_I   -3 
_reflns.observed_criterion_sigma_F   ? 
_reflns.d_resolution_low             50 
_reflns.d_resolution_high            1.67 
_reflns.number_obs                   17050 
_reflns.number_all                   ? 
_reflns.percent_possible_obs         96.9 
_reflns.pdbx_Rmerge_I_obs            ? 
_reflns.pdbx_Rsym_value              0.054 
_reflns.pdbx_netI_over_sigmaI        22.2 
_reflns.B_iso_Wilson_estimate        12.7 
_reflns.pdbx_redundancy              3.5 
_reflns.R_free_details               ? 
_reflns.limit_h_max                  ? 
_reflns.limit_h_min                  ? 
_reflns.limit_k_max                  ? 
_reflns.limit_k_min                  ? 
_reflns.limit_l_max                  ? 
_reflns.limit_l_min                  ? 
_reflns.observed_criterion_F_max     ? 
_reflns.observed_criterion_F_min     ? 
_reflns.pdbx_chi_squared             ? 
_reflns.pdbx_scaling_rejects         ? 
_reflns.pdbx_ordinal                 1 
_reflns.pdbx_diffrn_id               1,2 
# 
_reflns_shell.d_res_high             1.67 
_reflns_shell.d_res_low              1.73 
_reflns_shell.percent_possible_all   77.7 
_reflns_shell.Rmerge_I_obs           ? 
_reflns_shell.pdbx_Rsym_value        0.134 
_reflns_shell.meanI_over_sigI_obs    7.45 
_reflns_shell.pdbx_redundancy        2.3 
_reflns_shell.percent_possible_obs   ? 
_reflns_shell.number_unique_all      1345 
_reflns_shell.number_measured_all    ? 
_reflns_shell.number_measured_obs    ? 
_reflns_shell.number_unique_obs      ? 
_reflns_shell.pdbx_chi_squared       ? 
_reflns_shell.pdbx_ordinal           1 
_reflns_shell.pdbx_diffrn_id         1,2 
# 
_refine.entry_id                                 2E0T 
_refine.ls_number_reflns_obs                     16221 
_refine.ls_number_reflns_all                     ? 
_refine.pdbx_ls_sigma_I                          ? 
_refine.pdbx_ls_sigma_F                          2.0 
_refine.pdbx_data_cutoff_high_absF               68385.15 
_refine.pdbx_data_cutoff_low_absF                0.000000 
_refine.pdbx_data_cutoff_high_rms_absF           ? 
_refine.ls_d_res_low                             37.84 
_refine.ls_d_res_high                            1.67 
_refine.ls_percent_reflns_obs                    92.1 
_refine.ls_R_factor_obs                          0.172 
_refine.ls_R_factor_all                          ? 
_refine.ls_R_factor_R_work                       0.172 
_refine.ls_R_factor_R_free                       0.212 
_refine.ls_R_factor_R_free_error                 0.005 
_refine.ls_R_factor_R_free_error_details         ? 
_refine.ls_percent_reflns_R_free                 10.0 
_refine.ls_number_reflns_R_free                  1614 
_refine.ls_number_parameters                     ? 
_refine.ls_number_restraints                     ? 
_refine.occupancy_min                            ? 
_refine.occupancy_max                            ? 
_refine.correlation_coeff_Fo_to_Fc               ? 
_refine.correlation_coeff_Fo_to_Fc_free          ? 
_refine.B_iso_mean                               16.1 
_refine.aniso_B[1][1]                            2.20 
_refine.aniso_B[2][2]                            -1.64 
_refine.aniso_B[3][3]                            -0.57 
_refine.aniso_B[1][2]                            0.00 
_refine.aniso_B[1][3]                            -3.06 
_refine.aniso_B[2][3]                            0.00 
_refine.solvent_model_details                    'FLAT MODEL' 
_refine.solvent_model_param_ksol                 0.317441 
_refine.solvent_model_param_bsol                 35.6141 
_refine.pdbx_solvent_vdw_probe_radii             ? 
_refine.pdbx_solvent_ion_probe_radii             ? 
_refine.pdbx_solvent_shrinkage_radii             ? 
_refine.pdbx_ls_cross_valid_method               THROUGHOUT 
_refine.details                                  ? 
_refine.pdbx_starting_model                      ? 
_refine.pdbx_method_to_determine_struct          MAD 
_refine.pdbx_isotropic_thermal_model             RESTRAINED 
_refine.pdbx_stereochemistry_target_values       ? 
_refine.pdbx_stereochem_target_val_spec_case     ? 
_refine.pdbx_R_Free_selection_details            RANDOM 
_refine.pdbx_overall_ESU_R                       ? 
_refine.pdbx_overall_ESU_R_Free                  ? 
_refine.overall_SU_ML                            ? 
_refine.overall_SU_B                             ? 
_refine.ls_redundancy_reflns_obs                 ? 
_refine.B_iso_min                                ? 
_refine.B_iso_max                                ? 
_refine.overall_SU_R_Cruickshank_DPI             ? 
_refine.overall_SU_R_free                        ? 
_refine.ls_wR_factor_R_free                      ? 
_refine.ls_wR_factor_R_work                      ? 
_refine.overall_FOM_free_R_set                   ? 
_refine.overall_FOM_work_R_set                   ? 
_refine.pdbx_refine_id                           'X-RAY DIFFRACTION' 
_refine.pdbx_diffrn_id                           1 
_refine.pdbx_overall_phase_error                 ? 
_refine.pdbx_TLS_residual_ADP_flag               ? 
_refine.pdbx_overall_SU_R_free_Cruickshank_DPI   ? 
_refine.pdbx_overall_SU_R_Blow_DPI               ? 
_refine.pdbx_overall_SU_R_free_Blow_DPI          ? 
# 
_refine_analyze.entry_id                        2E0T 
_refine_analyze.Luzzati_coordinate_error_obs    0.16 
_refine_analyze.Luzzati_sigma_a_obs             0.03 
_refine_analyze.Luzzati_d_res_low_obs           5.00 
_refine_analyze.Luzzati_coordinate_error_free   0.21 
_refine_analyze.Luzzati_sigma_a_free            0.08 
_refine_analyze.Luzzati_d_res_low_free          ? 
_refine_analyze.number_disordered_residues      ? 
_refine_analyze.occupancy_sum_hydrogen          ? 
_refine_analyze.occupancy_sum_non_hydrogen      ? 
_refine_analyze.pdbx_Luzzati_d_res_high_obs     ? 
_refine_analyze.pdbx_refine_id                  'X-RAY DIFFRACTION' 
# 
_refine_hist.pdbx_refine_id                   'X-RAY DIFFRACTION' 
_refine_hist.cycle_id                         LAST 
_refine_hist.pdbx_number_atoms_protein        1196 
_refine_hist.pdbx_number_atoms_nucleic_acid   0 
_refine_hist.pdbx_number_atoms_ligand         0 
_refine_hist.number_atoms_solvent             263 
_refine_hist.number_atoms_total               1459 
_refine_hist.d_res_high                       1.67 
_refine_hist.d_res_low                        37.84 
# 
loop_
_refine_ls_restr.type 
_refine_ls_restr.dev_ideal 
_refine_ls_restr.dev_ideal_target 
_refine_ls_restr.weight 
_refine_ls_restr.number 
_refine_ls_restr.pdbx_refine_id 
_refine_ls_restr.pdbx_restraint_function 
c_bond_d                0.009 ? ? ? 'X-RAY DIFFRACTION' ? 
c_bond_d_na             ?     ? ? ? 'X-RAY DIFFRACTION' ? 
c_bond_d_prot           ?     ? ? ? 'X-RAY DIFFRACTION' ? 
c_angle_d               ?     ? ? ? 'X-RAY DIFFRACTION' ? 
c_angle_d_na            ?     ? ? ? 'X-RAY DIFFRACTION' ? 
c_angle_d_prot          ?     ? ? ? 'X-RAY DIFFRACTION' ? 
c_angle_deg             1.5   ? ? ? 'X-RAY DIFFRACTION' ? 
c_angle_deg_na          ?     ? ? ? 'X-RAY DIFFRACTION' ? 
c_angle_deg_prot        ?     ? ? ? 'X-RAY DIFFRACTION' ? 
c_dihedral_angle_d      22.9  ? ? ? 'X-RAY DIFFRACTION' ? 
c_dihedral_angle_d_na   ?     ? ? ? 'X-RAY DIFFRACTION' ? 
c_dihedral_angle_d_prot ?     ? ? ? 'X-RAY DIFFRACTION' ? 
c_improper_angle_d      0.93  ? ? ? 'X-RAY DIFFRACTION' ? 
c_improper_angle_d_na   ?     ? ? ? 'X-RAY DIFFRACTION' ? 
c_improper_angle_d_prot ?     ? ? ? 'X-RAY DIFFRACTION' ? 
c_mcbond_it             ?     ? ? ? 'X-RAY DIFFRACTION' ? 
c_mcangle_it            ?     ? ? ? 'X-RAY DIFFRACTION' ? 
c_scbond_it             ?     ? ? ? 'X-RAY DIFFRACTION' ? 
c_scangle_it            ?     ? ? ? 'X-RAY DIFFRACTION' ? 
# 
_refine_ls_shell.pdbx_total_number_of_bins_used   6 
_refine_ls_shell.d_res_high                       1.67 
_refine_ls_shell.d_res_low                        1.77 
_refine_ls_shell.number_reflns_R_work             1829 
_refine_ls_shell.R_factor_R_work                  0.173 
_refine_ls_shell.percent_reflns_obs               71.0 
_refine_ls_shell.R_factor_R_free                  0.223 
_refine_ls_shell.R_factor_R_free_error            0.015 
_refine_ls_shell.percent_reflns_R_free            10.9 
_refine_ls_shell.number_reflns_R_free             223 
_refine_ls_shell.number_reflns_all                ? 
_refine_ls_shell.R_factor_all                     ? 
_refine_ls_shell.number_reflns_obs                ? 
_refine_ls_shell.redundancy_reflns_obs            ? 
_refine_ls_shell.pdbx_refine_id                   'X-RAY DIFFRACTION' 
# 
loop_
_pdbx_xplor_file.serial_no 
_pdbx_xplor_file.param_file 
_pdbx_xplor_file.topol_file 
_pdbx_xplor_file.pdbx_refine_id 
1 protein_rep.param protein.top 'X-RAY DIFFRACTION' 
2 water_rep.param   ?           'X-RAY DIFFRACTION' 
# 
_struct.entry_id                  2E0T 
_struct.title                     
'Crystal structure of catalytic domain of dual specificity phosphatase 26, MS0830 from Homo sapiens' 
_struct.pdbx_model_details        ? 
_struct.pdbx_CASP_flag            ? 
_struct.pdbx_model_type_details   ? 
# 
_struct_keywords.entry_id        2E0T 
_struct_keywords.pdbx_keywords   HYDROLASE 
_struct_keywords.text            
;conserved hypothetical protein, Structural Genomics, NPPSFA, National Project on Protein Structural and Functional Analyses, RIKEN Structural Genomics/Proteomics Initiative, RSGI, Hydrolase
;
# 
loop_
_struct_asym.id 
_struct_asym.pdbx_blank_PDB_chainid_flag 
_struct_asym.pdbx_modified 
_struct_asym.entity_id 
_struct_asym.details 
A N N 1 ? 
B N N 2 ? 
# 
_struct_ref.id                         1 
_struct_ref.db_name                    UNP 
_struct_ref.db_code                    Q9BV47_HUMAN 
_struct_ref.pdbx_db_accession          Q9BV47 
_struct_ref.entity_id                  1 
_struct_ref.pdbx_seq_one_letter_code   
;HADEVWPGLYLGDQDMANNRRELRRLGITHVLNASHSRWRGTPEAYEGLGIRYLGVEAHDSPAFDMSIHFQTAADFIHRA
LSQPGGKILVHCAVGVSRSATLVLAYLMLYHHLTLVEAIKKVKDHRGIIPNRGFLRQLLALDRRLRQGLEA
;
_struct_ref.pdbx_align_begin           61 
_struct_ref.pdbx_db_isoform            ? 
# 
_struct_ref_seq.align_id                      1 
_struct_ref_seq.ref_id                        1 
_struct_ref_seq.pdbx_PDB_id_code              2E0T 
_struct_ref_seq.pdbx_strand_id                A 
_struct_ref_seq.seq_align_beg                 1 
_struct_ref_seq.pdbx_seq_align_beg_ins_code   ? 
_struct_ref_seq.seq_align_end                 151 
_struct_ref_seq.pdbx_seq_align_end_ins_code   ? 
_struct_ref_seq.pdbx_db_accession             Q9BV47 
_struct_ref_seq.db_align_beg                  61 
_struct_ref_seq.pdbx_db_align_beg_ins_code    ? 
_struct_ref_seq.db_align_end                  211 
_struct_ref_seq.pdbx_db_align_end_ins_code    ? 
_struct_ref_seq.pdbx_auth_seq_align_beg       61 
_struct_ref_seq.pdbx_auth_seq_align_end       211 
# 
_pdbx_struct_assembly.id                   1 
_pdbx_struct_assembly.details              author_and_software_defined_assembly 
_pdbx_struct_assembly.method_details       PISA 
_pdbx_struct_assembly.oligomeric_details   dimeric 
_pdbx_struct_assembly.oligomeric_count     2 
# 
loop_
_pdbx_struct_assembly_prop.biol_id 
_pdbx_struct_assembly_prop.type 
_pdbx_struct_assembly_prop.value 
_pdbx_struct_assembly_prop.details 
1 'ABSA (A^2)' 3450  ? 
1 MORE         -26   ? 
1 'SSA (A^2)'  16010 ? 
# 
_pdbx_struct_assembly_gen.assembly_id       1 
_pdbx_struct_assembly_gen.oper_expression   1,2 
_pdbx_struct_assembly_gen.asym_id_list      A,B 
# 
loop_
_pdbx_struct_oper_list.id 
_pdbx_struct_oper_list.type 
_pdbx_struct_oper_list.name 
_pdbx_struct_oper_list.symmetry_operation 
_pdbx_struct_oper_list.matrix[1][1] 
_pdbx_struct_oper_list.matrix[1][2] 
_pdbx_struct_oper_list.matrix[1][3] 
_pdbx_struct_oper_list.vector[1] 
_pdbx_struct_oper_list.matrix[2][1] 
_pdbx_struct_oper_list.matrix[2][2] 
_pdbx_struct_oper_list.matrix[2][3] 
_pdbx_struct_oper_list.vector[2] 
_pdbx_struct_oper_list.matrix[3][1] 
_pdbx_struct_oper_list.matrix[3][2] 
_pdbx_struct_oper_list.matrix[3][3] 
_pdbx_struct_oper_list.vector[3] 
1 'identity operation'         1_555 x,y,z       1.0000000000  0.0000000000  0.0000000000  0.0000000000 0.0000000000  1.0000000000  0.0000000000 0.0000000000  0.0000000000  0.0000000000 1.0000000000 0.0000000000  
2 'crystal symmetry operation' 2_656 -x+1,y,-z+1 -0.9267274327 -0.1651561060 -0.3374903347 9.9264912400 -0.1651561060 -0.6277387243 0.7607020144 17.8414553483 -0.3374903347 0.7607020144 0.5544661570 -6.5758499311 
# 
_struct_biol.id        1 
_struct_biol.details   ? 
# 
loop_
_struct_conf.conf_type_id 
_struct_conf.id 
_struct_conf.pdbx_PDB_helix_id 
_struct_conf.beg_label_comp_id 
_struct_conf.beg_label_asym_id 
_struct_conf.beg_label_seq_id 
_struct_conf.pdbx_beg_PDB_ins_code 
_struct_conf.end_label_comp_id 
_struct_conf.end_label_asym_id 
_struct_conf.end_label_seq_id 
_struct_conf.pdbx_end_PDB_ins_code 
_struct_conf.beg_auth_comp_id 
_struct_conf.beg_auth_asym_id 
_struct_conf.beg_auth_seq_id 
_struct_conf.end_auth_comp_id 
_struct_conf.end_auth_asym_id 
_struct_conf.end_auth_seq_id 
_struct_conf.pdbx_PDB_helix_class 
_struct_conf.details 
_struct_conf.pdbx_PDB_helix_length 
HELX_P HELX_P1 1 ASP A 13  ? ASN A 18  ? ASP A 73  ASN A 78  1 ? 6  
HELX_P HELX_P2 2 ASN A 19  ? GLY A 27  ? ASN A 79  GLY A 87  1 ? 9  
HELX_P HELX_P3 3 ALA A 45  ? GLY A 50  ? ALA A 105 GLY A 110 1 ? 6  
HELX_P HELX_P4 4 MET A 66  ? GLN A 83  ? MET A 126 GLN A 143 1 ? 18 
HELX_P HELX_P5 5 VAL A 96  ? HIS A 111 ? VAL A 156 HIS A 171 1 ? 16 
HELX_P HELX_P6 6 THR A 114 ? HIS A 125 ? THR A 174 HIS A 185 1 ? 12 
HELX_P HELX_P7 7 ASN A 131 ? GLY A 148 ? ASN A 191 GLY A 208 1 ? 18 
# 
_struct_conf_type.id          HELX_P 
_struct_conf_type.criteria    ? 
_struct_conf_type.reference   ? 
# 
_struct_sheet.id               A 
_struct_sheet.type             ? 
_struct_sheet.number_strands   5 
_struct_sheet.details          ? 
# 
loop_
_struct_sheet_order.sheet_id 
_struct_sheet_order.range_id_1 
_struct_sheet_order.range_id_2 
_struct_sheet_order.offset 
_struct_sheet_order.sense 
A 1 2 ? anti-parallel 
A 2 3 ? parallel      
A 3 4 ? parallel      
A 4 5 ? parallel      
# 
loop_
_struct_sheet_range.sheet_id 
_struct_sheet_range.id 
_struct_sheet_range.beg_label_comp_id 
_struct_sheet_range.beg_label_asym_id 
_struct_sheet_range.beg_label_seq_id 
_struct_sheet_range.pdbx_beg_PDB_ins_code 
_struct_sheet_range.end_label_comp_id 
_struct_sheet_range.end_label_asym_id 
_struct_sheet_range.end_label_seq_id 
_struct_sheet_range.pdbx_end_PDB_ins_code 
_struct_sheet_range.beg_auth_comp_id 
_struct_sheet_range.beg_auth_asym_id 
_struct_sheet_range.beg_auth_seq_id 
_struct_sheet_range.end_auth_comp_id 
_struct_sheet_range.end_auth_asym_id 
_struct_sheet_range.end_auth_seq_id 
A 1 ALA A 2  ? TRP A 6  ? ALA A 62  TRP A 66  
A 2 LEU A 9  ? GLY A 12 ? LEU A 69  GLY A 72  
A 3 ILE A 88 ? HIS A 91 ? ILE A 148 HIS A 151 
A 4 HIS A 30 ? ASN A 33 ? HIS A 90  ASN A 93  
A 5 ARG A 52 ? GLY A 55 ? ARG A 112 GLY A 115 
# 
loop_
_pdbx_struct_sheet_hbond.sheet_id 
_pdbx_struct_sheet_hbond.range_id_1 
_pdbx_struct_sheet_hbond.range_id_2 
_pdbx_struct_sheet_hbond.range_1_label_atom_id 
_pdbx_struct_sheet_hbond.range_1_label_comp_id 
_pdbx_struct_sheet_hbond.range_1_label_asym_id 
_pdbx_struct_sheet_hbond.range_1_label_seq_id 
_pdbx_struct_sheet_hbond.range_1_PDB_ins_code 
_pdbx_struct_sheet_hbond.range_1_auth_atom_id 
_pdbx_struct_sheet_hbond.range_1_auth_comp_id 
_pdbx_struct_sheet_hbond.range_1_auth_asym_id 
_pdbx_struct_sheet_hbond.range_1_auth_seq_id 
_pdbx_struct_sheet_hbond.range_2_label_atom_id 
_pdbx_struct_sheet_hbond.range_2_label_comp_id 
_pdbx_struct_sheet_hbond.range_2_label_asym_id 
_pdbx_struct_sheet_hbond.range_2_label_seq_id 
_pdbx_struct_sheet_hbond.range_2_PDB_ins_code 
_pdbx_struct_sheet_hbond.range_2_auth_atom_id 
_pdbx_struct_sheet_hbond.range_2_auth_comp_id 
_pdbx_struct_sheet_hbond.range_2_auth_asym_id 
_pdbx_struct_sheet_hbond.range_2_auth_seq_id 
A 1 2 N TRP A 6  ? N TRP A 66  O LEU A 9  ? O LEU A 69  
A 2 3 N TYR A 10 ? N TYR A 70  O ILE A 88 ? O ILE A 148 
A 3 4 O LEU A 89 ? O LEU A 149 N LEU A 32 ? N LEU A 92  
A 4 5 N ASN A 33 ? N ASN A 93  O LEU A 54 ? O LEU A 114 
# 
_pdbx_validate_rmsd_angle.id                         1 
_pdbx_validate_rmsd_angle.PDB_model_num              1 
_pdbx_validate_rmsd_angle.auth_atom_id_1             CG 
_pdbx_validate_rmsd_angle.auth_asym_id_1             A 
_pdbx_validate_rmsd_angle.auth_comp_id_1             MET 
_pdbx_validate_rmsd_angle.auth_seq_id_1              126 
_pdbx_validate_rmsd_angle.PDB_ins_code_1             ? 
_pdbx_validate_rmsd_angle.label_alt_id_1             ? 
_pdbx_validate_rmsd_angle.auth_atom_id_2             SD 
_pdbx_validate_rmsd_angle.auth_asym_id_2             A 
_pdbx_validate_rmsd_angle.auth_comp_id_2             MET 
_pdbx_validate_rmsd_angle.auth_seq_id_2              126 
_pdbx_validate_rmsd_angle.PDB_ins_code_2             ? 
_pdbx_validate_rmsd_angle.label_alt_id_2             ? 
_pdbx_validate_rmsd_angle.auth_atom_id_3             CE 
_pdbx_validate_rmsd_angle.auth_asym_id_3             A 
_pdbx_validate_rmsd_angle.auth_comp_id_3             MET 
_pdbx_validate_rmsd_angle.auth_seq_id_3              126 
_pdbx_validate_rmsd_angle.PDB_ins_code_3             ? 
_pdbx_validate_rmsd_angle.label_alt_id_3             ? 
_pdbx_validate_rmsd_angle.angle_value                86.61 
_pdbx_validate_rmsd_angle.angle_target_value         100.20 
_pdbx_validate_rmsd_angle.angle_deviation            -13.59 
_pdbx_validate_rmsd_angle.angle_standard_deviation   1.60 
_pdbx_validate_rmsd_angle.linker_flag                N 
# 
_pdbx_SG_project.id                    1 
_pdbx_SG_project.project_name          'NPPSFA, National Project on Protein Structural and Functional Analyses' 
_pdbx_SG_project.full_name_of_center   'RIKEN Structural Genomics/Proteomics Initiative' 
_pdbx_SG_project.initial_of_center     RSGI 
# 
_pdbx_struct_special_symmetry.id              1 
_pdbx_struct_special_symmetry.PDB_model_num   1 
_pdbx_struct_special_symmetry.auth_asym_id    A 
_pdbx_struct_special_symmetry.auth_comp_id    HOH 
_pdbx_struct_special_symmetry.auth_seq_id     418 
_pdbx_struct_special_symmetry.PDB_ins_code    ? 
_pdbx_struct_special_symmetry.label_asym_id   B 
_pdbx_struct_special_symmetry.label_comp_id   HOH 
_pdbx_struct_special_symmetry.label_seq_id    . 
# 
_pdbx_unobs_or_zero_occ_residues.id               1 
_pdbx_unobs_or_zero_occ_residues.PDB_model_num    1 
_pdbx_unobs_or_zero_occ_residues.polymer_flag     Y 
_pdbx_unobs_or_zero_occ_residues.occupancy_flag   1 
_pdbx_unobs_or_zero_occ_residues.auth_asym_id     A 
_pdbx_unobs_or_zero_occ_residues.auth_comp_id     ALA 
_pdbx_unobs_or_zero_occ_residues.auth_seq_id      211 
_pdbx_unobs_or_zero_occ_residues.PDB_ins_code     ? 
_pdbx_unobs_or_zero_occ_residues.label_asym_id    A 
_pdbx_unobs_or_zero_occ_residues.label_comp_id    ALA 
_pdbx_unobs_or_zero_occ_residues.label_seq_id     151 
# 
loop_
_chem_comp_atom.comp_id 
_chem_comp_atom.atom_id 
_chem_comp_atom.type_symbol 
_chem_comp_atom.pdbx_aromatic_flag 
_chem_comp_atom.pdbx_stereo_config 
_chem_comp_atom.pdbx_ordinal 
ALA N    N N N 1   
ALA CA   C N S 2   
ALA C    C N N 3   
ALA O    O N N 4   
ALA CB   C N N 5   
ALA OXT  O N N 6   
ALA H    H N N 7   
ALA H2   H N N 8   
ALA HA   H N N 9   
ALA HB1  H N N 10  
ALA HB2  H N N 11  
ALA HB3  H N N 12  
ALA HXT  H N N 13  
ARG N    N N N 14  
ARG CA   C N S 15  
ARG C    C N N 16  
ARG O    O N N 17  
ARG CB   C N N 18  
ARG CG   C N N 19  
ARG CD   C N N 20  
ARG NE   N N N 21  
ARG CZ   C N N 22  
ARG NH1  N N N 23  
ARG NH2  N N N 24  
ARG OXT  O N N 25  
ARG H    H N N 26  
ARG H2   H N N 27  
ARG HA   H N N 28  
ARG HB2  H N N 29  
ARG HB3  H N N 30  
ARG HG2  H N N 31  
ARG HG3  H N N 32  
ARG HD2  H N N 33  
ARG HD3  H N N 34  
ARG HE   H N N 35  
ARG HH11 H N N 36  
ARG HH12 H N N 37  
ARG HH21 H N N 38  
ARG HH22 H N N 39  
ARG HXT  H N N 40  
ASN N    N N N 41  
ASN CA   C N S 42  
ASN C    C N N 43  
ASN O    O N N 44  
ASN CB   C N N 45  
ASN CG   C N N 46  
ASN OD1  O N N 47  
ASN ND2  N N N 48  
ASN OXT  O N N 49  
ASN H    H N N 50  
ASN H2   H N N 51  
ASN HA   H N N 52  
ASN HB2  H N N 53  
ASN HB3  H N N 54  
ASN HD21 H N N 55  
ASN HD22 H N N 56  
ASN HXT  H N N 57  
ASP N    N N N 58  
ASP CA   C N S 59  
ASP C    C N N 60  
ASP O    O N N 61  
ASP CB   C N N 62  
ASP CG   C N N 63  
ASP OD1  O N N 64  
ASP OD2  O N N 65  
ASP OXT  O N N 66  
ASP H    H N N 67  
ASP H2   H N N 68  
ASP HA   H N N 69  
ASP HB2  H N N 70  
ASP HB3  H N N 71  
ASP HD2  H N N 72  
ASP HXT  H N N 73  
CYS N    N N N 74  
CYS CA   C N R 75  
CYS C    C N N 76  
CYS O    O N N 77  
CYS CB   C N N 78  
CYS SG   S N N 79  
CYS OXT  O N N 80  
CYS H    H N N 81  
CYS H2   H N N 82  
CYS HA   H N N 83  
CYS HB2  H N N 84  
CYS HB3  H N N 85  
CYS HG   H N N 86  
CYS HXT  H N N 87  
GLN N    N N N 88  
GLN CA   C N S 89  
GLN C    C N N 90  
GLN O    O N N 91  
GLN CB   C N N 92  
GLN CG   C N N 93  
GLN CD   C N N 94  
GLN OE1  O N N 95  
GLN NE2  N N N 96  
GLN OXT  O N N 97  
GLN H    H N N 98  
GLN H2   H N N 99  
GLN HA   H N N 100 
GLN HB2  H N N 101 
GLN HB3  H N N 102 
GLN HG2  H N N 103 
GLN HG3  H N N 104 
GLN HE21 H N N 105 
GLN HE22 H N N 106 
GLN HXT  H N N 107 
GLU N    N N N 108 
GLU CA   C N S 109 
GLU C    C N N 110 
GLU O    O N N 111 
GLU CB   C N N 112 
GLU CG   C N N 113 
GLU CD   C N N 114 
GLU OE1  O N N 115 
GLU OE2  O N N 116 
GLU OXT  O N N 117 
GLU H    H N N 118 
GLU H2   H N N 119 
GLU HA   H N N 120 
GLU HB2  H N N 121 
GLU HB3  H N N 122 
GLU HG2  H N N 123 
GLU HG3  H N N 124 
GLU HE2  H N N 125 
GLU HXT  H N N 126 
GLY N    N N N 127 
GLY CA   C N N 128 
GLY C    C N N 129 
GLY O    O N N 130 
GLY OXT  O N N 131 
GLY H    H N N 132 
GLY H2   H N N 133 
GLY HA2  H N N 134 
GLY HA3  H N N 135 
GLY HXT  H N N 136 
HIS N    N N N 137 
HIS CA   C N S 138 
HIS C    C N N 139 
HIS O    O N N 140 
HIS CB   C N N 141 
HIS CG   C Y N 142 
HIS ND1  N Y N 143 
HIS CD2  C Y N 144 
HIS CE1  C Y N 145 
HIS NE2  N Y N 146 
HIS OXT  O N N 147 
HIS H    H N N 148 
HIS H2   H N N 149 
HIS HA   H N N 150 
HIS HB2  H N N 151 
HIS HB3  H N N 152 
HIS HD1  H N N 153 
HIS HD2  H N N 154 
HIS HE1  H N N 155 
HIS HE2  H N N 156 
HIS HXT  H N N 157 
HOH O    O N N 158 
HOH H1   H N N 159 
HOH H2   H N N 160 
ILE N    N N N 161 
ILE CA   C N S 162 
ILE C    C N N 163 
ILE O    O N N 164 
ILE CB   C N S 165 
ILE CG1  C N N 166 
ILE CG2  C N N 167 
ILE CD1  C N N 168 
ILE OXT  O N N 169 
ILE H    H N N 170 
ILE H2   H N N 171 
ILE HA   H N N 172 
ILE HB   H N N 173 
ILE HG12 H N N 174 
ILE HG13 H N N 175 
ILE HG21 H N N 176 
ILE HG22 H N N 177 
ILE HG23 H N N 178 
ILE HD11 H N N 179 
ILE HD12 H N N 180 
ILE HD13 H N N 181 
ILE HXT  H N N 182 
LEU N    N N N 183 
LEU CA   C N S 184 
LEU C    C N N 185 
LEU O    O N N 186 
LEU CB   C N N 187 
LEU CG   C N N 188 
LEU CD1  C N N 189 
LEU CD2  C N N 190 
LEU OXT  O N N 191 
LEU H    H N N 192 
LEU H2   H N N 193 
LEU HA   H N N 194 
LEU HB2  H N N 195 
LEU HB3  H N N 196 
LEU HG   H N N 197 
LEU HD11 H N N 198 
LEU HD12 H N N 199 
LEU HD13 H N N 200 
LEU HD21 H N N 201 
LEU HD22 H N N 202 
LEU HD23 H N N 203 
LEU HXT  H N N 204 
LYS N    N N N 205 
LYS CA   C N S 206 
LYS C    C N N 207 
LYS O    O N N 208 
LYS CB   C N N 209 
LYS CG   C N N 210 
LYS CD   C N N 211 
LYS CE   C N N 212 
LYS NZ   N N N 213 
LYS OXT  O N N 214 
LYS H    H N N 215 
LYS H2   H N N 216 
LYS HA   H N N 217 
LYS HB2  H N N 218 
LYS HB3  H N N 219 
LYS HG2  H N N 220 
LYS HG3  H N N 221 
LYS HD2  H N N 222 
LYS HD3  H N N 223 
LYS HE2  H N N 224 
LYS HE3  H N N 225 
LYS HZ1  H N N 226 
LYS HZ2  H N N 227 
LYS HZ3  H N N 228 
LYS HXT  H N N 229 
MET N    N N N 230 
MET CA   C N S 231 
MET C    C N N 232 
MET O    O N N 233 
MET CB   C N N 234 
MET CG   C N N 235 
MET SD   S N N 236 
MET CE   C N N 237 
MET OXT  O N N 238 
MET H    H N N 239 
MET H2   H N N 240 
MET HA   H N N 241 
MET HB2  H N N 242 
MET HB3  H N N 243 
MET HG2  H N N 244 
MET HG3  H N N 245 
MET HE1  H N N 246 
MET HE2  H N N 247 
MET HE3  H N N 248 
MET HXT  H N N 249 
PHE N    N N N 250 
PHE CA   C N S 251 
PHE C    C N N 252 
PHE O    O N N 253 
PHE CB   C N N 254 
PHE CG   C Y N 255 
PHE CD1  C Y N 256 
PHE CD2  C Y N 257 
PHE CE1  C Y N 258 
PHE CE2  C Y N 259 
PHE CZ   C Y N 260 
PHE OXT  O N N 261 
PHE H    H N N 262 
PHE H2   H N N 263 
PHE HA   H N N 264 
PHE HB2  H N N 265 
PHE HB3  H N N 266 
PHE HD1  H N N 267 
PHE HD2  H N N 268 
PHE HE1  H N N 269 
PHE HE2  H N N 270 
PHE HZ   H N N 271 
PHE HXT  H N N 272 
PRO N    N N N 273 
PRO CA   C N S 274 
PRO C    C N N 275 
PRO O    O N N 276 
PRO CB   C N N 277 
PRO CG   C N N 278 
PRO CD   C N N 279 
PRO OXT  O N N 280 
PRO H    H N N 281 
PRO HA   H N N 282 
PRO HB2  H N N 283 
PRO HB3  H N N 284 
PRO HG2  H N N 285 
PRO HG3  H N N 286 
PRO HD2  H N N 287 
PRO HD3  H N N 288 
PRO HXT  H N N 289 
SER N    N N N 290 
SER CA   C N S 291 
SER C    C N N 292 
SER O    O N N 293 
SER CB   C N N 294 
SER OG   O N N 295 
SER OXT  O N N 296 
SER H    H N N 297 
SER H2   H N N 298 
SER HA   H N N 299 
SER HB2  H N N 300 
SER HB3  H N N 301 
SER HG   H N N 302 
SER HXT  H N N 303 
THR N    N N N 304 
THR CA   C N S 305 
THR C    C N N 306 
THR O    O N N 307 
THR CB   C N R 308 
THR OG1  O N N 309 
THR CG2  C N N 310 
THR OXT  O N N 311 
THR H    H N N 312 
THR H2   H N N 313 
THR HA   H N N 314 
THR HB   H N N 315 
THR HG1  H N N 316 
THR HG21 H N N 317 
THR HG22 H N N 318 
THR HG23 H N N 319 
THR HXT  H N N 320 
TRP N    N N N 321 
TRP CA   C N S 322 
TRP C    C N N 323 
TRP O    O N N 324 
TRP CB   C N N 325 
TRP CG   C Y N 326 
TRP CD1  C Y N 327 
TRP CD2  C Y N 328 
TRP NE1  N Y N 329 
TRP CE2  C Y N 330 
TRP CE3  C Y N 331 
TRP CZ2  C Y N 332 
TRP CZ3  C Y N 333 
TRP CH2  C Y N 334 
TRP OXT  O N N 335 
TRP H    H N N 336 
TRP H2   H N N 337 
TRP HA   H N N 338 
TRP HB2  H N N 339 
TRP HB3  H N N 340 
TRP HD1  H N N 341 
TRP HE1  H N N 342 
TRP HE3  H N N 343 
TRP HZ2  H N N 344 
TRP HZ3  H N N 345 
TRP HH2  H N N 346 
TRP HXT  H N N 347 
TYR N    N N N 348 
TYR CA   C N S 349 
TYR C    C N N 350 
TYR O    O N N 351 
TYR CB   C N N 352 
TYR CG   C Y N 353 
TYR CD1  C Y N 354 
TYR CD2  C Y N 355 
TYR CE1  C Y N 356 
TYR CE2  C Y N 357 
TYR CZ   C Y N 358 
TYR OH   O N N 359 
TYR OXT  O N N 360 
TYR H    H N N 361 
TYR H2   H N N 362 
TYR HA   H N N 363 
TYR HB2  H N N 364 
TYR HB3  H N N 365 
TYR HD1  H N N 366 
TYR HD2  H N N 367 
TYR HE1  H N N 368 
TYR HE2  H N N 369 
TYR HH   H N N 370 
TYR HXT  H N N 371 
VAL N    N N N 372 
VAL CA   C N S 373 
VAL C    C N N 374 
VAL O    O N N 375 
VAL CB   C N N 376 
VAL CG1  C N N 377 
VAL CG2  C N N 378 
VAL OXT  O N N 379 
VAL H    H N N 380 
VAL H2   H N N 381 
VAL HA   H N N 382 
VAL HB   H N N 383 
VAL HG11 H N N 384 
VAL HG12 H N N 385 
VAL HG13 H N N 386 
VAL HG21 H N N 387 
VAL HG22 H N N 388 
VAL HG23 H N N 389 
VAL HXT  H N N 390 
# 
loop_
_chem_comp_bond.comp_id 
_chem_comp_bond.atom_id_1 
_chem_comp_bond.atom_id_2 
_chem_comp_bond.value_order 
_chem_comp_bond.pdbx_aromatic_flag 
_chem_comp_bond.pdbx_stereo_config 
_chem_comp_bond.pdbx_ordinal 
ALA N   CA   sing N N 1   
ALA N   H    sing N N 2   
ALA N   H2   sing N N 3   
ALA CA  C    sing N N 4   
ALA CA  CB   sing N N 5   
ALA CA  HA   sing N N 6   
ALA C   O    doub N N 7   
ALA C   OXT  sing N N 8   
ALA CB  HB1  sing N N 9   
ALA CB  HB2  sing N N 10  
ALA CB  HB3  sing N N 11  
ALA OXT HXT  sing N N 12  
ARG N   CA   sing N N 13  
ARG N   H    sing N N 14  
ARG N   H2   sing N N 15  
ARG CA  C    sing N N 16  
ARG CA  CB   sing N N 17  
ARG CA  HA   sing N N 18  
ARG C   O    doub N N 19  
ARG C   OXT  sing N N 20  
ARG CB  CG   sing N N 21  
ARG CB  HB2  sing N N 22  
ARG CB  HB3  sing N N 23  
ARG CG  CD   sing N N 24  
ARG CG  HG2  sing N N 25  
ARG CG  HG3  sing N N 26  
ARG CD  NE   sing N N 27  
ARG CD  HD2  sing N N 28  
ARG CD  HD3  sing N N 29  
ARG NE  CZ   sing N N 30  
ARG NE  HE   sing N N 31  
ARG CZ  NH1  sing N N 32  
ARG CZ  NH2  doub N N 33  
ARG NH1 HH11 sing N N 34  
ARG NH1 HH12 sing N N 35  
ARG NH2 HH21 sing N N 36  
ARG NH2 HH22 sing N N 37  
ARG OXT HXT  sing N N 38  
ASN N   CA   sing N N 39  
ASN N   H    sing N N 40  
ASN N   H2   sing N N 41  
ASN CA  C    sing N N 42  
ASN CA  CB   sing N N 43  
ASN CA  HA   sing N N 44  
ASN C   O    doub N N 45  
ASN C   OXT  sing N N 46  
ASN CB  CG   sing N N 47  
ASN CB  HB2  sing N N 48  
ASN CB  HB3  sing N N 49  
ASN CG  OD1  doub N N 50  
ASN CG  ND2  sing N N 51  
ASN ND2 HD21 sing N N 52  
ASN ND2 HD22 sing N N 53  
ASN OXT HXT  sing N N 54  
ASP N   CA   sing N N 55  
ASP N   H    sing N N 56  
ASP N   H2   sing N N 57  
ASP CA  C    sing N N 58  
ASP CA  CB   sing N N 59  
ASP CA  HA   sing N N 60  
ASP C   O    doub N N 61  
ASP C   OXT  sing N N 62  
ASP CB  CG   sing N N 63  
ASP CB  HB2  sing N N 64  
ASP CB  HB3  sing N N 65  
ASP CG  OD1  doub N N 66  
ASP CG  OD2  sing N N 67  
ASP OD2 HD2  sing N N 68  
ASP OXT HXT  sing N N 69  
CYS N   CA   sing N N 70  
CYS N   H    sing N N 71  
CYS N   H2   sing N N 72  
CYS CA  C    sing N N 73  
CYS CA  CB   sing N N 74  
CYS CA  HA   sing N N 75  
CYS C   O    doub N N 76  
CYS C   OXT  sing N N 77  
CYS CB  SG   sing N N 78  
CYS CB  HB2  sing N N 79  
CYS CB  HB3  sing N N 80  
CYS SG  HG   sing N N 81  
CYS OXT HXT  sing N N 82  
GLN N   CA   sing N N 83  
GLN N   H    sing N N 84  
GLN N   H2   sing N N 85  
GLN CA  C    sing N N 86  
GLN CA  CB   sing N N 87  
GLN CA  HA   sing N N 88  
GLN C   O    doub N N 89  
GLN C   OXT  sing N N 90  
GLN CB  CG   sing N N 91  
GLN CB  HB2  sing N N 92  
GLN CB  HB3  sing N N 93  
GLN CG  CD   sing N N 94  
GLN CG  HG2  sing N N 95  
GLN CG  HG3  sing N N 96  
GLN CD  OE1  doub N N 97  
GLN CD  NE2  sing N N 98  
GLN NE2 HE21 sing N N 99  
GLN NE2 HE22 sing N N 100 
GLN OXT HXT  sing N N 101 
GLU N   CA   sing N N 102 
GLU N   H    sing N N 103 
GLU N   H2   sing N N 104 
GLU CA  C    sing N N 105 
GLU CA  CB   sing N N 106 
GLU CA  HA   sing N N 107 
GLU C   O    doub N N 108 
GLU C   OXT  sing N N 109 
GLU CB  CG   sing N N 110 
GLU CB  HB2  sing N N 111 
GLU CB  HB3  sing N N 112 
GLU CG  CD   sing N N 113 
GLU CG  HG2  sing N N 114 
GLU CG  HG3  sing N N 115 
GLU CD  OE1  doub N N 116 
GLU CD  OE2  sing N N 117 
GLU OE2 HE2  sing N N 118 
GLU OXT HXT  sing N N 119 
GLY N   CA   sing N N 120 
GLY N   H    sing N N 121 
GLY N   H2   sing N N 122 
GLY CA  C    sing N N 123 
GLY CA  HA2  sing N N 124 
GLY CA  HA3  sing N N 125 
GLY C   O    doub N N 126 
GLY C   OXT  sing N N 127 
GLY OXT HXT  sing N N 128 
HIS N   CA   sing N N 129 
HIS N   H    sing N N 130 
HIS N   H2   sing N N 131 
HIS CA  C    sing N N 132 
HIS CA  CB   sing N N 133 
HIS CA  HA   sing N N 134 
HIS C   O    doub N N 135 
HIS C   OXT  sing N N 136 
HIS CB  CG   sing N N 137 
HIS CB  HB2  sing N N 138 
HIS CB  HB3  sing N N 139 
HIS CG  ND1  sing Y N 140 
HIS CG  CD2  doub Y N 141 
HIS ND1 CE1  doub Y N 142 
HIS ND1 HD1  sing N N 143 
HIS CD2 NE2  sing Y N 144 
HIS CD2 HD2  sing N N 145 
HIS CE1 NE2  sing Y N 146 
HIS CE1 HE1  sing N N 147 
HIS NE2 HE2  sing N N 148 
HIS OXT HXT  sing N N 149 
HOH O   H1   sing N N 150 
HOH O   H2   sing N N 151 
ILE N   CA   sing N N 152 
ILE N   H    sing N N 153 
ILE N   H2   sing N N 154 
ILE CA  C    sing N N 155 
ILE CA  CB   sing N N 156 
ILE CA  HA   sing N N 157 
ILE C   O    doub N N 158 
ILE C   OXT  sing N N 159 
ILE CB  CG1  sing N N 160 
ILE CB  CG2  sing N N 161 
ILE CB  HB   sing N N 162 
ILE CG1 CD1  sing N N 163 
ILE CG1 HG12 sing N N 164 
ILE CG1 HG13 sing N N 165 
ILE CG2 HG21 sing N N 166 
ILE CG2 HG22 sing N N 167 
ILE CG2 HG23 sing N N 168 
ILE CD1 HD11 sing N N 169 
ILE CD1 HD12 sing N N 170 
ILE CD1 HD13 sing N N 171 
ILE OXT HXT  sing N N 172 
LEU N   CA   sing N N 173 
LEU N   H    sing N N 174 
LEU N   H2   sing N N 175 
LEU CA  C    sing N N 176 
LEU CA  CB   sing N N 177 
LEU CA  HA   sing N N 178 
LEU C   O    doub N N 179 
LEU C   OXT  sing N N 180 
LEU CB  CG   sing N N 181 
LEU CB  HB2  sing N N 182 
LEU CB  HB3  sing N N 183 
LEU CG  CD1  sing N N 184 
LEU CG  CD2  sing N N 185 
LEU CG  HG   sing N N 186 
LEU CD1 HD11 sing N N 187 
LEU CD1 HD12 sing N N 188 
LEU CD1 HD13 sing N N 189 
LEU CD2 HD21 sing N N 190 
LEU CD2 HD22 sing N N 191 
LEU CD2 HD23 sing N N 192 
LEU OXT HXT  sing N N 193 
LYS N   CA   sing N N 194 
LYS N   H    sing N N 195 
LYS N   H2   sing N N 196 
LYS CA  C    sing N N 197 
LYS CA  CB   sing N N 198 
LYS CA  HA   sing N N 199 
LYS C   O    doub N N 200 
LYS C   OXT  sing N N 201 
LYS CB  CG   sing N N 202 
LYS CB  HB2  sing N N 203 
LYS CB  HB3  sing N N 204 
LYS CG  CD   sing N N 205 
LYS CG  HG2  sing N N 206 
LYS CG  HG3  sing N N 207 
LYS CD  CE   sing N N 208 
LYS CD  HD2  sing N N 209 
LYS CD  HD3  sing N N 210 
LYS CE  NZ   sing N N 211 
LYS CE  HE2  sing N N 212 
LYS CE  HE3  sing N N 213 
LYS NZ  HZ1  sing N N 214 
LYS NZ  HZ2  sing N N 215 
LYS NZ  HZ3  sing N N 216 
LYS OXT HXT  sing N N 217 
MET N   CA   sing N N 218 
MET N   H    sing N N 219 
MET N   H2   sing N N 220 
MET CA  C    sing N N 221 
MET CA  CB   sing N N 222 
MET CA  HA   sing N N 223 
MET C   O    doub N N 224 
MET C   OXT  sing N N 225 
MET CB  CG   sing N N 226 
MET CB  HB2  sing N N 227 
MET CB  HB3  sing N N 228 
MET CG  SD   sing N N 229 
MET CG  HG2  sing N N 230 
MET CG  HG3  sing N N 231 
MET SD  CE   sing N N 232 
MET CE  HE1  sing N N 233 
MET CE  HE2  sing N N 234 
MET CE  HE3  sing N N 235 
MET OXT HXT  sing N N 236 
PHE N   CA   sing N N 237 
PHE N   H    sing N N 238 
PHE N   H2   sing N N 239 
PHE CA  C    sing N N 240 
PHE CA  CB   sing N N 241 
PHE CA  HA   sing N N 242 
PHE C   O    doub N N 243 
PHE C   OXT  sing N N 244 
PHE CB  CG   sing N N 245 
PHE CB  HB2  sing N N 246 
PHE CB  HB3  sing N N 247 
PHE CG  CD1  doub Y N 248 
PHE CG  CD2  sing Y N 249 
PHE CD1 CE1  sing Y N 250 
PHE CD1 HD1  sing N N 251 
PHE CD2 CE2  doub Y N 252 
PHE CD2 HD2  sing N N 253 
PHE CE1 CZ   doub Y N 254 
PHE CE1 HE1  sing N N 255 
PHE CE2 CZ   sing Y N 256 
PHE CE2 HE2  sing N N 257 
PHE CZ  HZ   sing N N 258 
PHE OXT HXT  sing N N 259 
PRO N   CA   sing N N 260 
PRO N   CD   sing N N 261 
PRO N   H    sing N N 262 
PRO CA  C    sing N N 263 
PRO CA  CB   sing N N 264 
PRO CA  HA   sing N N 265 
PRO C   O    doub N N 266 
PRO C   OXT  sing N N 267 
PRO CB  CG   sing N N 268 
PRO CB  HB2  sing N N 269 
PRO CB  HB3  sing N N 270 
PRO CG  CD   sing N N 271 
PRO CG  HG2  sing N N 272 
PRO CG  HG3  sing N N 273 
PRO CD  HD2  sing N N 274 
PRO CD  HD3  sing N N 275 
PRO OXT HXT  sing N N 276 
SER N   CA   sing N N 277 
SER N   H    sing N N 278 
SER N   H2   sing N N 279 
SER CA  C    sing N N 280 
SER CA  CB   sing N N 281 
SER CA  HA   sing N N 282 
SER C   O    doub N N 283 
SER C   OXT  sing N N 284 
SER CB  OG   sing N N 285 
SER CB  HB2  sing N N 286 
SER CB  HB3  sing N N 287 
SER OG  HG   sing N N 288 
SER OXT HXT  sing N N 289 
THR N   CA   sing N N 290 
THR N   H    sing N N 291 
THR N   H2   sing N N 292 
THR CA  C    sing N N 293 
THR CA  CB   sing N N 294 
THR CA  HA   sing N N 295 
THR C   O    doub N N 296 
THR C   OXT  sing N N 297 
THR CB  OG1  sing N N 298 
THR CB  CG2  sing N N 299 
THR CB  HB   sing N N 300 
THR OG1 HG1  sing N N 301 
THR CG2 HG21 sing N N 302 
THR CG2 HG22 sing N N 303 
THR CG2 HG23 sing N N 304 
THR OXT HXT  sing N N 305 
TRP N   CA   sing N N 306 
TRP N   H    sing N N 307 
TRP N   H2   sing N N 308 
TRP CA  C    sing N N 309 
TRP CA  CB   sing N N 310 
TRP CA  HA   sing N N 311 
TRP C   O    doub N N 312 
TRP C   OXT  sing N N 313 
TRP CB  CG   sing N N 314 
TRP CB  HB2  sing N N 315 
TRP CB  HB3  sing N N 316 
TRP CG  CD1  doub Y N 317 
TRP CG  CD2  sing Y N 318 
TRP CD1 NE1  sing Y N 319 
TRP CD1 HD1  sing N N 320 
TRP CD2 CE2  doub Y N 321 
TRP CD2 CE3  sing Y N 322 
TRP NE1 CE2  sing Y N 323 
TRP NE1 HE1  sing N N 324 
TRP CE2 CZ2  sing Y N 325 
TRP CE3 CZ3  doub Y N 326 
TRP CE3 HE3  sing N N 327 
TRP CZ2 CH2  doub Y N 328 
TRP CZ2 HZ2  sing N N 329 
TRP CZ3 CH2  sing Y N 330 
TRP CZ3 HZ3  sing N N 331 
TRP CH2 HH2  sing N N 332 
TRP OXT HXT  sing N N 333 
TYR N   CA   sing N N 334 
TYR N   H    sing N N 335 
TYR N   H2   sing N N 336 
TYR CA  C    sing N N 337 
TYR CA  CB   sing N N 338 
TYR CA  HA   sing N N 339 
TYR C   O    doub N N 340 
TYR C   OXT  sing N N 341 
TYR CB  CG   sing N N 342 
TYR CB  HB2  sing N N 343 
TYR CB  HB3  sing N N 344 
TYR CG  CD1  doub Y N 345 
TYR CG  CD2  sing Y N 346 
TYR CD1 CE1  sing Y N 347 
TYR CD1 HD1  sing N N 348 
TYR CD2 CE2  doub Y N 349 
TYR CD2 HD2  sing N N 350 
TYR CE1 CZ   doub Y N 351 
TYR CE1 HE1  sing N N 352 
TYR CE2 CZ   sing Y N 353 
TYR CE2 HE2  sing N N 354 
TYR CZ  OH   sing N N 355 
TYR OH  HH   sing N N 356 
TYR OXT HXT  sing N N 357 
VAL N   CA   sing N N 358 
VAL N   H    sing N N 359 
VAL N   H2   sing N N 360 
VAL CA  C    sing N N 361 
VAL CA  CB   sing N N 362 
VAL CA  HA   sing N N 363 
VAL C   O    doub N N 364 
VAL C   OXT  sing N N 365 
VAL CB  CG1  sing N N 366 
VAL CB  CG2  sing N N 367 
VAL CB  HB   sing N N 368 
VAL CG1 HG11 sing N N 369 
VAL CG1 HG12 sing N N 370 
VAL CG1 HG13 sing N N 371 
VAL CG2 HG21 sing N N 372 
VAL CG2 HG22 sing N N 373 
VAL CG2 HG23 sing N N 374 
VAL OXT HXT  sing N N 375 
# 
_atom_sites.entry_id                    2E0T 
_atom_sites.fract_transf_matrix[1][1]   0.01039015 
_atom_sites.fract_transf_matrix[1][2]   0.00799255 
_atom_sites.fract_transf_matrix[1][3]   -0.00165547 
_atom_sites.fract_transf_matrix[2][1]   0.00476410 
_atom_sites.fract_transf_matrix[2][2]   -0.01073826 
_atom_sites.fract_transf_matrix[2][3]   -0.02194323 
_atom_sites.fract_transf_matrix[3][1]   -0.00591983 
_atom_sites.fract_transf_matrix[3][2]   0.01789302 
_atom_sites.fract_transf_matrix[3][3]   -0.01004148 
_atom_sites.fract_transf_vector[1]      0.371680 
_atom_sites.fract_transf_vector[2]      0.004100 
_atom_sites.fract_transf_vector[3]      0.336740 
# 
loop_
_atom_type.symbol 
C 
N 
O 
S 
# 
loop_
_atom_site.group_PDB 
_atom_site.id 
_atom_site.type_symbol 
_atom_site.label_atom_id 
_atom_site.label_alt_id 
_atom_site.label_comp_id 
_atom_site.label_asym_id 
_atom_site.label_entity_id 
_atom_site.label_seq_id 
_atom_site.pdbx_PDB_ins_code 
_atom_site.Cartn_x 
_atom_site.Cartn_y 
_atom_site.Cartn_z 
_atom_site.occupancy 
_atom_site.B_iso_or_equiv 
_atom_site.pdbx_formal_charge 
_atom_site.auth_seq_id 
_atom_site.auth_comp_id 
_atom_site.auth_asym_id 
_atom_site.auth_atom_id 
_atom_site.pdbx_PDB_model_num 
ATOM   1    N N   . HIS A 1 1   ? -3.783  8.868   2.795   1.00 21.73 ? 61  HIS A N   1 
ATOM   2    C CA  . HIS A 1 1   ? -3.440  8.657   1.367   1.00 23.86 ? 61  HIS A CA  1 
ATOM   3    C C   . HIS A 1 1   ? -3.068  7.205   1.123   1.00 21.98 ? 61  HIS A C   1 
ATOM   4    O O   . HIS A 1 1   ? -2.418  6.582   1.960   1.00 21.64 ? 61  HIS A O   1 
ATOM   5    C CB  . HIS A 1 1   ? -2.259  9.537   0.973   1.00 27.63 ? 61  HIS A CB  1 
ATOM   6    C CG  . HIS A 1 1   ? -1.731  9.241   -0.391  1.00 31.68 ? 61  HIS A CG  1 
ATOM   7    N ND1 . HIS A 1 1   ? -2.344  9.690   -1.540  1.00 33.93 ? 61  HIS A ND1 1 
ATOM   8    C CD2 . HIS A 1 1   ? -0.687  8.478   -0.793  1.00 33.09 ? 61  HIS A CD2 1 
ATOM   9    C CE1 . HIS A 1 1   ? -1.703  9.215   -2.593  1.00 34.83 ? 61  HIS A CE1 1 
ATOM   10   N NE2 . HIS A 1 1   ? -0.694  8.476   -2.167  1.00 34.64 ? 61  HIS A NE2 1 
ATOM   11   N N   . ALA A 1 2   ? -3.484  6.673   -0.023  1.00 19.69 ? 62  ALA A N   1 
ATOM   12   C CA  . ALA A 1 2   ? -3.171  5.292   -0.380  1.00 19.05 ? 62  ALA A CA  1 
ATOM   13   C C   . ALA A 1 2   ? -3.317  5.075   -1.876  1.00 17.61 ? 62  ALA A C   1 
ATOM   14   O O   . ALA A 1 2   ? -4.192  5.664   -2.523  1.00 18.64 ? 62  ALA A O   1 
ATOM   15   C CB  . ALA A 1 2   ? -4.078  4.325   0.371   1.00 19.40 ? 62  ALA A CB  1 
ATOM   16   N N   . ASP A 1 3   ? -2.447  4.225   -2.412  1.00 13.94 ? 63  ASP A N   1 
ATOM   17   C CA  . ASP A 1 3   ? -2.454  3.891   -3.824  1.00 11.51 ? 63  ASP A CA  1 
ATOM   18   C C   . ASP A 1 3   ? -2.699  2.400   -3.966  1.00 10.35 ? 63  ASP A C   1 
ATOM   19   O O   . ASP A 1 3   ? -2.108  1.609   -3.235  1.00 9.90  ? 63  ASP A O   1 
ATOM   20   C CB  . ASP A 1 3   ? -1.099  4.209   -4.460  1.00 11.21 ? 63  ASP A CB  1 
ATOM   21   C CG  . ASP A 1 3   ? -0.834  5.690   -4.561  1.00 13.01 ? 63  ASP A CG  1 
ATOM   22   O OD1 . ASP A 1 3   ? 0.139   6.150   -3.946  1.00 12.30 ? 63  ASP A OD1 1 
ATOM   23   O OD2 . ASP A 1 3   ? -1.598  6.392   -5.263  1.00 13.67 ? 63  ASP A OD2 1 
ATOM   24   N N   . GLU A 1 4   ? -3.565  2.017   -4.894  1.00 10.26 ? 64  GLU A N   1 
ATOM   25   C CA  . GLU A 1 4   ? -3.811  0.600   -5.134  1.00 11.11 ? 64  GLU A CA  1 
ATOM   26   C C   . GLU A 1 4   ? -2.706  0.184   -6.117  1.00 11.48 ? 64  GLU A C   1 
ATOM   27   O O   . GLU A 1 4   ? -2.845  0.329   -7.340  1.00 12.23 ? 64  GLU A O   1 
ATOM   28   C CB  . GLU A 1 4   ? -5.200  0.382   -5.742  1.00 12.17 ? 64  GLU A CB  1 
ATOM   29   C CG  . GLU A 1 4   ? -5.566  -1.099  -5.904  1.00 14.46 ? 64  GLU A CG  1 
ATOM   30   C CD  . GLU A 1 4   ? -7.004  -1.317  -6.372  1.00 16.81 ? 64  GLU A CD  1 
ATOM   31   O OE1 . GLU A 1 4   ? -7.615  -0.359  -6.902  1.00 18.91 ? 64  GLU A OE1 1 
ATOM   32   O OE2 . GLU A 1 4   ? -7.516  -2.452  -6.228  1.00 16.20 ? 64  GLU A OE2 1 
ATOM   33   N N   . VAL A 1 5   ? -1.599  -0.320  -5.571  1.00 11.45 ? 65  VAL A N   1 
ATOM   34   C CA  . VAL A 1 5   ? -0.440  -0.715  -6.378  1.00 10.18 ? 65  VAL A CA  1 
ATOM   35   C C   . VAL A 1 5   ? -0.515  -2.102  -7.009  1.00 9.99  ? 65  VAL A C   1 
ATOM   36   O O   . VAL A 1 5   ? 0.288   -2.442  -7.884  1.00 12.13 ? 65  VAL A O   1 
ATOM   37   C CB  . VAL A 1 5   ? 0.860   -0.602  -5.559  1.00 9.40  ? 65  VAL A CB  1 
ATOM   38   C CG1 . VAL A 1 5   ? 1.064   0.840   -5.080  1.00 9.79  ? 65  VAL A CG1 1 
ATOM   39   C CG2 . VAL A 1 5   ? 0.793   -1.523  -4.353  1.00 9.15  ? 65  VAL A CG2 1 
ATOM   40   N N   . TRP A 1 6   ? -1.462  -2.911  -6.548  1.00 10.05 ? 66  TRP A N   1 
ATOM   41   C CA  . TRP A 1 6   ? -1.708  -4.248  -7.083  1.00 10.36 ? 66  TRP A CA  1 
ATOM   42   C C   . TRP A 1 6   ? -3.190  -4.431  -6.769  1.00 11.01 ? 66  TRP A C   1 
ATOM   43   O O   . TRP A 1 6   ? -3.678  -3.868  -5.791  1.00 9.07  ? 66  TRP A O   1 
ATOM   44   C CB  . TRP A 1 6   ? -0.850  -5.289  -6.349  1.00 10.28 ? 66  TRP A CB  1 
ATOM   45   C CG  . TRP A 1 6   ? -1.007  -6.693  -6.867  1.00 10.91 ? 66  TRP A CG  1 
ATOM   46   C CD1 . TRP A 1 6   ? -1.824  -7.667  -6.362  1.00 14.35 ? 66  TRP A CD1 1 
ATOM   47   C CD2 . TRP A 1 6   ? -0.320  -7.281  -7.979  1.00 12.02 ? 66  TRP A CD2 1 
ATOM   48   N NE1 . TRP A 1 6   ? -1.682  -8.826  -7.091  1.00 13.85 ? 66  TRP A NE1 1 
ATOM   49   C CE2 . TRP A 1 6   ? -0.764  -8.615  -8.087  1.00 12.43 ? 66  TRP A CE2 1 
ATOM   50   C CE3 . TRP A 1 6   ? 0.634   -6.809  -8.893  1.00 11.22 ? 66  TRP A CE3 1 
ATOM   51   C CZ2 . TRP A 1 6   ? -0.289  -9.487  -9.076  1.00 14.36 ? 66  TRP A CZ2 1 
ATOM   52   C CZ3 . TRP A 1 6   ? 1.108   -7.678  -9.876  1.00 12.16 ? 66  TRP A CZ3 1 
ATOM   53   C CH2 . TRP A 1 6   ? 0.644   -9.000  -9.956  1.00 14.08 ? 66  TRP A CH2 1 
ATOM   54   N N   . PRO A 1 7   ? -3.936  -5.189  -7.590  1.00 11.63 ? 67  PRO A N   1 
ATOM   55   C CA  . PRO A 1 7   ? -5.361  -5.358  -7.294  1.00 11.73 ? 67  PRO A CA  1 
ATOM   56   C C   . PRO A 1 7   ? -5.678  -5.743  -5.851  1.00 11.61 ? 67  PRO A C   1 
ATOM   57   O O   . PRO A 1 7   ? -5.242  -6.798  -5.382  1.00 11.24 ? 67  PRO A O   1 
ATOM   58   C CB  . PRO A 1 7   ? -5.788  -6.432  -8.287  1.00 12.61 ? 67  PRO A CB  1 
ATOM   59   C CG  . PRO A 1 7   ? -4.936  -6.135  -9.463  1.00 13.18 ? 67  PRO A CG  1 
ATOM   60   C CD  . PRO A 1 7   ? -3.579  -5.875  -8.845  1.00 13.29 ? 67  PRO A CD  1 
ATOM   61   N N   . GLY A 1 8   ? -6.443  -4.885  -5.172  1.00 10.94 ? 68  GLY A N   1 
ATOM   62   C CA  . GLY A 1 8   ? -6.828  -5.126  -3.791  1.00 10.96 ? 68  GLY A CA  1 
ATOM   63   C C   . GLY A 1 8   ? -5.755  -4.792  -2.763  1.00 9.80  ? 68  GLY A C   1 
ATOM   64   O O   . GLY A 1 8   ? -5.997  -4.880  -1.547  1.00 7.95  ? 68  GLY A O   1 
ATOM   65   N N   . LEU A 1 9   ? -4.593  -4.348  -3.240  1.00 9.05  ? 69  LEU A N   1 
ATOM   66   C CA  . LEU A 1 9   ? -3.467  -4.060  -2.355  1.00 8.46  ? 69  LEU A CA  1 
ATOM   67   C C   . LEU A 1 9   ? -3.119  -2.577  -2.356  1.00 9.46  ? 69  LEU A C   1 
ATOM   68   O O   . LEU A 1 9   ? -2.594  -2.044  -3.341  1.00 6.80  ? 69  LEU A O   1 
ATOM   69   C CB  . LEU A 1 9   ? -2.248  -4.891  -2.799  1.00 9.19  ? 69  LEU A CB  1 
ATOM   70   C CG  . LEU A 1 9   ? -1.139  -5.220  -1.787  1.00 8.99  ? 69  LEU A CG  1 
ATOM   71   C CD1 . LEU A 1 9   ? -0.047  -6.023  -2.499  1.00 9.61  ? 69  LEU A CD1 1 
ATOM   72   C CD2 . LEU A 1 9   ? -0.557  -3.952  -1.167  1.00 8.34  ? 69  LEU A CD2 1 
ATOM   73   N N   . TYR A 1 10  ? -3.422  -1.919  -1.245  1.00 9.05  ? 70  TYR A N   1 
ATOM   74   C CA  . TYR A 1 10  ? -3.164  -0.499  -1.084  1.00 9.13  ? 70  TYR A CA  1 
ATOM   75   C C   . TYR A 1 10  ? -1.915  -0.201  -0.260  1.00 11.05 ? 70  TYR A C   1 
ATOM   76   O O   . TYR A 1 10  ? -1.776  -0.684  0.860   1.00 9.75  ? 70  TYR A O   1 
ATOM   77   C CB  . TYR A 1 10  ? -4.355  0.182   -0.397  1.00 11.02 ? 70  TYR A CB  1 
ATOM   78   C CG  . TYR A 1 10  ? -5.639  0.145   -1.191  1.00 12.07 ? 70  TYR A CG  1 
ATOM   79   C CD1 . TYR A 1 10  ? -6.378  -1.028  -1.312  1.00 12.08 ? 70  TYR A CD1 1 
ATOM   80   C CD2 . TYR A 1 10  ? -6.108  1.287   -1.836  1.00 14.50 ? 70  TYR A CD2 1 
ATOM   81   C CE1 . TYR A 1 10  ? -7.555  -1.067  -2.058  1.00 16.16 ? 70  TYR A CE1 1 
ATOM   82   C CE2 . TYR A 1 10  ? -7.277  1.259   -2.583  1.00 15.02 ? 70  TYR A CE2 1 
ATOM   83   C CZ  . TYR A 1 10  ? -7.994  0.080   -2.691  1.00 16.96 ? 70  TYR A CZ  1 
ATOM   84   O OH  . TYR A 1 10  ? -9.141  0.054   -3.447  1.00 18.50 ? 70  TYR A OH  1 
ATOM   85   N N   . LEU A 1 11  ? -1.015  0.596   -0.827  1.00 8.70  ? 71  LEU A N   1 
ATOM   86   C CA  . LEU A 1 11  ? 0.190   1.030   -0.131  1.00 7.62  ? 71  LEU A CA  1 
ATOM   87   C C   . LEU A 1 11  ? -0.207  2.431   0.333   1.00 10.22 ? 71  LEU A C   1 
ATOM   88   O O   . LEU A 1 11  ? -0.423  3.320   -0.502  1.00 10.45 ? 71  LEU A O   1 
ATOM   89   C CB  . LEU A 1 11  ? 1.371   1.120   -1.102  1.00 7.64  ? 71  LEU A CB  1 
ATOM   90   C CG  . LEU A 1 11  ? 2.668   1.716   -0.536  1.00 9.85  ? 71  LEU A CG  1 
ATOM   91   C CD1 . LEU A 1 11  ? 3.186   0.841   0.596   1.00 8.68  ? 71  LEU A CD1 1 
ATOM   92   C CD2 . LEU A 1 11  ? 3.716   1.820   -1.632  1.00 11.83 ? 71  LEU A CD2 1 
ATOM   93   N N   . GLY A 1 12  ? -0.313  2.624   1.646   1.00 10.19 ? 72  GLY A N   1 
ATOM   94   C CA  . GLY A 1 12  ? -0.735  3.918   2.170   1.00 11.73 ? 72  GLY A CA  1 
ATOM   95   C C   . GLY A 1 12  ? 0.073   4.467   3.332   1.00 13.95 ? 72  GLY A C   1 
ATOM   96   O O   . GLY A 1 12  ? 1.115   3.909   3.691   1.00 12.60 ? 72  GLY A O   1 
ATOM   97   N N   . ASP A 1 13  ? -0.405  5.560   3.929   1.00 13.08 ? 73  ASP A N   1 
ATOM   98   C CA  . ASP A 1 13  ? 0.310   6.181   5.035   1.00 13.83 ? 73  ASP A CA  1 
ATOM   99   C C   . ASP A 1 13  ? -0.361  5.994   6.393   1.00 12.60 ? 73  ASP A C   1 
ATOM   100  O O   . ASP A 1 13  ? -1.446  5.426   6.482   1.00 11.41 ? 73  ASP A O   1 
ATOM   101  C CB  . ASP A 1 13  ? 0.550   7.672   4.737   1.00 15.53 ? 73  ASP A CB  1 
ATOM   102  C CG  . ASP A 1 13  ? -0.731  8.482   4.596   1.00 17.09 ? 73  ASP A CG  1 
ATOM   103  O OD1 . ASP A 1 13  ? -0.609  9.687   4.277   1.00 20.21 ? 73  ASP A OD1 1 
ATOM   104  O OD2 . ASP A 1 13  ? -1.843  7.958   4.795   1.00 19.34 ? 73  ASP A OD2 1 
ATOM   105  N N   . GLN A 1 14  ? 0.306   6.457   7.447   1.00 12.56 ? 74  GLN A N   1 
ATOM   106  C CA  . GLN A 1 14  ? -0.207  6.324   8.805   1.00 13.51 ? 74  GLN A CA  1 
ATOM   107  C C   . GLN A 1 14  ? -1.538  7.048   8.965   1.00 15.10 ? 74  GLN A C   1 
ATOM   108  O O   . GLN A 1 14  ? -2.401  6.588   9.705   1.00 14.68 ? 74  GLN A O   1 
ATOM   109  C CB  . GLN A 1 14  ? 0.814   6.850   9.815   1.00 14.12 ? 74  GLN A CB  1 
ATOM   110  C CG  . GLN A 1 14  ? 0.481   6.521   11.261  1.00 13.54 ? 74  GLN A CG  1 
ATOM   111  C CD  . GLN A 1 14  ? 0.367   5.030   11.508  1.00 15.48 ? 74  GLN A CD  1 
ATOM   112  O OE1 . GLN A 1 14  ? 1.100   4.236   10.920  1.00 12.85 ? 74  GLN A OE1 1 
ATOM   113  N NE2 . GLN A 1 14  ? -0.483  4.431   12.336  1.00 18.63 ? 74  GLN A NE2 1 
ATOM   114  N N   . ASP A 1 15  ? -1.705  8.179   8.291   1.00 16.13 ? 75  ASP A N   1 
ATOM   115  C CA  . ASP A 1 15  ? -2.962  8.912   8.398   1.00 16.45 ? 75  ASP A CA  1 
ATOM   116  C C   . ASP A 1 15  ? -4.112  8.084   7.835   1.00 14.56 ? 75  ASP A C   1 
ATOM   117  O O   . ASP A 1 15  ? -5.221  8.107   8.365   1.00 15.80 ? 75  ASP A O   1 
ATOM   118  C CB  . ASP A 1 15  ? -2.876  10.260  7.666   1.00 20.62 ? 75  ASP A CB  1 
ATOM   119  C CG  . ASP A 1 15  ? -1.973  11.257  8.378   1.00 25.24 ? 75  ASP A CG  1 
ATOM   120  O OD1 . ASP A 1 15  ? -1.967  11.265  9.629   1.00 26.77 ? 75  ASP A OD1 1 
ATOM   121  O OD2 . ASP A 1 15  ? -1.281  12.045  7.692   1.00 28.26 ? 75  ASP A OD2 1 
ATOM   122  N N   . MET A 1 16  ? -3.860  7.347   6.757   1.00 13.96 ? 76  MET A N   1 
ATOM   123  C CA  . MET A 1 16  ? -4.914  6.521   6.188   1.00 12.91 ? 76  MET A CA  1 
ATOM   124  C C   . MET A 1 16  ? -5.226  5.392   7.162   1.00 13.33 ? 76  MET A C   1 
ATOM   125  O O   . MET A 1 16  ? -6.377  4.994   7.322   1.00 13.09 ? 76  MET A O   1 
ATOM   126  C CB  . MET A 1 16  ? -4.487  5.923   4.846   1.00 12.94 ? 76  MET A CB  1 
ATOM   127  C CG  . MET A 1 16  ? -5.529  4.997   4.231   1.00 13.23 ? 76  MET A CG  1 
ATOM   128  S SD  . MET A 1 16  ? -7.160  5.770   3.922   1.00 6.87  ? 76  MET A SD  1 
ATOM   129  C CE  . MET A 1 16  ? -6.831  6.601   2.326   1.00 14.49 ? 76  MET A CE  1 
ATOM   130  N N   . ALA A 1 17  ? -4.190  4.876   7.809   1.00 13.87 ? 77  ALA A N   1 
ATOM   131  C CA  . ALA A 1 17  ? -4.385  3.793   8.765   1.00 14.97 ? 77  ALA A CA  1 
ATOM   132  C C   . ALA A 1 17  ? -5.197  4.282   9.961   1.00 17.08 ? 77  ALA A C   1 
ATOM   133  O O   . ALA A 1 17  ? -5.834  3.488   10.659  1.00 16.83 ? 77  ALA A O   1 
ATOM   134  C CB  . ALA A 1 17  ? -3.031  3.255   9.241   1.00 14.57 ? 77  ALA A CB  1 
ATOM   135  N N   . ASN A 1 18  ? -5.170  5.593   10.182  1.00 18.27 ? 78  ASN A N   1 
ATOM   136  C CA  . ASN A 1 18  ? -5.867  6.208   11.305  1.00 21.01 ? 78  ASN A CA  1 
ATOM   137  C C   . ASN A 1 18  ? -7.226  6.784   10.930  1.00 22.54 ? 78  ASN A C   1 
ATOM   138  O O   . ASN A 1 18  ? -7.946  7.293   11.795  1.00 23.19 ? 78  ASN A O   1 
ATOM   139  C CB  . ASN A 1 18  ? -5.019  7.337   11.910  1.00 22.52 ? 78  ASN A CB  1 
ATOM   140  C CG  . ASN A 1 18  ? -3.756  6.834   12.590  1.00 23.44 ? 78  ASN A CG  1 
ATOM   141  O OD1 . ASN A 1 18  ? -3.651  5.661   12.939  1.00 25.35 ? 78  ASN A OD1 1 
ATOM   142  N ND2 . ASN A 1 18  ? -2.802  7.736   12.809  1.00 24.53 ? 78  ASN A ND2 1 
ATOM   143  N N   . ASN A 1 19  ? -7.581  6.696   9.654   1.00 22.71 ? 79  ASN A N   1 
ATOM   144  C CA  . ASN A 1 19  ? -8.845  7.251   9.179   1.00 22.68 ? 79  ASN A CA  1 
ATOM   145  C C   . ASN A 1 19  ? -9.986  6.241   9.046   1.00 22.60 ? 79  ASN A C   1 
ATOM   146  O O   . ASN A 1 19  ? -10.175 5.644   7.988   1.00 20.30 ? 79  ASN A O   1 
ATOM   147  C CB  . ASN A 1 19  ? -8.629  7.936   7.836   1.00 23.51 ? 79  ASN A CB  1 
ATOM   148  C CG  . ASN A 1 19  ? -9.772  8.852   7.476   1.00 22.69 ? 79  ASN A CG  1 
ATOM   149  O OD1 . ASN A 1 19  ? -10.937 8.497   7.647   1.00 23.86 ? 79  ASN A OD1 1 
ATOM   150  N ND2 . ASN A 1 19  ? -9.449  10.033  6.977   1.00 26.72 ? 79  ASN A ND2 1 
ATOM   151  N N   . ARG A 1 20  ? -10.757 6.083   10.119  1.00 24.57 ? 80  ARG A N   1 
ATOM   152  C CA  . ARG A 1 20  ? -11.874 5.148   10.165  1.00 27.00 ? 80  ARG A CA  1 
ATOM   153  C C   . ARG A 1 20  ? -12.889 5.272   9.028   1.00 26.81 ? 80  ARG A C   1 
ATOM   154  O O   . ARG A 1 20  ? -13.321 4.269   8.468   1.00 24.88 ? 80  ARG A O   1 
ATOM   155  C CB  . ARG A 1 20  ? -12.603 5.289   11.505  1.00 30.76 ? 80  ARG A CB  1 
ATOM   156  C CG  . ARG A 1 20  ? -13.823 4.411   11.624  1.00 36.93 ? 80  ARG A CG  1 
ATOM   157  C CD  . ARG A 1 20  ? -14.586 4.679   12.915  1.00 41.79 ? 80  ARG A CD  1 
ATOM   158  N NE  . ARG A 1 20  ? -15.839 3.927   12.970  1.00 46.21 ? 80  ARG A NE  1 
ATOM   159  C CZ  . ARG A 1 20  ? -15.920 2.600   12.912  1.00 48.63 ? 80  ARG A CZ  1 
ATOM   160  N NH1 . ARG A 1 20  ? -14.814 1.876   12.795  1.00 50.84 ? 80  ARG A NH1 1 
ATOM   161  N NH2 . ARG A 1 20  ? -17.099 1.995   12.978  1.00 48.98 ? 80  ARG A NH2 1 
ATOM   162  N N   . ARG A 1 21  ? -13.276 6.499   8.691   1.00 27.54 ? 81  ARG A N   1 
ATOM   163  C CA  . ARG A 1 21  ? -14.257 6.700   7.630   1.00 28.92 ? 81  ARG A CA  1 
ATOM   164  C C   . ARG A 1 21  ? -13.749 6.285   6.254   1.00 26.77 ? 81  ARG A C   1 
ATOM   165  O O   . ARG A 1 21  ? -14.471 5.655   5.482   1.00 26.36 ? 81  ARG A O   1 
ATOM   166  C CB  . ARG A 1 21  ? -14.706 8.160   7.590   1.00 33.77 ? 81  ARG A CB  1 
ATOM   167  C CG  . ARG A 1 21  ? -15.882 8.390   6.667   1.00 40.23 ? 81  ARG A CG  1 
ATOM   168  C CD  . ARG A 1 21  ? -16.485 9.758   6.878   1.00 47.33 ? 81  ARG A CD  1 
ATOM   169  N NE  . ARG A 1 21  ? -17.713 9.923   6.105   1.00 53.05 ? 81  ARG A NE  1 
ATOM   170  C CZ  . ARG A 1 21  ? -18.513 10.979  6.194   1.00 56.31 ? 81  ARG A CZ  1 
ATOM   171  N NH1 . ARG A 1 21  ? -18.215 11.971  7.025   1.00 58.40 ? 81  ARG A NH1 1 
ATOM   172  N NH2 . ARG A 1 21  ? -19.615 11.046  5.451   1.00 58.01 ? 81  ARG A NH2 1 
ATOM   173  N N   . GLU A 1 22  ? -12.504 6.632   5.952   1.00 25.79 ? 82  GLU A N   1 
ATOM   174  C CA  . GLU A 1 22  ? -11.921 6.284   4.663   1.00 23.52 ? 82  GLU A CA  1 
ATOM   175  C C   . GLU A 1 22  ? -11.664 4.777   4.568   1.00 22.04 ? 82  GLU A C   1 
ATOM   176  O O   . GLU A 1 22  ? -11.897 4.165   3.527   1.00 18.82 ? 82  GLU A O   1 
ATOM   177  C CB  . GLU A 1 22  ? -10.628 7.070   4.452   1.00 25.11 ? 82  GLU A CB  1 
ATOM   178  C CG  . GLU A 1 22  ? -10.089 7.010   3.031   1.00 29.32 ? 82  GLU A CG  1 
ATOM   179  C CD  . GLU A 1 22  ? -11.116 7.430   1.998   1.00 31.86 ? 82  GLU A CD  1 
ATOM   180  O OE1 . GLU A 1 22  ? -11.822 8.434   2.236   1.00 33.16 ? 82  GLU A OE1 1 
ATOM   181  O OE2 . GLU A 1 22  ? -11.211 6.764   0.944   1.00 34.00 ? 82  GLU A OE2 1 
ATOM   182  N N   . LEU A 1 23  ? -11.174 4.169   5.646   1.00 20.36 ? 83  LEU A N   1 
ATOM   183  C CA  . LEU A 1 23  ? -10.955 2.729   5.619   1.00 18.46 ? 83  LEU A CA  1 
ATOM   184  C C   . LEU A 1 23  ? -12.294 2.058   5.338   1.00 19.42 ? 83  LEU A C   1 
ATOM   185  O O   . LEU A 1 23  ? -12.368 1.066   4.628   1.00 18.06 ? 83  LEU A O   1 
ATOM   186  C CB  . LEU A 1 23  ? -10.408 2.237   6.961   1.00 16.85 ? 83  LEU A CB  1 
ATOM   187  C CG  . LEU A 1 23  ? -9.004  2.695   7.326   1.00 14.88 ? 83  LEU A CG  1 
ATOM   188  C CD1 . LEU A 1 23  ? -8.671  2.212   8.745   1.00 16.91 ? 83  LEU A CD1 1 
ATOM   189  C CD2 . LEU A 1 23  ? -8.005  2.125   6.325   1.00 15.41 ? 83  LEU A CD2 1 
ATOM   190  N N   . ARG A 1 24  ? -13.364 2.607   5.900   1.00 21.97 ? 84  ARG A N   1 
ATOM   191  C CA  . ARG A 1 24  ? -14.677 2.025   5.669   1.00 25.35 ? 84  ARG A CA  1 
ATOM   192  C C   . ARG A 1 24  ? -15.099 2.220   4.216   1.00 24.78 ? 84  ARG A C   1 
ATOM   193  O O   . ARG A 1 24  ? -15.523 1.276   3.553   1.00 25.41 ? 84  ARG A O   1 
ATOM   194  C CB  . ARG A 1 24  ? -15.723 2.649   6.599   1.00 28.86 ? 84  ARG A CB  1 
ATOM   195  C CG  . ARG A 1 24  ? -17.139 2.177   6.300   1.00 34.61 ? 84  ARG A CG  1 
ATOM   196  C CD  . ARG A 1 24  ? -18.149 2.808   7.234   1.00 39.53 ? 84  ARG A CD  1 
ATOM   197  N NE  . ARG A 1 24  ? -18.018 2.314   8.601   1.00 44.65 ? 84  ARG A NE  1 
ATOM   198  C CZ  . ARG A 1 24  ? -18.772 2.724   9.616   1.00 47.81 ? 84  ARG A CZ  1 
ATOM   199  N NH1 . ARG A 1 24  ? -19.714 3.640   9.420   1.00 49.60 ? 84  ARG A NH1 1 
ATOM   200  N NH2 . ARG A 1 24  ? -18.593 2.214   10.828  1.00 48.97 ? 84  ARG A NH2 1 
ATOM   201  N N   . ARG A 1 25  ? -14.971 3.450   3.727   1.00 26.46 ? 85  ARG A N   1 
ATOM   202  C CA  . ARG A 1 25  ? -15.352 3.775   2.355   1.00 26.64 ? 85  ARG A CA  1 
ATOM   203  C C   . ARG A 1 25  ? -14.663 2.860   1.352   1.00 25.56 ? 85  ARG A C   1 
ATOM   204  O O   . ARG A 1 25  ? -15.294 2.380   0.414   1.00 25.71 ? 85  ARG A O   1 
ATOM   205  C CB  . ARG A 1 25  ? -15.000 5.230   2.037   1.00 29.08 ? 85  ARG A CB  1 
ATOM   206  C CG  . ARG A 1 25  ? -15.697 5.783   0.797   1.00 31.66 ? 85  ARG A CG  1 
ATOM   207  C CD  . ARG A 1 25  ? -15.192 7.179   0.453   1.00 32.79 ? 85  ARG A CD  1 
ATOM   208  N NE  . ARG A 1 25  ? -13.813 7.149   -0.023  1.00 35.73 ? 85  ARG A NE  1 
ATOM   209  C CZ  . ARG A 1 25  ? -13.430 6.624   -1.185  1.00 36.89 ? 85  ARG A CZ  1 
ATOM   210  N NH1 . ARG A 1 25  ? -14.326 6.083   -2.005  1.00 38.36 ? 85  ARG A NH1 1 
ATOM   211  N NH2 . ARG A 1 25  ? -12.147 6.625   -1.523  1.00 37.94 ? 85  ARG A NH2 1 
ATOM   212  N N   . LEU A 1 26  ? -13.371 2.618   1.558   1.00 23.07 ? 86  LEU A N   1 
ATOM   213  C CA  . LEU A 1 26  ? -12.598 1.762   0.658   1.00 20.65 ? 86  LEU A CA  1 
ATOM   214  C C   . LEU A 1 26  ? -12.878 0.269   0.798   1.00 19.05 ? 86  LEU A C   1 
ATOM   215  O O   . LEU A 1 26  ? -12.492 -0.512  -0.065  1.00 18.03 ? 86  LEU A O   1 
ATOM   216  C CB  . LEU A 1 26  ? -11.100 1.999   0.861   1.00 22.04 ? 86  LEU A CB  1 
ATOM   217  C CG  . LEU A 1 26  ? -10.500 3.315   0.366   1.00 22.71 ? 86  LEU A CG  1 
ATOM   218  C CD1 . LEU A 1 26  ? -9.040  3.388   0.781   1.00 23.97 ? 86  LEU A CD1 1 
ATOM   219  C CD2 . LEU A 1 26  ? -10.628 3.405   -1.151  1.00 23.37 ? 86  LEU A CD2 1 
ATOM   220  N N   . GLY A 1 27  ? -13.533 -0.128  1.885   1.00 16.44 ? 87  GLY A N   1 
ATOM   221  C CA  . GLY A 1 27  ? -13.835 -1.535  2.080   1.00 14.78 ? 87  GLY A CA  1 
ATOM   222  C C   . GLY A 1 27  ? -12.620 -2.353  2.483   1.00 13.43 ? 87  GLY A C   1 
ATOM   223  O O   . GLY A 1 27  ? -12.546 -3.548  2.197   1.00 13.48 ? 87  GLY A O   1 
ATOM   224  N N   . ILE A 1 28  ? -11.668 -1.712  3.152   1.00 11.65 ? 88  ILE A N   1 
ATOM   225  C CA  . ILE A 1 28  ? -10.460 -2.409  3.584   1.00 11.75 ? 88  ILE A CA  1 
ATOM   226  C C   . ILE A 1 28  ? -10.861 -3.528  4.530   1.00 12.22 ? 88  ILE A C   1 
ATOM   227  O O   . ILE A 1 28  ? -11.683 -3.319  5.416   1.00 12.31 ? 88  ILE A O   1 
ATOM   228  C CB  . ILE A 1 28  ? -9.492  -1.453  4.312   1.00 12.37 ? 88  ILE A CB  1 
ATOM   229  C CG1 . ILE A 1 28  ? -9.002  -0.368  3.344   1.00 11.93 ? 88  ILE A CG1 1 
ATOM   230  C CG2 . ILE A 1 28  ? -8.316  -2.244  4.904   1.00 11.90 ? 88  ILE A CG2 1 
ATOM   231  C CD1 . ILE A 1 28  ? -8.282  -0.890  2.120   1.00 11.36 ? 88  ILE A CD1 1 
ATOM   232  N N   . THR A 1 29  ? -10.272 -4.708  4.339   1.00 11.41 ? 89  THR A N   1 
ATOM   233  C CA  . THR A 1 29  ? -10.582 -5.863  5.171   1.00 10.95 ? 89  THR A CA  1 
ATOM   234  C C   . THR A 1 29  ? -9.394  -6.333  6.005   1.00 10.27 ? 89  THR A C   1 
ATOM   235  O O   . THR A 1 29  ? -9.552  -7.076  6.979   1.00 9.04  ? 89  THR A O   1 
ATOM   236  C CB  . THR A 1 29  ? -11.057 -7.038  4.306   1.00 11.36 ? 89  THR A CB  1 
ATOM   237  O OG1 . THR A 1 29  ? -10.017 -7.419  3.400   1.00 8.82  ? 89  THR A OG1 1 
ATOM   238  C CG2 . THR A 1 29  ? -12.277 -6.639  3.504   1.00 12.99 ? 89  THR A CG2 1 
ATOM   239  N N   . HIS A 1 30  ? -8.203  -5.889  5.629   1.00 8.01  ? 90  HIS A N   1 
ATOM   240  C CA  . HIS A 1 30  ? -6.981  -6.282  6.331   1.00 7.82  ? 90  HIS A CA  1 
ATOM   241  C C   . HIS A 1 30  ? -6.029  -5.110  6.373   1.00 6.62  ? 90  HIS A C   1 
ATOM   242  O O   . HIS A 1 30  ? -6.001  -4.317  5.442   1.00 8.51  ? 90  HIS A O   1 
ATOM   243  C CB  . HIS A 1 30  ? -6.262  -7.406  5.580   1.00 7.85  ? 90  HIS A CB  1 
ATOM   244  C CG  . HIS A 1 30  ? -7.060  -8.661  5.447   1.00 8.52  ? 90  HIS A CG  1 
ATOM   245  N ND1 . HIS A 1 30  ? -6.758  -9.811  6.138   1.00 10.42 ? 90  HIS A ND1 1 
ATOM   246  C CD2 . HIS A 1 30  ? -8.166  -8.938  4.714   1.00 5.08  ? 90  HIS A CD2 1 
ATOM   247  C CE1 . HIS A 1 30  ? -7.646  -10.744 5.846   1.00 8.00  ? 90  HIS A CE1 1 
ATOM   248  N NE2 . HIS A 1 30  ? -8.511  -10.238 4.985   1.00 11.20 ? 90  HIS A NE2 1 
ATOM   249  N N   . VAL A 1 31  ? -5.271  -4.988  7.459   1.00 5.99  ? 91  VAL A N   1 
ATOM   250  C CA  . VAL A 1 31  ? -4.263  -3.934  7.562   1.00 7.66  ? 91  VAL A CA  1 
ATOM   251  C C   . VAL A 1 31  ? -2.956  -4.547  8.054   1.00 7.52  ? 91  VAL A C   1 
ATOM   252  O O   . VAL A 1 31  ? -2.931  -5.239  9.073   1.00 5.64  ? 91  VAL A O   1 
ATOM   253  C CB  . VAL A 1 31  ? -4.667  -2.814  8.551   1.00 8.37  ? 91  VAL A CB  1 
ATOM   254  C CG1 . VAL A 1 31  ? -3.467  -1.870  8.786   1.00 8.98  ? 91  VAL A CG1 1 
ATOM   255  C CG2 . VAL A 1 31  ? -5.816  -2.000  7.975   1.00 7.96  ? 91  VAL A CG2 1 
ATOM   256  N N   . LEU A 1 32  ? -1.891  -4.337  7.289   1.00 6.17  ? 92  LEU A N   1 
ATOM   257  C CA  . LEU A 1 32  ? -0.560  -4.799  7.658   1.00 6.43  ? 92  LEU A CA  1 
ATOM   258  C C   . LEU A 1 32  ? 0.248   -3.558  8.054   1.00 6.24  ? 92  LEU A C   1 
ATOM   259  O O   . LEU A 1 32  ? 0.566   -2.697  7.211   1.00 5.82  ? 92  LEU A O   1 
ATOM   260  C CB  . LEU A 1 32  ? 0.121   -5.516  6.477   1.00 7.59  ? 92  LEU A CB  1 
ATOM   261  C CG  . LEU A 1 32  ? 1.621   -5.829  6.612   1.00 9.81  ? 92  LEU A CG  1 
ATOM   262  C CD1 . LEU A 1 32  ? 1.908   -6.525  7.914   1.00 10.04 ? 92  LEU A CD1 1 
ATOM   263  C CD2 . LEU A 1 32  ? 2.075   -6.704  5.447   1.00 8.60  ? 92  LEU A CD2 1 
ATOM   264  N N   . ASN A 1 33  ? 0.546   -3.442  9.343   1.00 4.86  ? 93  ASN A N   1 
ATOM   265  C CA  . ASN A 1 33  ? 1.331   -2.319  9.840   1.00 6.39  ? 93  ASN A CA  1 
ATOM   266  C C   . ASN A 1 33  ? 2.781   -2.794  9.870   1.00 5.73  ? 93  ASN A C   1 
ATOM   267  O O   . ASN A 1 33  ? 3.145   -3.637  10.689  1.00 5.49  ? 93  ASN A O   1 
ATOM   268  C CB  . ASN A 1 33  ? 0.850   -1.957  11.240  1.00 5.70  ? 93  ASN A CB  1 
ATOM   269  C CG  . ASN A 1 33  ? 1.563   -0.760  11.821  1.00 9.34  ? 93  ASN A CG  1 
ATOM   270  O OD1 . ASN A 1 33  ? 2.502   -0.218  11.230  1.00 7.26  ? 93  ASN A OD1 1 
ATOM   271  N ND2 . ASN A 1 33  ? 1.122   -0.342  12.996  1.00 9.05  ? 93  ASN A ND2 1 
ATOM   272  N N   . ALA A 1 34  ? 3.603   -2.251  8.970   1.00 5.32  ? 94  ALA A N   1 
ATOM   273  C CA  . ALA A 1 34  ? 5.007   -2.638  8.863   1.00 6.66  ? 94  ALA A CA  1 
ATOM   274  C C   . ALA A 1 34  ? 5.915   -2.006  9.905   1.00 6.34  ? 94  ALA A C   1 
ATOM   275  O O   . ALA A 1 34  ? 7.127   -2.222  9.890   1.00 6.09  ? 94  ALA A O   1 
ATOM   276  C CB  . ALA A 1 34  ? 5.519   -2.315  7.458   1.00 6.24  ? 94  ALA A CB  1 
ATOM   277  N N   . SER A 1 35  ? 5.332   -1.205  10.794  1.00 6.43  ? 95  SER A N   1 
ATOM   278  C CA  . SER A 1 35  ? 6.086   -0.568  11.873  1.00 7.62  ? 95  SER A CA  1 
ATOM   279  C C   . SER A 1 35  ? 5.204   -0.497  13.119  1.00 7.93  ? 95  SER A C   1 
ATOM   280  O O   . SER A 1 35  ? 4.884   0.590   13.633  1.00 7.74  ? 95  SER A O   1 
ATOM   281  C CB  . SER A 1 35  ? 6.557   0.843   11.468  1.00 6.92  ? 95  SER A CB  1 
ATOM   282  O OG  . SER A 1 35  ? 5.478   1.688   11.124  1.00 8.98  ? 95  SER A OG  1 
ATOM   283  N N   . HIS A 1 36  ? 4.786   -1.663  13.594  1.00 5.92  ? 96  HIS A N   1 
ATOM   284  C CA  . HIS A 1 36  ? 3.955   -1.745  14.791  1.00 6.38  ? 96  HIS A CA  1 
ATOM   285  C C   . HIS A 1 36  ? 4.767   -1.378  16.034  1.00 6.67  ? 96  HIS A C   1 
ATOM   286  O O   . HIS A 1 36  ? 5.879   -1.872  16.229  1.00 6.88  ? 96  HIS A O   1 
ATOM   287  C CB  . HIS A 1 36  ? 3.393   -3.169  14.947  1.00 7.60  ? 96  HIS A CB  1 
ATOM   288  C CG  . HIS A 1 36  ? 2.526   -3.343  16.155  1.00 6.92  ? 96  HIS A CG  1 
ATOM   289  N ND1 . HIS A 1 36  ? 2.996   -3.844  17.354  1.00 8.82  ? 96  HIS A ND1 1 
ATOM   290  C CD2 . HIS A 1 36  ? 1.226   -3.039  16.359  1.00 4.32  ? 96  HIS A CD2 1 
ATOM   291  C CE1 . HIS A 1 36  ? 2.018   -3.837  18.243  1.00 4.18  ? 96  HIS A CE1 1 
ATOM   292  N NE2 . HIS A 1 36  ? 0.935   -3.355  17.663  1.00 6.94  ? 96  HIS A NE2 1 
ATOM   293  N N   . SER A 1 37  ? 4.224   -0.477  16.851  1.00 8.30  ? 97  SER A N   1 
ATOM   294  C CA  . SER A 1 37  ? 4.874   -0.052  18.096  1.00 7.96  ? 97  SER A CA  1 
ATOM   295  C C   . SER A 1 37  ? 4.532   -1.098  19.128  1.00 7.75  ? 97  SER A C   1 
ATOM   296  O O   . SER A 1 37  ? 3.361   -1.305  19.433  1.00 7.40  ? 97  SER A O   1 
ATOM   297  C CB  . SER A 1 37  ? 4.327   1.299   18.526  1.00 8.89  ? 97  SER A CB  1 
ATOM   298  O OG  . SER A 1 37  ? 4.625   2.252   17.524  1.00 10.17 ? 97  SER A OG  1 
ATOM   299  N N   . ARG A 1 38  ? 5.549   -1.730  19.699  1.00 9.07  ? 98  ARG A N   1 
ATOM   300  C CA  . ARG A 1 38  ? 5.291   -2.824  20.630  1.00 9.96  ? 98  ARG A CA  1 
ATOM   301  C C   . ARG A 1 38  ? 4.409   -2.546  21.843  1.00 8.17  ? 98  ARG A C   1 
ATOM   302  O O   . ARG A 1 38  ? 3.732   -3.455  22.329  1.00 7.12  ? 98  ARG A O   1 
ATOM   303  C CB  . ARG A 1 38  ? 6.611   -3.466  21.059  1.00 12.84 ? 98  ARG A CB  1 
ATOM   304  C CG  . ARG A 1 38  ? 7.525   -2.575  21.844  1.00 14.51 ? 98  ARG A CG  1 
ATOM   305  C CD  . ARG A 1 38  ? 8.634   -3.411  22.475  1.00 19.82 ? 98  ARG A CD  1 
ATOM   306  N NE  . ARG A 1 38  ? 8.078   -4.448  23.343  1.00 22.17 ? 98  ARG A NE  1 
ATOM   307  C CZ  . ARG A 1 38  ? 7.382   -4.204  24.452  1.00 23.31 ? 98  ARG A CZ  1 
ATOM   308  N NH1 . ARG A 1 38  ? 7.154   -2.953  24.834  1.00 24.14 ? 98  ARG A NH1 1 
ATOM   309  N NH2 . ARG A 1 38  ? 6.915   -5.207  25.184  1.00 21.55 ? 98  ARG A NH2 1 
ATOM   310  N N   . TRP A 1 39  ? 4.397   -1.301  22.314  1.00 9.18  ? 99  TRP A N   1 
ATOM   311  C CA  . TRP A 1 39  ? 3.574   -0.916  23.465  1.00 8.76  ? 99  TRP A CA  1 
ATOM   312  C C   . TRP A 1 39  ? 2.092   -0.754  23.125  1.00 9.28  ? 99  TRP A C   1 
ATOM   313  O O   . TRP A 1 39  ? 1.249   -0.600  24.017  1.00 10.05 ? 99  TRP A O   1 
ATOM   314  C CB  . TRP A 1 39  ? 4.113   0.386   24.087  1.00 10.33 ? 99  TRP A CB  1 
ATOM   315  C CG  . TRP A 1 39  ? 4.186   1.558   23.131  1.00 9.76  ? 99  TRP A CG  1 
ATOM   316  C CD1 . TRP A 1 39  ? 3.210   2.483   22.874  1.00 10.04 ? 99  TRP A CD1 1 
ATOM   317  C CD2 . TRP A 1 39  ? 5.301   1.917   22.316  1.00 10.58 ? 99  TRP A CD2 1 
ATOM   318  N NE1 . TRP A 1 39  ? 3.655   3.396   21.951  1.00 11.82 ? 99  TRP A NE1 1 
ATOM   319  C CE2 . TRP A 1 39  ? 4.937   3.075   21.591  1.00 11.62 ? 99  TRP A CE2 1 
ATOM   320  C CE3 . TRP A 1 39  ? 6.579   1.374   22.130  1.00 11.16 ? 99  TRP A CE3 1 
ATOM   321  C CZ2 . TRP A 1 39  ? 5.805   3.700   20.690  1.00 12.53 ? 99  TRP A CZ2 1 
ATOM   322  C CZ3 . TRP A 1 39  ? 7.446   1.995   21.235  1.00 11.40 ? 99  TRP A CZ3 1 
ATOM   323  C CH2 . TRP A 1 39  ? 7.051   3.149   20.526  1.00 14.30 ? 99  TRP A CH2 1 
ATOM   324  N N   . ARG A 1 40  ? 1.772   -0.770  21.833  1.00 7.86  ? 100 ARG A N   1 
ATOM   325  C CA  . ARG A 1 40  ? 0.390   -0.664  21.395  1.00 8.05  ? 100 ARG A CA  1 
ATOM   326  C C   . ARG A 1 40  ? -0.156  -2.066  21.098  1.00 8.02  ? 100 ARG A C   1 
ATOM   327  O O   . ARG A 1 40  ? 0.597   -3.046  20.999  1.00 8.89  ? 100 ARG A O   1 
ATOM   328  C CB  . ARG A 1 40  ? 0.289   0.152   20.105  1.00 9.04  ? 100 ARG A CB  1 
ATOM   329  C CG  . ARG A 1 40  ? 0.605   1.633   20.225  1.00 9.33  ? 100 ARG A CG  1 
ATOM   330  C CD  . ARG A 1 40  ? 0.415   2.316   18.872  1.00 11.95 ? 100 ARG A CD  1 
ATOM   331  N NE  . ARG A 1 40  ? 0.555   3.771   18.943  1.00 11.98 ? 100 ARG A NE  1 
ATOM   332  C CZ  . ARG A 1 40  ? 0.386   4.578   17.901  1.00 15.30 ? 100 ARG A CZ  1 
ATOM   333  N NH1 . ARG A 1 40  ? 0.082   4.068   16.716  1.00 12.81 ? 100 ARG A NH1 1 
ATOM   334  N NH2 . ARG A 1 40  ? 0.515   5.902   18.041  1.00 14.27 ? 100 ARG A NH2 1 
ATOM   335  N N   . GLY A 1 41  ? -1.471  -2.140  20.966  1.00 7.72  ? 101 GLY A N   1 
ATOM   336  C CA  . GLY A 1 41  ? -2.132  -3.380  20.590  1.00 8.44  ? 101 GLY A CA  1 
ATOM   337  C C   . GLY A 1 41  ? -2.778  -3.085  19.238  1.00 9.31  ? 101 GLY A C   1 
ATOM   338  O O   . GLY A 1 41  ? -2.324  -2.198  18.512  1.00 9.82  ? 101 GLY A O   1 
ATOM   339  N N   . THR A 1 42  ? -3.839  -3.805  18.893  1.00 9.01  ? 102 THR A N   1 
ATOM   340  C CA  . THR A 1 42  ? -4.527  -3.575  17.622  1.00 9.58  ? 102 THR A CA  1 
ATOM   341  C C   . THR A 1 42  ? -5.185  -2.191  17.592  1.00 10.55 ? 102 THR A C   1 
ATOM   342  O O   . THR A 1 42  ? -5.777  -1.748  18.589  1.00 9.20  ? 102 THR A O   1 
ATOM   343  C CB  . THR A 1 42  ? -5.618  -4.643  17.413  1.00 10.53 ? 102 THR A CB  1 
ATOM   344  O OG1 . THR A 1 42  ? -5.039  -5.942  17.568  1.00 8.72  ? 102 THR A OG1 1 
ATOM   345  C CG2 . THR A 1 42  ? -6.238  -4.524  16.032  1.00 9.72  ? 102 THR A CG2 1 
ATOM   346  N N   . PRO A 1 43  ? -5.060  -1.466  16.467  1.00 9.00  ? 103 PRO A N   1 
ATOM   347  C CA  . PRO A 1 43  ? -5.686  -0.141  16.384  1.00 11.75 ? 103 PRO A CA  1 
ATOM   348  C C   . PRO A 1 43  ? -7.148  -0.235  16.789  1.00 12.00 ? 103 PRO A C   1 
ATOM   349  O O   . PRO A 1 43  ? -7.871  -1.125  16.359  1.00 13.04 ? 103 PRO A O   1 
ATOM   350  C CB  . PRO A 1 43  ? -5.502  0.220   14.919  1.00 9.23  ? 103 PRO A CB  1 
ATOM   351  C CG  . PRO A 1 43  ? -4.099  -0.282  14.676  1.00 8.51  ? 103 PRO A CG  1 
ATOM   352  C CD  . PRO A 1 43  ? -4.134  -1.672  15.335  1.00 9.34  ? 103 PRO A CD  1 
ATOM   353  N N   . GLU A 1 44  ? -7.607  0.701   17.593  1.00 16.66 ? 104 GLU A N   1 
ATOM   354  C CA  . GLU A 1 44  ? -8.904  0.802   18.248  1.00 20.31 ? 104 GLU A CA  1 
ATOM   355  C C   . GLU A 1 44  ? -10.041 0.570   17.259  1.00 19.55 ? 104 GLU A C   1 
ATOM   356  O O   . GLU A 1 44  ? -11.031 -0.155  17.619  1.00 18.98 ? 104 GLU A O   1 
ATOM   357  C CB  . GLU A 1 44  ? -9.054  2.162   18.930  1.00 24.67 ? 104 GLU A CB  1 
ATOM   358  C CG  . GLU A 1 44  ? -7.844  3.067   18.779  1.00 30.46 ? 104 GLU A CG  1 
ATOM   359  C CD  . GLU A 1 44  ? -6.544  2.294   18.682  1.00 32.41 ? 104 GLU A CD  1 
ATOM   360  O OE1 . GLU A 1 44  ? -5.746  2.585   17.767  1.00 33.19 ? 104 GLU A OE1 1 
ATOM   361  O OE2 . GLU A 1 44  ? -6.322  1.396   19.523  1.00 23.75 ? 104 GLU A OE2 1 
ATOM   362  N N   . ALA A 1 45  ? -10.077 1.194   16.106  1.00 19.05 ? 105 ALA A N   1 
ATOM   363  C CA  . ALA A 1 45  ? -11.213 1.096   15.193  1.00 17.51 ? 105 ALA A CA  1 
ATOM   364  C C   . ALA A 1 45  ? -11.327 -0.179  14.353  1.00 16.76 ? 105 ALA A C   1 
ATOM   365  O O   . ALA A 1 45  ? -12.403 -0.484  13.837  1.00 14.93 ? 105 ALA A O   1 
ATOM   366  C CB  . ALA A 1 45  ? -11.215 2.306   14.270  1.00 19.08 ? 105 ALA A CB  1 
ATOM   367  N N   . TYR A 1 46  ? -10.252 -0.944  14.235  1.00 14.90 ? 106 TYR A N   1 
ATOM   368  C CA  . TYR A 1 46  ? -10.282 -2.115  13.372  1.00 15.12 ? 106 TYR A CA  1 
ATOM   369  C C   . TYR A 1 46  ? -11.281 -3.224  13.679  1.00 15.70 ? 106 TYR A C   1 
ATOM   370  O O   . TYR A 1 46  ? -11.887 -3.777  12.773  1.00 16.93 ? 106 TYR A O   1 
ATOM   371  C CB  . TYR A 1 46  ? -8.866  -2.691  13.249  1.00 13.98 ? 106 TYR A CB  1 
ATOM   372  C CG  . TYR A 1 46  ? -7.867  -1.737  12.605  1.00 12.55 ? 106 TYR A CG  1 
ATOM   373  C CD1 . TYR A 1 46  ? -8.235  -0.440  12.222  1.00 11.48 ? 106 TYR A CD1 1 
ATOM   374  C CD2 . TYR A 1 46  ? -6.553  -2.135  12.386  1.00 11.25 ? 106 TYR A CD2 1 
ATOM   375  C CE1 . TYR A 1 46  ? -7.318  0.435   11.643  1.00 10.54 ? 106 TYR A CE1 1 
ATOM   376  C CE2 . TYR A 1 46  ? -5.624  -1.273  11.809  1.00 8.74  ? 106 TYR A CE2 1 
ATOM   377  C CZ  . TYR A 1 46  ? -6.010  0.014   11.440  1.00 10.47 ? 106 TYR A CZ  1 
ATOM   378  O OH  . TYR A 1 46  ? -5.075  0.869   10.899  1.00 8.89  ? 106 TYR A OH  1 
ATOM   379  N N   . GLU A 1 47  ? -11.469 -3.554  14.948  1.00 16.86 ? 107 GLU A N   1 
ATOM   380  C CA  . GLU A 1 47  ? -12.413 -4.602  15.299  1.00 18.43 ? 107 GLU A CA  1 
ATOM   381  C C   . GLU A 1 47  ? -13.816 -4.277  14.768  1.00 18.62 ? 107 GLU A C   1 
ATOM   382  O O   . GLU A 1 47  ? -14.468 -5.119  14.152  1.00 18.41 ? 107 GLU A O   1 
ATOM   383  C CB  . GLU A 1 47  ? -12.437 -4.762  16.814  1.00 18.70 ? 107 GLU A CB  1 
ATOM   384  C CG  . GLU A 1 47  ? -13.568 -5.602  17.350  1.00 24.44 ? 107 GLU A CG  1 
ATOM   385  C CD  . GLU A 1 47  ? -13.301 -6.034  18.768  1.00 24.09 ? 107 GLU A CD  1 
ATOM   386  O OE1 . GLU A 1 47  ? -12.773 -7.142  18.946  1.00 22.63 ? 107 GLU A OE1 1 
ATOM   387  O OE2 . GLU A 1 47  ? -13.602 -5.257  19.697  1.00 28.65 ? 107 GLU A OE2 1 
ATOM   388  N N   . GLY A 1 48  ? -14.259 -3.049  14.995  1.00 20.23 ? 108 GLY A N   1 
ATOM   389  C CA  . GLY A 1 48  ? -15.573 -2.639  14.531  1.00 21.67 ? 108 GLY A CA  1 
ATOM   390  C C   . GLY A 1 48  ? -15.676 -2.619  13.019  1.00 22.10 ? 108 GLY A C   1 
ATOM   391  O O   . GLY A 1 48  ? -16.698 -3.013  12.452  1.00 22.92 ? 108 GLY A O   1 
ATOM   392  N N   . LEU A 1 49  ? -14.619 -2.152  12.361  1.00 20.16 ? 109 LEU A N   1 
ATOM   393  C CA  . LEU A 1 49  ? -14.600 -2.085  10.903  1.00 19.37 ? 109 LEU A CA  1 
ATOM   394  C C   . LEU A 1 49  ? -14.528 -3.473  10.284  1.00 17.99 ? 109 LEU A C   1 
ATOM   395  O O   . LEU A 1 49  ? -14.738 -3.633  9.078   1.00 17.78 ? 109 LEU A O   1 
ATOM   396  C CB  . LEU A 1 49  ? -13.408 -1.249  10.422  1.00 19.32 ? 109 LEU A CB  1 
ATOM   397  C CG  . LEU A 1 49  ? -13.506 0.258   10.674  1.00 20.23 ? 109 LEU A CG  1 
ATOM   398  C CD1 . LEU A 1 49  ? -12.172 0.924   10.404  1.00 20.59 ? 109 LEU A CD1 1 
ATOM   399  C CD2 . LEU A 1 49  ? -14.601 0.855   9.789   1.00 21.97 ? 109 LEU A CD2 1 
ATOM   400  N N   . GLY A 1 50  ? -14.228 -4.473  11.109  1.00 17.08 ? 110 GLY A N   1 
ATOM   401  C CA  . GLY A 1 50  ? -14.137 -5.841  10.631  1.00 14.77 ? 110 GLY A CA  1 
ATOM   402  C C   . GLY A 1 50  ? -12.799 -6.111  9.971   1.00 13.98 ? 110 GLY A C   1 
ATOM   403  O O   . GLY A 1 50  ? -12.667 -7.014  9.141   1.00 15.71 ? 110 GLY A O   1 
ATOM   404  N N   . ILE A 1 51  ? -11.801 -5.332  10.369  1.00 12.50 ? 111 ILE A N   1 
ATOM   405  C CA  . ILE A 1 51  ? -10.456 -5.414  9.810   1.00 11.47 ? 111 ILE A CA  1 
ATOM   406  C C   . ILE A 1 51  ? -9.537  -6.360  10.574  1.00 11.27 ? 111 ILE A C   1 
ATOM   407  O O   . ILE A 1 51  ? -9.418  -6.257  11.795  1.00 12.41 ? 111 ILE A O   1 
ATOM   408  C CB  . ILE A 1 51  ? -9.835  -3.993  9.771   1.00 11.68 ? 111 ILE A CB  1 
ATOM   409  C CG1 . ILE A 1 51  ? -10.504 -3.168  8.659   1.00 10.17 ? 111 ILE A CG1 1 
ATOM   410  C CG2 . ILE A 1 51  ? -8.324  -4.057  9.559   1.00 10.44 ? 111 ILE A CG2 1 
ATOM   411  C CD1 . ILE A 1 51  ? -9.957  -1.755  8.547   1.00 12.60 ? 111 ILE A CD1 1 
ATOM   412  N N   . ARG A 1 52  ? -8.901  -7.284  9.849   1.00 9.80  ? 112 ARG A N   1 
ATOM   413  C CA  . ARG A 1 52  ? -7.951  -8.233  10.442  1.00 9.65  ? 112 ARG A CA  1 
ATOM   414  C C   . ARG A 1 52  ? -6.584  -7.557  10.389  1.00 8.03  ? 112 ARG A C   1 
ATOM   415  O O   . ARG A 1 52  ? -6.156  -7.090  9.330   1.00 7.77  ? 112 ARG A O   1 
ATOM   416  C CB  . ARG A 1 52  ? -7.907  -9.527  9.638   1.00 10.88 ? 112 ARG A CB  1 
ATOM   417  C CG  . ARG A 1 52  ? -7.015  -10.607 10.248  1.00 12.67 ? 112 ARG A CG  1 
ATOM   418  C CD  . ARG A 1 52  ? -7.614  -11.183 11.527  1.00 14.87 ? 112 ARG A CD  1 
ATOM   419  N NE  . ARG A 1 52  ? -6.848  -12.340 11.997  1.00 13.73 ? 112 ARG A NE  1 
ATOM   420  C CZ  . ARG A 1 52  ? -6.184  -12.406 13.152  1.00 13.67 ? 112 ARG A CZ  1 
ATOM   421  N NH1 . ARG A 1 52  ? -6.170  -11.379 13.996  1.00 13.37 ? 112 ARG A NH1 1 
ATOM   422  N NH2 . ARG A 1 52  ? -5.523  -13.509 13.466  1.00 13.74 ? 112 ARG A NH2 1 
ATOM   423  N N   . TYR A 1 53  ? -5.882  -7.554  11.518  1.00 7.76  ? 113 TYR A N   1 
ATOM   424  C CA  . TYR A 1 53  ? -4.598  -6.869  11.633  1.00 7.41  ? 113 TYR A CA  1 
ATOM   425  C C   . TYR A 1 53  ? -3.355  -7.745  11.809  1.00 8.56  ? 113 TYR A C   1 
ATOM   426  O O   . TYR A 1 53  ? -3.410  -8.813  12.424  1.00 7.99  ? 113 TYR A O   1 
ATOM   427  C CB  . TYR A 1 53  ? -4.694  -5.941  12.838  1.00 7.96  ? 113 TYR A CB  1 
ATOM   428  C CG  . TYR A 1 53  ? -3.489  -5.088  13.152  1.00 6.11  ? 113 TYR A CG  1 
ATOM   429  C CD1 . TYR A 1 53  ? -3.176  -3.975  12.374  1.00 5.21  ? 113 TYR A CD1 1 
ATOM   430  C CD2 . TYR A 1 53  ? -2.720  -5.330  14.294  1.00 6.11  ? 113 TYR A CD2 1 
ATOM   431  C CE1 . TYR A 1 53  ? -2.149  -3.114  12.731  1.00 5.77  ? 113 TYR A CE1 1 
ATOM   432  C CE2 . TYR A 1 53  ? -1.679  -4.470  14.657  1.00 6.29  ? 113 TYR A CE2 1 
ATOM   433  C CZ  . TYR A 1 53  ? -1.407  -3.366  13.877  1.00 5.90  ? 113 TYR A CZ  1 
ATOM   434  O OH  . TYR A 1 53  ? -0.423  -2.475  14.268  1.00 6.35  ? 113 TYR A OH  1 
ATOM   435  N N   . LEU A 1 54  ? -2.239  -7.285  11.238  1.00 7.08  ? 114 LEU A N   1 
ATOM   436  C CA  . LEU A 1 54  ? -0.942  -7.938  11.439  1.00 5.61  ? 114 LEU A CA  1 
ATOM   437  C C   . LEU A 1 54  ? 0.016   -6.792  11.682  1.00 6.72  ? 114 LEU A C   1 
ATOM   438  O O   . LEU A 1 54  ? 0.131   -5.889  10.858  1.00 5.97  ? 114 LEU A O   1 
ATOM   439  C CB  . LEU A 1 54  ? -0.464  -8.772  10.240  1.00 6.14  ? 114 LEU A CB  1 
ATOM   440  C CG  . LEU A 1 54  ? 1.005   -9.216  10.408  1.00 8.66  ? 114 LEU A CG  1 
ATOM   441  C CD1 . LEU A 1 54  ? 1.187   -10.029 11.681  1.00 11.28 ? 114 LEU A CD1 1 
ATOM   442  C CD2 . LEU A 1 54  ? 1.446   -10.039 9.195   1.00 9.90  ? 114 LEU A CD2 1 
ATOM   443  N N   . GLY A 1 55  ? 0.655   -6.801  12.854  1.00 5.51  ? 115 GLY A N   1 
ATOM   444  C CA  . GLY A 1 55  ? 1.610   -5.765  13.194  1.00 6.62  ? 115 GLY A CA  1 
ATOM   445  C C   . GLY A 1 55  ? 3.016   -6.334  13.287  1.00 7.24  ? 115 GLY A C   1 
ATOM   446  O O   . GLY A 1 55  ? 3.291   -7.159  14.163  1.00 10.02 ? 115 GLY A O   1 
ATOM   447  N N   . VAL A 1 56  ? 3.903   -5.945  12.379  1.00 7.20  ? 116 VAL A N   1 
ATOM   448  C CA  . VAL A 1 56  ? 5.278   -6.444  12.465  1.00 8.18  ? 116 VAL A CA  1 
ATOM   449  C C   . VAL A 1 56  ? 6.139   -5.314  13.020  1.00 8.55  ? 116 VAL A C   1 
ATOM   450  O O   . VAL A 1 56  ? 5.986   -4.152  12.647  1.00 7.23  ? 116 VAL A O   1 
ATOM   451  C CB  . VAL A 1 56  ? 5.835   -6.936  11.102  1.00 13.15 ? 116 VAL A CB  1 
ATOM   452  C CG1 . VAL A 1 56  ? 5.048   -8.159  10.632  1.00 14.04 ? 116 VAL A CG1 1 
ATOM   453  C CG2 . VAL A 1 56  ? 5.794   -5.849  10.095  1.00 13.57 ? 116 VAL A CG2 1 
ATOM   454  N N   . GLU A 1 57  ? 7.027   -5.660  13.939  1.00 8.52  ? 117 GLU A N   1 
ATOM   455  C CA  . GLU A 1 57  ? 7.886   -4.664  14.558  1.00 10.38 ? 117 GLU A CA  1 
ATOM   456  C C   . GLU A 1 57  ? 9.191   -4.556  13.786  1.00 11.54 ? 117 GLU A C   1 
ATOM   457  O O   . GLU A 1 57  ? 9.932   -5.531  13.625  1.00 12.16 ? 117 GLU A O   1 
ATOM   458  C CB  . GLU A 1 57  ? 8.100   -5.046  16.024  1.00 12.99 ? 117 GLU A CB  1 
ATOM   459  C CG  . GLU A 1 57  ? 6.772   -5.054  16.779  1.00 13.97 ? 117 GLU A CG  1 
ATOM   460  C CD  . GLU A 1 57  ? 6.780   -5.905  18.036  1.00 18.18 ? 117 GLU A CD  1 
ATOM   461  O OE1 . GLU A 1 57  ? 7.860   -6.070  18.636  1.00 17.23 ? 117 GLU A OE1 1 
ATOM   462  O OE2 . GLU A 1 57  ? 5.693   -6.395  18.424  1.00 17.30 ? 117 GLU A OE2 1 
ATOM   463  N N   . ALA A 1 58  ? 9.457   -3.358  13.288  1.00 10.93 ? 118 ALA A N   1 
ATOM   464  C CA  . ALA A 1 58  ? 10.647  -3.135  12.486  1.00 11.62 ? 118 ALA A CA  1 
ATOM   465  C C   . ALA A 1 58  ? 11.082  -1.684  12.548  1.00 13.23 ? 118 ALA A C   1 
ATOM   466  O O   . ALA A 1 58  ? 10.255  -0.775  12.609  1.00 13.68 ? 118 ALA A O   1 
ATOM   467  C CB  . ALA A 1 58  ? 10.365  -3.520  11.039  1.00 10.91 ? 118 ALA A CB  1 
ATOM   468  N N   . HIS A 1 59  ? 12.389  -1.480  12.540  1.00 14.72 ? 119 HIS A N   1 
ATOM   469  C CA  . HIS A 1 59  ? 12.952  -0.141  12.571  1.00 16.81 ? 119 HIS A CA  1 
ATOM   470  C C   . HIS A 1 59  ? 13.472  0.128   11.173  1.00 14.82 ? 119 HIS A C   1 
ATOM   471  O O   . HIS A 1 59  ? 13.961  -0.783  10.499  1.00 13.24 ? 119 HIS A O   1 
ATOM   472  C CB  . HIS A 1 59  ? 14.086  -0.079  13.590  1.00 22.53 ? 119 HIS A CB  1 
ATOM   473  C CG  . HIS A 1 59  ? 13.655  -0.422  14.982  1.00 27.68 ? 119 HIS A CG  1 
ATOM   474  N ND1 . HIS A 1 59  ? 14.543  -0.778  15.974  1.00 31.49 ? 119 HIS A ND1 1 
ATOM   475  C CD2 . HIS A 1 59  ? 12.425  -0.452  15.550  1.00 30.57 ? 119 HIS A CD2 1 
ATOM   476  C CE1 . HIS A 1 59  ? 13.880  -1.012  17.094  1.00 31.47 ? 119 HIS A CE1 1 
ATOM   477  N NE2 . HIS A 1 59  ? 12.594  -0.821  16.863  1.00 32.50 ? 119 HIS A NE2 1 
ATOM   478  N N   . ASP A 1 60  ? 13.339  1.371   10.726  1.00 14.19 ? 120 ASP A N   1 
ATOM   479  C CA  . ASP A 1 60  ? 13.798  1.740   9.395   1.00 14.23 ? 120 ASP A CA  1 
ATOM   480  C C   . ASP A 1 60  ? 15.278  2.088   9.449   1.00 14.68 ? 120 ASP A C   1 
ATOM   481  O O   . ASP A 1 60  ? 15.675  3.247   9.295   1.00 15.90 ? 120 ASP A O   1 
ATOM   482  C CB  . ASP A 1 60  ? 12.970  2.911   8.851   1.00 14.05 ? 120 ASP A CB  1 
ATOM   483  C CG  . ASP A 1 60  ? 13.249  3.189   7.380   1.00 14.67 ? 120 ASP A CG  1 
ATOM   484  O OD1 . ASP A 1 60  ? 13.778  2.292   6.687   1.00 13.76 ? 120 ASP A OD1 1 
ATOM   485  O OD2 . ASP A 1 60  ? 12.927  4.306   6.914   1.00 15.88 ? 120 ASP A OD2 1 
ATOM   486  N N   . SER A 1 61  ? 16.085  1.054   9.670   1.00 13.83 ? 121 SER A N   1 
ATOM   487  C CA  . SER A 1 61  ? 17.535  1.172   9.765   1.00 15.51 ? 121 SER A CA  1 
ATOM   488  C C   . SER A 1 61  ? 18.200  0.105   8.903   1.00 14.86 ? 121 SER A C   1 
ATOM   489  O O   . SER A 1 61  ? 17.695  -1.014  8.784   1.00 14.94 ? 121 SER A O   1 
ATOM   490  C CB  . SER A 1 61  ? 17.981  0.983   11.218  1.00 17.08 ? 121 SER A CB  1 
ATOM   491  O OG  . SER A 1 61  ? 19.372  0.696   11.291  1.00 16.43 ? 121 SER A OG  1 
ATOM   492  N N   . PRO A 1 62  ? 19.340  0.438   8.276   1.00 15.98 ? 122 PRO A N   1 
ATOM   493  C CA  . PRO A 1 62  ? 20.052  -0.531  7.432   1.00 15.56 ? 122 PRO A CA  1 
ATOM   494  C C   . PRO A 1 62  ? 20.514  -1.716  8.274   1.00 15.01 ? 122 PRO A C   1 
ATOM   495  O O   . PRO A 1 62  ? 20.845  -2.779  7.739   1.00 14.84 ? 122 PRO A O   1 
ATOM   496  C CB  . PRO A 1 62  ? 21.233  0.280   6.894   1.00 17.80 ? 122 PRO A CB  1 
ATOM   497  C CG  . PRO A 1 62  ? 20.695  1.673   6.864   1.00 19.41 ? 122 PRO A CG  1 
ATOM   498  C CD  . PRO A 1 62  ? 19.959  1.769   8.180   1.00 17.37 ? 122 PRO A CD  1 
ATOM   499  N N   . ALA A 1 63  ? 20.534  -1.517  9.594   1.00 13.91 ? 123 ALA A N   1 
ATOM   500  C CA  . ALA A 1 63  ? 20.948  -2.550  10.551  1.00 12.13 ? 123 ALA A CA  1 
ATOM   501  C C   . ALA A 1 63  ? 19.807  -3.502  10.920  1.00 11.58 ? 123 ALA A C   1 
ATOM   502  O O   . ALA A 1 63  ? 20.019  -4.490  11.625  1.00 11.36 ? 123 ALA A O   1 
ATOM   503  C CB  . ALA A 1 63  ? 21.486  -1.907  11.822  1.00 14.32 ? 123 ALA A CB  1 
ATOM   504  N N   . PHE A 1 64  ? 18.595  -3.194  10.478  1.00 10.56 ? 124 PHE A N   1 
ATOM   505  C CA  . PHE A 1 64  ? 17.467  -4.071  10.777  1.00 9.53  ? 124 PHE A CA  1 
ATOM   506  C C   . PHE A 1 64  ? 17.268  -4.983  9.576   1.00 10.60 ? 124 PHE A C   1 
ATOM   507  O O   . PHE A 1 64  ? 17.175  -4.499  8.441   1.00 11.20 ? 124 PHE A O   1 
ATOM   508  C CB  . PHE A 1 64  ? 16.182  -3.271  11.013  1.00 9.13  ? 124 PHE A CB  1 
ATOM   509  C CG  . PHE A 1 64  ? 15.032  -4.124  11.460  1.00 9.19  ? 124 PHE A CG  1 
ATOM   510  C CD1 . PHE A 1 64  ? 14.857  -4.421  12.807  1.00 10.73 ? 124 PHE A CD1 1 
ATOM   511  C CD2 . PHE A 1 64  ? 14.178  -4.707  10.524  1.00 9.81  ? 124 PHE A CD2 1 
ATOM   512  C CE1 . PHE A 1 64  ? 13.846  -5.295  13.219  1.00 11.13 ? 124 PHE A CE1 1 
ATOM   513  C CE2 . PHE A 1 64  ? 13.169  -5.580  10.928  1.00 11.64 ? 124 PHE A CE2 1 
ATOM   514  C CZ  . PHE A 1 64  ? 13.007  -5.873  12.274  1.00 10.84 ? 124 PHE A CZ  1 
ATOM   515  N N   . ASP A 1 65  ? 17.227  -6.293  9.803   1.00 9.18  ? 125 ASP A N   1 
ATOM   516  C CA  . ASP A 1 65  ? 17.042  -7.216  8.684   1.00 9.42  ? 125 ASP A CA  1 
ATOM   517  C C   . ASP A 1 65  ? 15.570  -7.492  8.467   1.00 8.83  ? 125 ASP A C   1 
ATOM   518  O O   . ASP A 1 65  ? 14.992  -8.388  9.076   1.00 8.72  ? 125 ASP A O   1 
ATOM   519  C CB  . ASP A 1 65  ? 17.767  -8.547  8.892   1.00 11.13 ? 125 ASP A CB  1 
ATOM   520  C CG  . ASP A 1 65  ? 17.905  -9.339  7.584   1.00 12.96 ? 125 ASP A CG  1 
ATOM   521  O OD1 . ASP A 1 65  ? 17.226  -8.984  6.600   1.00 11.39 ? 125 ASP A OD1 1 
ATOM   522  O OD2 . ASP A 1 65  ? 18.681  -10.320 7.525   1.00 15.42 ? 125 ASP A OD2 1 
ATOM   523  N N   . MET A 1 66  ? 14.977  -6.702  7.583   1.00 7.70  ? 126 MET A N   1 
ATOM   524  C CA  . MET A 1 66  ? 13.561  -6.806  7.238   1.00 8.30  ? 126 MET A CA  1 
ATOM   525  C C   . MET A 1 66  ? 13.236  -8.212  6.708   1.00 8.59  ? 126 MET A C   1 
ATOM   526  O O   . MET A 1 66  ? 12.078  -8.642  6.743   1.00 8.73  ? 126 MET A O   1 
ATOM   527  C CB  . MET A 1 66  ? 13.262  -5.726  6.186   1.00 8.04  ? 126 MET A CB  1 
ATOM   528  C CG  . MET A 1 66  ? 11.899  -5.046  6.193   1.00 11.57 ? 126 MET A CG  1 
ATOM   529  S SD  . MET A 1 66  ? 11.254  -4.439  7.785   1.00 7.05  ? 126 MET A SD  1 
ATOM   530  C CE  . MET A 1 66  ? 10.300  -5.772  7.795   1.00 0.98  ? 126 MET A CE  1 
ATOM   531  N N   . SER A 1 67  ? 14.256  -8.933  6.233   1.00 9.53  ? 127 SER A N   1 
ATOM   532  C CA  . SER A 1 67  ? 14.061  -10.288 5.698   1.00 9.96  ? 127 SER A CA  1 
ATOM   533  C C   . SER A 1 67  ? 13.340  -11.190 6.686   1.00 9.56  ? 127 SER A C   1 
ATOM   534  O O   . SER A 1 67  ? 12.648  -12.127 6.288   1.00 9.28  ? 127 SER A O   1 
ATOM   535  C CB  . SER A 1 67  ? 15.407  -10.942 5.363   1.00 10.63 ? 127 SER A CB  1 
ATOM   536  O OG  . SER A 1 67  ? 16.145  -10.127 4.480   1.00 14.76 ? 127 SER A OG  1 
ATOM   537  N N   . ILE A 1 68  ? 13.523  -10.918 7.972   1.00 10.29 ? 128 ILE A N   1 
ATOM   538  C CA  . ILE A 1 68  ? 12.890  -11.728 9.008   1.00 10.94 ? 128 ILE A CA  1 
ATOM   539  C C   . ILE A 1 68  ? 11.368  -11.722 8.896   1.00 9.70  ? 128 ILE A C   1 
ATOM   540  O O   . ILE A 1 68  ? 10.701  -12.653 9.369   1.00 10.26 ? 128 ILE A O   1 
ATOM   541  C CB  . ILE A 1 68  ? 13.298  -11.248 10.427  1.00 11.25 ? 128 ILE A CB  1 
ATOM   542  C CG1 . ILE A 1 68  ? 12.882  -12.285 11.461  1.00 15.91 ? 128 ILE A CG1 1 
ATOM   543  C CG2 . ILE A 1 68  ? 12.628  -9.924  10.766  1.00 10.06 ? 128 ILE A CG2 1 
ATOM   544  C CD1 . ILE A 1 68  ? 13.272  -11.919 12.868  1.00 20.28 ? 128 ILE A CD1 1 
ATOM   545  N N   . HIS A 1 69  ? 10.821  -10.688 8.269   1.00 7.72  ? 129 HIS A N   1 
ATOM   546  C CA  . HIS A 1 69  ? 9.374   -10.578 8.126   1.00 8.35  ? 129 HIS A CA  1 
ATOM   547  C C   . HIS A 1 69  ? 8.844   -10.858 6.719   1.00 7.87  ? 129 HIS A C   1 
ATOM   548  O O   . HIS A 1 69  ? 7.636   -10.846 6.513   1.00 7.64  ? 129 HIS A O   1 
ATOM   549  C CB  . HIS A 1 69  ? 8.901   -9.174  8.519   1.00 7.87  ? 129 HIS A CB  1 
ATOM   550  C CG  . HIS A 1 69  ? 9.193   -8.796  9.936   1.00 11.41 ? 129 HIS A CG  1 
ATOM   551  N ND1 . HIS A 1 69  ? 8.792   -9.559  11.010  1.00 12.13 ? 129 HIS A ND1 1 
ATOM   552  C CD2 . HIS A 1 69  ? 9.784   -7.694  10.457  1.00 13.77 ? 129 HIS A CD2 1 
ATOM   553  C CE1 . HIS A 1 69  ? 9.120   -8.942  12.133  1.00 13.90 ? 129 HIS A CE1 1 
ATOM   554  N NE2 . HIS A 1 69  ? 9.722   -7.809  11.824  1.00 14.53 ? 129 HIS A NE2 1 
ATOM   555  N N   . PHE A 1 70  ? 9.722   -11.102 5.749   1.00 7.09  ? 130 PHE A N   1 
ATOM   556  C CA  . PHE A 1 70  ? 9.244   -11.331 4.385   1.00 8.37  ? 130 PHE A CA  1 
ATOM   557  C C   . PHE A 1 70  ? 8.174   -12.412 4.261   1.00 8.78  ? 130 PHE A C   1 
ATOM   558  O O   . PHE A 1 70  ? 7.133   -12.196 3.638   1.00 8.11  ? 130 PHE A O   1 
ATOM   559  C CB  . PHE A 1 70  ? 10.391  -11.719 3.450   1.00 6.83  ? 130 PHE A CB  1 
ATOM   560  C CG  . PHE A 1 70  ? 11.344  -10.595 3.134   1.00 8.39  ? 130 PHE A CG  1 
ATOM   561  C CD1 . PHE A 1 70  ? 11.084  -9.288  3.536   1.00 7.31  ? 130 PHE A CD1 1 
ATOM   562  C CD2 . PHE A 1 70  ? 12.497  -10.853 2.400   1.00 8.62  ? 130 PHE A CD2 1 
ATOM   563  C CE1 . PHE A 1 70  ? 11.970  -8.242  3.204   1.00 9.76  ? 130 PHE A CE1 1 
ATOM   564  C CE2 . PHE A 1 70  ? 13.391  -9.816  2.062   1.00 9.69  ? 130 PHE A CE2 1 
ATOM   565  C CZ  . PHE A 1 70  ? 13.121  -8.517  2.463   1.00 8.36  ? 130 PHE A CZ  1 
ATOM   566  N N   . GLN A 1 71  ? 8.438   -13.575 4.841   1.00 7.63  ? 131 GLN A N   1 
ATOM   567  C CA  . GLN A 1 71  ? 7.500   -14.684 4.717   1.00 9.25  ? 131 GLN A CA  1 
ATOM   568  C C   . GLN A 1 71  ? 6.174   -14.461 5.428   1.00 9.27  ? 131 GLN A C   1 
ATOM   569  O O   . GLN A 1 71  ? 5.111   -14.679 4.841   1.00 8.85  ? 131 GLN A O   1 
ATOM   570  C CB  . GLN A 1 71  ? 8.136   -15.985 5.212   1.00 11.71 ? 131 GLN A CB  1 
ATOM   571  C CG  . GLN A 1 71  ? 7.386   -17.232 4.733   1.00 10.93 ? 131 GLN A CG  1 
ATOM   572  C CD  . GLN A 1 71  ? 8.107   -18.530 5.064   1.00 14.23 ? 131 GLN A CD  1 
ATOM   573  O OE1 . GLN A 1 71  ? 8.014   -19.040 6.180   1.00 14.91 ? 131 GLN A OE1 1 
ATOM   574  N NE2 . GLN A 1 71  ? 8.836   -19.063 4.091   1.00 14.21 ? 131 GLN A NE2 1 
ATOM   575  N N   . THR A 1 72  ? 6.232   -14.018 6.680   1.00 8.57  ? 132 THR A N   1 
ATOM   576  C CA  . THR A 1 72  ? 5.014   -13.797 7.449   1.00 8.94  ? 132 THR A CA  1 
ATOM   577  C C   . THR A 1 72  ? 4.163   -12.717 6.811   1.00 7.65  ? 132 THR A C   1 
ATOM   578  O O   . THR A 1 72  ? 2.950   -12.863 6.686   1.00 6.34  ? 132 THR A O   1 
ATOM   579  C CB  . THR A 1 72  ? 5.338   -13.396 8.902   1.00 12.97 ? 132 THR A CB  1 
ATOM   580  O OG1 . THR A 1 72  ? 6.040   -14.472 9.537   1.00 16.81 ? 132 THR A OG1 1 
ATOM   581  C CG2 . THR A 1 72  ? 4.056   -13.119 9.672   1.00 14.71 ? 132 THR A CG2 1 
ATOM   582  N N   . ALA A 1 73  ? 4.799   -11.624 6.398   1.00 6.19  ? 133 ALA A N   1 
ATOM   583  C CA  . ALA A 1 73  ? 4.050   -10.550 5.765   1.00 6.51  ? 133 ALA A CA  1 
ATOM   584  C C   . ALA A 1 73  ? 3.471   -11.008 4.433   1.00 6.35  ? 133 ALA A C   1 
ATOM   585  O O   . ALA A 1 73  ? 2.317   -10.736 4.145   1.00 4.33  ? 133 ALA A O   1 
ATOM   586  C CB  . ALA A 1 73  ? 4.947   -9.317  5.552   1.00 7.04  ? 133 ALA A CB  1 
ATOM   587  N N   . ALA A 1 74  ? 4.275   -11.677 3.611   1.00 4.01  ? 134 ALA A N   1 
ATOM   588  C CA  . ALA A 1 74  ? 3.784   -12.120 2.315   1.00 5.02  ? 134 ALA A CA  1 
ATOM   589  C C   . ALA A 1 74  ? 2.639   -13.110 2.499   1.00 4.41  ? 134 ALA A C   1 
ATOM   590  O O   . ALA A 1 74  ? 1.644   -13.075 1.773   1.00 5.91  ? 134 ALA A O   1 
ATOM   591  C CB  . ALA A 1 74  ? 4.932   -12.745 1.505   1.00 5.01  ? 134 ALA A CB  1 
ATOM   592  N N   . ASP A 1 75  ? 2.771   -13.984 3.489   1.00 3.59  ? 135 ASP A N   1 
ATOM   593  C CA  . ASP A 1 75  ? 1.722   -14.972 3.739   1.00 5.96  ? 135 ASP A CA  1 
ATOM   594  C C   . ASP A 1 75  ? 0.412   -14.302 4.141   1.00 5.57  ? 135 ASP A C   1 
ATOM   595  O O   . ASP A 1 75  ? -0.674  -14.770 3.792   1.00 6.38  ? 135 ASP A O   1 
ATOM   596  C CB  . ASP A 1 75  ? 2.160   -15.943 4.845   1.00 4.32  ? 135 ASP A CB  1 
ATOM   597  C CG  . ASP A 1 75  ? 3.238   -16.919 4.381   1.00 8.52  ? 135 ASP A CG  1 
ATOM   598  O OD1 . ASP A 1 75  ? 3.594   -16.908 3.184   1.00 9.19  ? 135 ASP A OD1 1 
ATOM   599  O OD2 . ASP A 1 75  ? 3.726   -17.708 5.229   1.00 9.60  ? 135 ASP A OD2 1 
ATOM   600  N N   . PHE A 1 76  ? 0.516   -13.206 4.882   1.00 3.51  ? 136 PHE A N   1 
ATOM   601  C CA  . PHE A 1 76  ? -0.660  -12.478 5.339   1.00 3.59  ? 136 PHE A CA  1 
ATOM   602  C C   . PHE A 1 76  ? -1.338  -11.788 4.172   1.00 5.42  ? 136 PHE A C   1 
ATOM   603  O O   . PHE A 1 76  ? -2.558  -11.858 4.020   1.00 6.52  ? 136 PHE A O   1 
ATOM   604  C CB  . PHE A 1 76  ? -0.244  -11.454 6.395   1.00 3.96  ? 136 PHE A CB  1 
ATOM   605  C CG  . PHE A 1 76  ? -1.370  -10.623 6.912   1.00 4.49  ? 136 PHE A CG  1 
ATOM   606  C CD1 . PHE A 1 76  ? -2.272  -11.142 7.833   1.00 5.81  ? 136 PHE A CD1 1 
ATOM   607  C CD2 . PHE A 1 76  ? -1.506  -9.300  6.521   1.00 8.27  ? 136 PHE A CD2 1 
ATOM   608  C CE1 . PHE A 1 76  ? -3.286  -10.347 8.360   1.00 7.12  ? 136 PHE A CE1 1 
ATOM   609  C CE2 . PHE A 1 76  ? -2.521  -8.496  7.043   1.00 6.75  ? 136 PHE A CE2 1 
ATOM   610  C CZ  . PHE A 1 76  ? -3.412  -9.019  7.966   1.00 8.02  ? 136 PHE A CZ  1 
ATOM   611  N N   . ILE A 1 77  ? -0.549  -11.105 3.355   1.00 5.61  ? 137 ILE A N   1 
ATOM   612  C CA  . ILE A 1 77  ? -1.094  -10.420 2.184   1.00 5.63  ? 137 ILE A CA  1 
ATOM   613  C C   . ILE A 1 77  ? -1.748  -11.452 1.255   1.00 6.51  ? 137 ILE A C   1 
ATOM   614  O O   . ILE A 1 77  ? -2.832  -11.230 0.719   1.00 6.27  ? 137 ILE A O   1 
ATOM   615  C CB  . ILE A 1 77  ? 0.025   -9.665  1.439   1.00 6.23  ? 137 ILE A CB  1 
ATOM   616  C CG1 . ILE A 1 77  ? 0.578   -8.564  2.353   1.00 7.57  ? 137 ILE A CG1 1 
ATOM   617  C CG2 . ILE A 1 77  ? -0.506  -9.096  0.136   1.00 7.24  ? 137 ILE A CG2 1 
ATOM   618  C CD1 . ILE A 1 77  ? 1.874   -7.916  1.858   1.00 5.67  ? 137 ILE A CD1 1 
ATOM   619  N N   . HIS A 1 78  ? -1.093  -12.595 1.087   1.00 6.29  ? 138 HIS A N   1 
ATOM   620  C CA  . HIS A 1 78  ? -1.626  -13.662 0.247   1.00 6.19  ? 138 HIS A CA  1 
ATOM   621  C C   . HIS A 1 78  ? -2.975  -14.141 0.774   1.00 6.38  ? 138 HIS A C   1 
ATOM   622  O O   . HIS A 1 78  ? -3.914  -14.353 0.009   1.00 6.22  ? 138 HIS A O   1 
ATOM   623  C CB  . HIS A 1 78  ? -0.635  -14.839 0.214   1.00 5.04  ? 138 HIS A CB  1 
ATOM   624  C CG  . HIS A 1 78  ? -1.194  -16.088 -0.391  1.00 5.70  ? 138 HIS A CG  1 
ATOM   625  N ND1 . HIS A 1 78  ? -1.506  -16.204 -1.731  1.00 6.83  ? 138 HIS A ND1 1 
ATOM   626  C CD2 . HIS A 1 78  ? -1.473  -17.290 0.166   1.00 6.40  ? 138 HIS A CD2 1 
ATOM   627  C CE1 . HIS A 1 78  ? -1.949  -17.428 -1.972  1.00 8.03  ? 138 HIS A CE1 1 
ATOM   628  N NE2 . HIS A 1 78  ? -1.940  -18.104 -0.836  1.00 6.38  ? 138 HIS A NE2 1 
ATOM   629  N N   . ARG A 1 79  ? -3.079  -14.300 2.089   1.00 5.41  ? 139 ARG A N   1 
ATOM   630  C CA  . ARG A 1 79  ? -4.339  -14.768 2.659   1.00 6.61  ? 139 ARG A CA  1 
ATOM   631  C C   . ARG A 1 79  ? -5.447  -13.744 2.402   1.00 6.46  ? 139 ARG A C   1 
ATOM   632  O O   . ARG A 1 79  ? -6.580  -14.109 2.055   1.00 8.63  ? 139 ARG A O   1 
ATOM   633  C CB  . ARG A 1 79  ? -4.195  -15.027 4.158   1.00 6.93  ? 139 ARG A CB  1 
ATOM   634  C CG  . ARG A 1 79  ? -5.418  -15.748 4.746   1.00 10.36 ? 139 ARG A CG  1 
ATOM   635  C CD  . ARG A 1 79  ? -5.218  -16.085 6.220   1.00 11.83 ? 139 ARG A CD  1 
ATOM   636  N NE  . ARG A 1 79  ? -3.996  -16.869 6.373   1.00 10.90 ? 139 ARG A NE  1 
ATOM   637  C CZ  . ARG A 1 79  ? -2.894  -16.431 6.967   1.00 10.27 ? 139 ARG A CZ  1 
ATOM   638  N NH1 . ARG A 1 79  ? -2.861  -15.210 7.494   1.00 10.00 ? 139 ARG A NH1 1 
ATOM   639  N NH2 . ARG A 1 79  ? -1.802  -17.193 6.984   1.00 10.63 ? 139 ARG A NH2 1 
ATOM   640  N N   . ALA A 1 80  ? -5.113  -12.470 2.560   1.00 5.39  ? 140 ALA A N   1 
ATOM   641  C CA  . ALA A 1 80  ? -6.083  -11.404 2.335   1.00 6.46  ? 140 ALA A CA  1 
ATOM   642  C C   . ALA A 1 80  ? -6.535  -11.342 0.880   1.00 8.93  ? 140 ALA A C   1 
ATOM   643  O O   . ALA A 1 80  ? -7.732  -11.293 0.597   1.00 9.97  ? 140 ALA A O   1 
ATOM   644  C CB  . ALA A 1 80  ? -5.477  -10.054 2.744   1.00 6.94  ? 140 ALA A CB  1 
ATOM   645  N N   . LEU A 1 81  ? -5.582  -11.363 -0.046  1.00 8.68  ? 141 LEU A N   1 
ATOM   646  C CA  . LEU A 1 81  ? -5.927  -11.251 -1.455  1.00 12.01 ? 141 LEU A CA  1 
ATOM   647  C C   . LEU A 1 81  ? -6.497  -12.499 -2.110  1.00 14.78 ? 141 LEU A C   1 
ATOM   648  O O   . LEU A 1 81  ? -7.104  -12.417 -3.180  1.00 15.41 ? 141 LEU A O   1 
ATOM   649  C CB  . LEU A 1 81  ? -4.717  -10.744 -2.235  1.00 9.74  ? 141 LEU A CB  1 
ATOM   650  C CG  . LEU A 1 81  ? -4.215  -9.375  -1.756  1.00 11.10 ? 141 LEU A CG  1 
ATOM   651  C CD1 . LEU A 1 81  ? -3.012  -8.948  -2.604  1.00 13.03 ? 141 LEU A CD1 1 
ATOM   652  C CD2 . LEU A 1 81  ? -5.331  -8.327  -1.863  1.00 10.57 ? 141 LEU A CD2 1 
ATOM   653  N N   . SER A 1 82  ? -6.309  -13.647 -1.470  1.00 14.24 ? 142 SER A N   1 
ATOM   654  C CA  . SER A 1 82  ? -6.827  -14.906 -1.982  1.00 18.68 ? 142 SER A CA  1 
ATOM   655  C C   . SER A 1 82  ? -8.341  -15.026 -1.844  1.00 21.87 ? 142 SER A C   1 
ATOM   656  O O   . SER A 1 82  ? -8.972  -15.825 -2.537  1.00 24.37 ? 142 SER A O   1 
ATOM   657  C CB  . SER A 1 82  ? -6.161  -16.073 -1.261  1.00 18.16 ? 142 SER A CB  1 
ATOM   658  O OG  . SER A 1 82  ? -4.845  -16.210 -1.724  1.00 18.11 ? 142 SER A OG  1 
ATOM   659  N N   . GLN A 1 83  ? -8.928  -14.242 -0.949  1.00 24.34 ? 143 GLN A N   1 
ATOM   660  C CA  . GLN A 1 83  ? -10.369 -14.304 -0.765  1.00 28.30 ? 143 GLN A CA  1 
ATOM   661  C C   . GLN A 1 83  ? -11.068 -13.157 -1.487  1.00 29.40 ? 143 GLN A C   1 
ATOM   662  O O   . GLN A 1 83  ? -10.698 -11.990 -1.344  1.00 28.50 ? 143 GLN A O   1 
ATOM   663  C CB  . GLN A 1 83  ? -10.711 -14.325 0.730   1.00 30.89 ? 143 GLN A CB  1 
ATOM   664  C CG  . GLN A 1 83  ? -10.056 -13.234 1.565   1.00 34.07 ? 143 GLN A CG  1 
ATOM   665  C CD  . GLN A 1 83  ? -10.117 -13.516 3.065   1.00 35.87 ? 143 GLN A CD  1 
ATOM   666  O OE1 . GLN A 1 83  ? -11.194 -13.658 3.645   1.00 37.44 ? 143 GLN A OE1 1 
ATOM   667  N NE2 . GLN A 1 83  ? -8.954  -13.593 3.697   1.00 36.38 ? 143 GLN A NE2 1 
ATOM   668  N N   . PRO A 1 84  ? -12.057 -13.484 -2.334  1.00 30.48 ? 144 PRO A N   1 
ATOM   669  C CA  . PRO A 1 84  ? -12.741 -12.398 -3.031  1.00 29.08 ? 144 PRO A CA  1 
ATOM   670  C C   . PRO A 1 84  ? -13.306 -11.411 -2.019  1.00 26.63 ? 144 PRO A C   1 
ATOM   671  O O   . PRO A 1 84  ? -13.915 -11.795 -1.015  1.00 27.55 ? 144 PRO A O   1 
ATOM   672  C CB  . PRO A 1 84  ? -13.810 -13.132 -3.832  1.00 31.10 ? 144 PRO A CB  1 
ATOM   673  C CG  . PRO A 1 84  ? -13.069 -14.373 -4.248  1.00 32.64 ? 144 PRO A CG  1 
ATOM   674  C CD  . PRO A 1 84  ? -12.397 -14.785 -2.938  1.00 31.98 ? 144 PRO A CD  1 
ATOM   675  N N   . GLY A 1 85  ? -13.076 -10.137 -2.295  1.00 23.47 ? 145 GLY A N   1 
ATOM   676  C CA  . GLY A 1 85  ? -13.530 -9.081  -1.418  1.00 19.51 ? 145 GLY A CA  1 
ATOM   677  C C   . GLY A 1 85  ? -12.363 -8.601  -0.580  1.00 16.92 ? 145 GLY A C   1 
ATOM   678  O O   . GLY A 1 85  ? -12.419 -7.528  0.023   1.00 15.72 ? 145 GLY A O   1 
ATOM   679  N N   . GLY A 1 86  ? -11.298 -9.398  -0.533  1.00 15.47 ? 146 GLY A N   1 
ATOM   680  C CA  . GLY A 1 86  ? -10.135 -9.010  0.254   1.00 12.33 ? 146 GLY A CA  1 
ATOM   681  C C   . GLY A 1 86  ? -9.463  -7.744  -0.248  1.00 11.26 ? 146 GLY A C   1 
ATOM   682  O O   . GLY A 1 86  ? -9.122  -7.649  -1.424  1.00 9.74  ? 146 GLY A O   1 
ATOM   683  N N   . LYS A 1 87  ? -9.278  -6.774  0.647   1.00 10.55 ? 147 LYS A N   1 
ATOM   684  C CA  . LYS A 1 87  ? -8.620  -5.503  0.346   1.00 9.87  ? 147 LYS A CA  1 
ATOM   685  C C   . LYS A 1 87  ? -7.702  -5.188  1.526   1.00 9.43  ? 147 LYS A C   1 
ATOM   686  O O   . LYS A 1 87  ? -8.164  -5.021  2.662   1.00 10.01 ? 147 LYS A O   1 
ATOM   687  C CB  . LYS A 1 87  ? -9.655  -4.383  0.167   1.00 9.69  ? 147 LYS A CB  1 
ATOM   688  C CG  . LYS A 1 87  ? -10.489 -4.554  -1.095  1.00 14.76 ? 147 LYS A CG  1 
ATOM   689  C CD  . LYS A 1 87  ? -11.387 -3.349  -1.350  1.00 17.15 ? 147 LYS A CD  1 
ATOM   690  C CE  . LYS A 1 87  ? -12.131 -3.505  -2.669  1.00 22.26 ? 147 LYS A CE  1 
ATOM   691  N NZ  . LYS A 1 87  ? -13.012 -4.708  -2.673  1.00 25.88 ? 147 LYS A NZ  1 
ATOM   692  N N   . ILE A 1 88  ? -6.406  -5.078  1.253   1.00 7.05  ? 148 ILE A N   1 
ATOM   693  C CA  . ILE A 1 88  ? -5.440  -4.839  2.308   1.00 6.63  ? 148 ILE A CA  1 
ATOM   694  C C   . ILE A 1 88  ? -4.691  -3.520  2.196   1.00 6.76  ? 148 ILE A C   1 
ATOM   695  O O   . ILE A 1 88  ? -4.345  -3.083  1.097   1.00 7.90  ? 148 ILE A O   1 
ATOM   696  C CB  . ILE A 1 88  ? -4.417  -6.014  2.354   1.00 4.96  ? 148 ILE A CB  1 
ATOM   697  C CG1 . ILE A 1 88  ? -3.414  -5.818  3.482   1.00 5.88  ? 148 ILE A CG1 1 
ATOM   698  C CG2 . ILE A 1 88  ? -3.703  -6.145  1.016   1.00 7.70  ? 148 ILE A CG2 1 
ATOM   699  C CD1 . ILE A 1 88  ? -2.647  -7.103  3.826   1.00 8.05  ? 148 ILE A CD1 1 
ATOM   700  N N   . LEU A 1 89  ? -4.475  -2.883  3.343   1.00 6.50  ? 149 LEU A N   1 
ATOM   701  C CA  . LEU A 1 89  ? -3.712  -1.642  3.400   1.00 7.71  ? 149 LEU A CA  1 
ATOM   702  C C   . LEU A 1 89  ? -2.398  -2.000  4.078   1.00 7.30  ? 149 LEU A C   1 
ATOM   703  O O   . LEU A 1 89  ? -2.405  -2.623  5.139   1.00 8.24  ? 149 LEU A O   1 
ATOM   704  C CB  . LEU A 1 89  ? -4.422  -0.573  4.248   1.00 7.16  ? 149 LEU A CB  1 
ATOM   705  C CG  . LEU A 1 89  ? -3.512  0.594   4.658   1.00 8.89  ? 149 LEU A CG  1 
ATOM   706  C CD1 . LEU A 1 89  ? -3.210  1.403   3.411   1.00 8.87  ? 149 LEU A CD1 1 
ATOM   707  C CD2 . LEU A 1 89  ? -4.164  1.486   5.727   1.00 10.13 ? 149 LEU A CD2 1 
ATOM   708  N N   . VAL A 1 90  ? -1.280  -1.631  3.452   1.00 6.40  ? 150 VAL A N   1 
ATOM   709  C CA  . VAL A 1 90  ? 0.044   -1.872  4.015   1.00 6.45  ? 150 VAL A CA  1 
ATOM   710  C C   . VAL A 1 90  ? 0.642   -0.488  4.231   1.00 7.89  ? 150 VAL A C   1 
ATOM   711  O O   . VAL A 1 90  ? 0.643   0.349   3.325   1.00 7.75  ? 150 VAL A O   1 
ATOM   712  C CB  . VAL A 1 90  ? 0.943   -2.693  3.042   1.00 6.11  ? 150 VAL A CB  1 
ATOM   713  C CG1 . VAL A 1 90  ? 2.287   -2.980  3.685   1.00 4.83  ? 150 VAL A CG1 1 
ATOM   714  C CG2 . VAL A 1 90  ? 0.267   -4.002  2.685   1.00 6.88  ? 150 VAL A CG2 1 
ATOM   715  N N   . HIS A 1 91  ? 1.138   -0.235  5.432   1.00 6.83  ? 151 HIS A N   1 
ATOM   716  C CA  . HIS A 1 91  ? 1.696   1.080   5.724   1.00 7.44  ? 151 HIS A CA  1 
ATOM   717  C C   . HIS A 1 91  ? 2.717   1.008   6.827   1.00 7.77  ? 151 HIS A C   1 
ATOM   718  O O   . HIS A 1 91  ? 2.876   -0.018  7.465   1.00 7.09  ? 151 HIS A O   1 
ATOM   719  C CB  . HIS A 1 91  ? 0.601   2.013   6.230   1.00 7.24  ? 151 HIS A CB  1 
ATOM   720  C CG  . HIS A 1 91  ? 0.206   1.744   7.655   1.00 7.89  ? 151 HIS A CG  1 
ATOM   721  N ND1 . HIS A 1 91  ? -0.608  0.692   8.017   1.00 9.38  ? 151 HIS A ND1 1 
ATOM   722  C CD2 . HIS A 1 91  ? 0.574   2.347   8.811   1.00 5.28  ? 151 HIS A CD2 1 
ATOM   723  C CE1 . HIS A 1 91  ? -0.726  0.658   9.335   1.00 5.79  ? 151 HIS A CE1 1 
ATOM   724  N NE2 . HIS A 1 91  ? -0.016  1.650   9.840   1.00 11.96 ? 151 HIS A NE2 1 
ATOM   725  N N   . CYS A 1 92  ? 3.424   2.117   7.033   1.00 8.51  ? 152 CYS A N   1 
ATOM   726  C CA  . CYS A 1 92  ? 4.324   2.206   8.170   1.00 10.24 ? 152 CYS A CA  1 
ATOM   727  C C   . CYS A 1 92  ? 4.107   3.604   8.738   1.00 10.77 ? 152 CYS A C   1 
ATOM   728  O O   . CYS A 1 92  ? 3.288   4.367   8.212   1.00 11.58 ? 152 CYS A O   1 
ATOM   729  C CB  . CYS A 1 92  ? 5.787   1.911   7.826   1.00 9.74  ? 152 CYS A CB  1 
ATOM   730  S SG  . CYS A 1 92  ? 6.632   3.023   6.732   1.00 11.36 ? 152 CYS A SG  1 
ATOM   731  N N   . ALA A 1 93  ? 4.828   3.933   9.798   1.00 11.46 ? 153 ALA A N   1 
ATOM   732  C CA  . ALA A 1 93  ? 4.635   5.194   10.497  1.00 12.51 ? 153 ALA A CA  1 
ATOM   733  C C   . ALA A 1 93  ? 5.081   6.502   9.853   1.00 14.70 ? 153 ALA A C   1 
ATOM   734  O O   . ALA A 1 93  ? 4.477   7.545   10.118  1.00 15.66 ? 153 ALA A O   1 
ATOM   735  C CB  . ALA A 1 93  ? 5.249   5.078   11.897  1.00 13.84 ? 153 ALA A CB  1 
ATOM   736  N N   . VAL A 1 94  ? 6.087   6.462   8.986   1.00 14.52 ? 154 VAL A N   1 
ATOM   737  C CA  . VAL A 1 94  ? 6.602   7.711   8.423   1.00 17.95 ? 154 VAL A CA  1 
ATOM   738  C C   . VAL A 1 94  ? 6.562   7.964   6.920   1.00 19.26 ? 154 VAL A C   1 
ATOM   739  O O   . VAL A 1 94  ? 6.177   9.056   6.486   1.00 21.30 ? 154 VAL A O   1 
ATOM   740  C CB  . VAL A 1 94  ? 8.042   7.926   8.899   1.00 19.69 ? 154 VAL A CB  1 
ATOM   741  C CG1 . VAL A 1 94  ? 8.101   7.807   10.413  1.00 22.85 ? 154 VAL A CG1 1 
ATOM   742  C CG2 . VAL A 1 94  ? 8.962   6.905   8.253   1.00 24.11 ? 154 VAL A CG2 1 
ATOM   743  N N   . GLY A 1 95  ? 6.992   6.994   6.130   1.00 16.41 ? 155 GLY A N   1 
ATOM   744  C CA  . GLY A 1 95  ? 6.980   7.170   4.686   1.00 15.75 ? 155 GLY A CA  1 
ATOM   745  C C   . GLY A 1 95  ? 6.468   5.874   4.111   1.00 14.47 ? 155 GLY A C   1 
ATOM   746  O O   . GLY A 1 95  ? 5.363   5.451   4.468   1.00 13.86 ? 155 GLY A O   1 
ATOM   747  N N   . VAL A 1 96  ? 7.242   5.249   3.229   1.00 12.15 ? 156 VAL A N   1 
ATOM   748  C CA  . VAL A 1 96  ? 6.844   3.951   2.676   1.00 11.61 ? 156 VAL A CA  1 
ATOM   749  C C   . VAL A 1 96  ? 8.008   2.970   2.720   1.00 10.60 ? 156 VAL A C   1 
ATOM   750  O O   . VAL A 1 96  ? 7.980   1.923   2.068   1.00 11.73 ? 156 VAL A O   1 
ATOM   751  C CB  . VAL A 1 96  ? 6.351   4.030   1.200   1.00 13.62 ? 156 VAL A CB  1 
ATOM   752  C CG1 . VAL A 1 96  ? 5.087   4.868   1.112   1.00 13.93 ? 156 VAL A CG1 1 
ATOM   753  C CG2 . VAL A 1 96  ? 7.445   4.580   0.308   1.00 15.33 ? 156 VAL A CG2 1 
ATOM   754  N N   . SER A 1 97  ? 9.029   3.272   3.509   1.00 9.55  ? 157 SER A N   1 
ATOM   755  C CA  . SER A 1 97  ? 10.182  2.375   3.531   1.00 7.94  ? 157 SER A CA  1 
ATOM   756  C C   . SER A 1 97  ? 9.877   0.928   3.920   1.00 7.27  ? 157 SER A C   1 
ATOM   757  O O   . SER A 1 97  ? 10.071  0.005   3.108   1.00 7.82  ? 157 SER A O   1 
ATOM   758  C CB  . SER A 1 97  ? 11.269  2.922   4.451   1.00 10.36 ? 157 SER A CB  1 
ATOM   759  O OG  . SER A 1 97  ? 12.399  2.073   4.386   1.00 10.76 ? 157 SER A OG  1 
ATOM   760  N N   . ARG A 1 98  ? 9.397   0.718   5.145   1.00 6.20  ? 158 ARG A N   1 
ATOM   761  C CA  . ARG A 1 98  ? 9.116   -0.636  5.604   1.00 4.83  ? 158 ARG A CA  1 
ATOM   762  C C   . ARG A 1 98  ? 7.940   -1.280  4.869   1.00 5.16  ? 158 ARG A C   1 
ATOM   763  O O   . ARG A 1 98  ? 7.974   -2.479  4.571   1.00 5.48  ? 158 ARG A O   1 
ATOM   764  C CB  . ARG A 1 98  ? 8.874   -0.625  7.127   1.00 5.56  ? 158 ARG A CB  1 
ATOM   765  C CG  . ARG A 1 98  ? 10.174  -0.384  7.909   1.00 6.20  ? 158 ARG A CG  1 
ATOM   766  C CD  . ARG A 1 98  ? 9.931   0.085   9.333   1.00 7.76  ? 158 ARG A CD  1 
ATOM   767  N NE  . ARG A 1 98  ? 9.450   1.470   9.329   1.00 9.88  ? 158 ARG A NE  1 
ATOM   768  C CZ  . ARG A 1 98  ? 9.453   2.264   10.395  1.00 10.99 ? 158 ARG A CZ  1 
ATOM   769  N NH1 . ARG A 1 98  ? 9.905   1.816   11.558  1.00 11.24 ? 158 ARG A NH1 1 
ATOM   770  N NH2 . ARG A 1 98  ? 9.023   3.516   10.287  1.00 11.99 ? 158 ARG A NH2 1 
ATOM   771  N N   . SER A 1 99  ? 6.920   -0.487  4.551   1.00 4.72  ? 159 SER A N   1 
ATOM   772  C CA  . SER A 1 99  ? 5.744   -1.024  3.865   1.00 3.66  ? 159 SER A CA  1 
ATOM   773  C C   . SER A 1 99  ? 6.041   -1.436  2.419   1.00 5.02  ? 159 SER A C   1 
ATOM   774  O O   . SER A 1 99  ? 5.673   -2.528  2.000   1.00 5.20  ? 159 SER A O   1 
ATOM   775  C CB  . SER A 1 99  ? 4.616   0.009   3.904   1.00 7.37  ? 159 SER A CB  1 
ATOM   776  O OG  . SER A 1 99  ? 5.094   1.273   3.467   1.00 8.25  ? 159 SER A OG  1 
ATOM   777  N N   . ALA A 1 100 ? 6.719   -0.569  1.666   1.00 5.52  ? 160 ALA A N   1 
ATOM   778  C CA  . ALA A 1 100 ? 7.033   -0.885  0.274   1.00 6.01  ? 160 ALA A CA  1 
ATOM   779  C C   . ALA A 1 100 ? 7.888   -2.139  0.177   1.00 6.18  ? 160 ALA A C   1 
ATOM   780  O O   . ALA A 1 100 ? 7.710   -2.937  -0.739  1.00 5.94  ? 160 ALA A O   1 
ATOM   781  C CB  . ALA A 1 100 ? 7.756   0.283   -0.398  1.00 9.19  ? 160 ALA A CB  1 
ATOM   782  N N   . THR A 1 101 ? 8.818   -2.302  1.111   1.00 6.15  ? 161 THR A N   1 
ATOM   783  C CA  . THR A 1 101 ? 9.681   -3.484  1.098   1.00 5.57  ? 161 THR A CA  1 
ATOM   784  C C   . THR A 1 101 ? 8.856   -4.765  1.259   1.00 5.99  ? 161 THR A C   1 
ATOM   785  O O   . THR A 1 101 ? 9.096   -5.753  0.551   1.00 5.66  ? 161 THR A O   1 
ATOM   786  C CB  . THR A 1 101 ? 10.804  -3.372  2.189   1.00 6.50  ? 161 THR A CB  1 
ATOM   787  O OG1 . THR A 1 101 ? 11.873  -2.551  1.678   1.00 8.57  ? 161 THR A OG1 1 
ATOM   788  C CG2 . THR A 1 101 ? 11.390  -4.748  2.529   1.00 9.33  ? 161 THR A CG2 1 
ATOM   789  N N   . LEU A 1 102 ? 7.870   -4.758  2.156   1.00 3.36  ? 162 LEU A N   1 
ATOM   790  C CA  . LEU A 1 102 ? 7.065   -5.961  2.327   1.00 5.17  ? 162 LEU A CA  1 
ATOM   791  C C   . LEU A 1 102 ? 6.183   -6.226  1.103   1.00 4.65  ? 162 LEU A C   1 
ATOM   792  O O   . LEU A 1 102 ? 5.950   -7.385  0.740   1.00 5.74  ? 162 LEU A O   1 
ATOM   793  C CB  . LEU A 1 102 ? 6.219   -5.863  3.599   1.00 4.74  ? 162 LEU A CB  1 
ATOM   794  C CG  . LEU A 1 102 ? 7.056   -5.782  4.878   1.00 3.77  ? 162 LEU A CG  1 
ATOM   795  C CD1 . LEU A 1 102 ? 6.127   -5.716  6.092   1.00 4.86  ? 162 LEU A CD1 1 
ATOM   796  C CD2 . LEU A 1 102 ? 8.008   -6.990  4.967   1.00 3.11  ? 162 LEU A CD2 1 
ATOM   797  N N   . VAL A 1 103 ? 5.691   -5.161  0.463   1.00 6.28  ? 163 VAL A N   1 
ATOM   798  C CA  . VAL A 1 103 ? 4.872   -5.321  -0.733  1.00 5.18  ? 163 VAL A CA  1 
ATOM   799  C C   . VAL A 1 103 ? 5.711   -5.906  -1.865  1.00 6.49  ? 163 VAL A C   1 
ATOM   800  O O   . VAL A 1 103 ? 5.255   -6.805  -2.564  1.00 4.59  ? 163 VAL A O   1 
ATOM   801  C CB  . VAL A 1 103 ? 4.266   -3.979  -1.215  1.00 6.07  ? 163 VAL A CB  1 
ATOM   802  C CG1 . VAL A 1 103 ? 3.543   -4.183  -2.535  1.00 7.64  ? 163 VAL A CG1 1 
ATOM   803  C CG2 . VAL A 1 103 ? 3.297   -3.445  -0.160  1.00 7.81  ? 163 VAL A CG2 1 
ATOM   804  N N   . LEU A 1 104 ? 6.922   -5.385  -2.057  1.00 6.00  ? 164 LEU A N   1 
ATOM   805  C CA  . LEU A 1 104 ? 7.792   -5.914  -3.108  1.00 5.58  ? 164 LEU A CA  1 
ATOM   806  C C   . LEU A 1 104 ? 8.105   -7.384  -2.847  1.00 5.40  ? 164 LEU A C   1 
ATOM   807  O O   . LEU A 1 104 ? 8.070   -8.215  -3.755  1.00 5.52  ? 164 LEU A O   1 
ATOM   808  C CB  . LEU A 1 104 ? 9.090   -5.110  -3.191  1.00 5.66  ? 164 LEU A CB  1 
ATOM   809  C CG  . LEU A 1 104 ? 8.920   -3.638  -3.599  1.00 5.49  ? 164 LEU A CG  1 
ATOM   810  C CD1 . LEU A 1 104 ? 10.204  -2.872  -3.340  1.00 5.99  ? 164 LEU A CD1 1 
ATOM   811  C CD2 . LEU A 1 104 ? 8.525   -3.575  -5.061  1.00 5.33  ? 164 LEU A CD2 1 
ATOM   812  N N   . ALA A 1 105 ? 8.396   -7.715  -1.596  1.00 5.78  ? 165 ALA A N   1 
ATOM   813  C CA  . ALA A 1 105 ? 8.693   -9.100  -1.279  1.00 5.00  ? 165 ALA A CA  1 
ATOM   814  C C   . ALA A 1 105 ? 7.500   -10.002 -1.599  1.00 5.28  ? 165 ALA A C   1 
ATOM   815  O O   . ALA A 1 105 ? 7.672   -11.109 -2.115  1.00 5.58  ? 165 ALA A O   1 
ATOM   816  C CB  . ALA A 1 105 ? 9.092   -9.239  0.198   1.00 6.91  ? 165 ALA A CB  1 
ATOM   817  N N   . TYR A 1 106 ? 6.295   -9.528  -1.301  1.00 5.97  ? 166 TYR A N   1 
ATOM   818  C CA  . TYR A 1 106 ? 5.086   -10.305 -1.573  1.00 5.84  ? 166 TYR A CA  1 
ATOM   819  C C   . TYR A 1 106 ? 4.929   -10.542 -3.075  1.00 6.64  ? 166 TYR A C   1 
ATOM   820  O O   . TYR A 1 106 ? 4.630   -11.648 -3.508  1.00 5.17  ? 166 TYR A O   1 
ATOM   821  C CB  . TYR A 1 106 ? 3.840   -9.569  -1.051  1.00 5.90  ? 166 TYR A CB  1 
ATOM   822  C CG  . TYR A 1 106 ? 2.556   -10.074 -1.667  1.00 5.27  ? 166 TYR A CG  1 
ATOM   823  C CD1 . TYR A 1 106 ? 2.023   -11.326 -1.310  1.00 5.16  ? 166 TYR A CD1 1 
ATOM   824  C CD2 . TYR A 1 106 ? 1.892   -9.330  -2.646  1.00 5.81  ? 166 TYR A CD2 1 
ATOM   825  C CE1 . TYR A 1 106 ? 0.868   -11.814 -1.916  1.00 5.83  ? 166 TYR A CE1 1 
ATOM   826  C CE2 . TYR A 1 106 ? 0.736   -9.810  -3.261  1.00 6.97  ? 166 TYR A CE2 1 
ATOM   827  C CZ  . TYR A 1 106 ? 0.227   -11.048 -2.901  1.00 6.47  ? 166 TYR A CZ  1 
ATOM   828  O OH  . TYR A 1 106 ? -0.903  -11.510 -3.550  1.00 7.91  ? 166 TYR A OH  1 
ATOM   829  N N   . LEU A 1 107 ? 5.140   -9.503  -3.872  1.00 5.22  ? 167 LEU A N   1 
ATOM   830  C CA  . LEU A 1 107 ? 4.995   -9.650  -5.318  1.00 6.03  ? 167 LEU A CA  1 
ATOM   831  C C   . LEU A 1 107 ? 6.017   -10.646 -5.857  1.00 6.94  ? 167 LEU A C   1 
ATOM   832  O O   . LEU A 1 107 ? 5.722   -11.434 -6.752  1.00 6.47  ? 167 LEU A O   1 
ATOM   833  C CB  . LEU A 1 107 ? 5.146   -8.294  -6.006  1.00 6.33  ? 167 LEU A CB  1 
ATOM   834  C CG  . LEU A 1 107 ? 4.031   -7.279  -5.727  1.00 6.62  ? 167 LEU A CG  1 
ATOM   835  C CD1 . LEU A 1 107 ? 4.336   -5.950  -6.429  1.00 5.24  ? 167 LEU A CD1 1 
ATOM   836  C CD2 . LEU A 1 107 ? 2.710   -7.844  -6.214  1.00 6.45  ? 167 LEU A CD2 1 
ATOM   837  N N   . MET A 1 108 ? 7.218   -10.611 -5.297  1.00 5.23  ? 168 MET A N   1 
ATOM   838  C CA  . MET A 1 108 ? 8.286   -11.508 -5.718  1.00 6.56  ? 168 MET A CA  1 
ATOM   839  C C   . MET A 1 108 ? 7.999   -12.960 -5.307  1.00 6.98  ? 168 MET A C   1 
ATOM   840  O O   . MET A 1 108 ? 8.215   -13.901 -6.091  1.00 7.22  ? 168 MET A O   1 
ATOM   841  C CB  . MET A 1 108 ? 9.610   -11.003 -5.113  1.00 6.85  ? 168 MET A CB  1 
ATOM   842  C CG  . MET A 1 108 ? 9.975   -9.579  -5.591  1.00 7.51  ? 168 MET A CG  1 
ATOM   843  S SD  . MET A 1 108 ? 11.295  -8.794  -4.544  1.00 0.98  ? 168 MET A SD  1 
ATOM   844  C CE  . MET A 1 108 ? 12.589  -9.838  -5.003  1.00 1.80  ? 168 MET A CE  1 
ATOM   845  N N   . LEU A 1 109 ? 7.502   -13.127 -4.089  1.00 6.08  ? 169 LEU A N   1 
ATOM   846  C CA  . LEU A 1 109 ? 7.207   -14.445 -3.546  1.00 7.06  ? 169 LEU A CA  1 
ATOM   847  C C   . LEU A 1 109 ? 5.914   -15.091 -4.029  1.00 8.94  ? 169 LEU A C   1 
ATOM   848  O O   . LEU A 1 109 ? 5.824   -16.317 -4.084  1.00 10.89 ? 169 LEU A O   1 
ATOM   849  C CB  . LEU A 1 109 ? 7.175   -14.370 -2.025  1.00 8.05  ? 169 LEU A CB  1 
ATOM   850  C CG  . LEU A 1 109 ? 8.524   -14.147 -1.366  1.00 6.60  ? 169 LEU A CG  1 
ATOM   851  C CD1 . LEU A 1 109 ? 8.350   -13.713 0.079   1.00 8.91  ? 169 LEU A CD1 1 
ATOM   852  C CD2 . LEU A 1 109 ? 9.313   -15.461 -1.462  1.00 9.01  ? 169 LEU A CD2 1 
ATOM   853  N N   . TYR A 1 110 ? 4.913   -14.294 -4.396  1.00 5.49  ? 170 TYR A N   1 
ATOM   854  C CA  . TYR A 1 110 ? 3.651   -14.888 -4.818  1.00 6.86  ? 170 TYR A CA  1 
ATOM   855  C C   . TYR A 1 110 ? 3.213   -14.669 -6.259  1.00 8.00  ? 170 TYR A C   1 
ATOM   856  O O   . TYR A 1 110 ? 2.304   -15.368 -6.740  1.00 8.42  ? 170 TYR A O   1 
ATOM   857  C CB  . TYR A 1 110 ? 2.522   -14.451 -3.872  1.00 6.53  ? 170 TYR A CB  1 
ATOM   858  C CG  . TYR A 1 110 ? 2.498   -15.232 -2.586  1.00 7.62  ? 170 TYR A CG  1 
ATOM   859  C CD1 . TYR A 1 110 ? 3.224   -14.810 -1.468  1.00 7.13  ? 170 TYR A CD1 1 
ATOM   860  C CD2 . TYR A 1 110 ? 1.769   -16.416 -2.499  1.00 7.98  ? 170 TYR A CD2 1 
ATOM   861  C CE1 . TYR A 1 110 ? 3.219   -15.568 -0.287  1.00 8.66  ? 170 TYR A CE1 1 
ATOM   862  C CE2 . TYR A 1 110 ? 1.758   -17.174 -1.338  1.00 6.54  ? 170 TYR A CE2 1 
ATOM   863  C CZ  . TYR A 1 110 ? 2.485   -16.746 -0.241  1.00 9.74  ? 170 TYR A CZ  1 
ATOM   864  O OH  . TYR A 1 110 ? 2.487   -17.521 0.891   1.00 8.49  ? 170 TYR A OH  1 
ATOM   865  N N   . HIS A 1 111 ? 3.858   -13.737 -6.962  1.00 7.00  ? 171 HIS A N   1 
ATOM   866  C CA  . HIS A 1 111 ? 3.489   -13.466 -8.346  1.00 7.62  ? 171 HIS A CA  1 
ATOM   867  C C   . HIS A 1 111 ? 4.629   -13.598 -9.341  1.00 9.94  ? 171 HIS A C   1 
ATOM   868  O O   . HIS A 1 111 ? 4.572   -13.049 -10.447 1.00 9.81  ? 171 HIS A O   1 
ATOM   869  C CB  . HIS A 1 111 ? 2.821   -12.095 -8.435  1.00 7.15  ? 171 HIS A CB  1 
ATOM   870  C CG  . HIS A 1 111 ? 1.519   -12.050 -7.706  1.00 11.08 ? 171 HIS A CG  1 
ATOM   871  N ND1 . HIS A 1 111 ? 0.397   -12.704 -8.170  1.00 10.58 ? 171 HIS A ND1 1 
ATOM   872  C CD2 . HIS A 1 111 ? 1.193   -11.546 -6.491  1.00 10.77 ? 171 HIS A CD2 1 
ATOM   873  C CE1 . HIS A 1 111 ? -0.564  -12.607 -7.265  1.00 13.44 ? 171 HIS A CE1 1 
ATOM   874  N NE2 . HIS A 1 111 ? -0.106  -11.912 -6.238  1.00 11.42 ? 171 HIS A NE2 1 
ATOM   875  N N   . HIS A 1 112 ? 5.654   -14.346 -8.936  1.00 9.86  ? 172 HIS A N   1 
ATOM   876  C CA  . HIS A 1 112 ? 6.813   -14.636 -9.779  1.00 11.55 ? 172 HIS A CA  1 
ATOM   877  C C   . HIS A 1 112 ? 7.498   -13.432 -10.424 1.00 9.29  ? 172 HIS A C   1 
ATOM   878  O O   . HIS A 1 112 ? 7.998   -13.541 -11.543 1.00 10.05 ? 172 HIS A O   1 
ATOM   879  C CB  . HIS A 1 112 ? 6.407   -15.610 -10.894 1.00 16.00 ? 172 HIS A CB  1 
ATOM   880  C CG  . HIS A 1 112 ? 5.707   -16.842 -10.406 1.00 20.33 ? 172 HIS A CG  1 
ATOM   881  N ND1 . HIS A 1 112 ? 4.394   -16.838 -9.983  1.00 22.37 ? 172 HIS A ND1 1 
ATOM   882  C CD2 . HIS A 1 112 ? 6.150   -18.112 -10.246 1.00 21.20 ? 172 HIS A CD2 1 
ATOM   883  C CE1 . HIS A 1 112 ? 4.061   -18.051 -9.578  1.00 24.27 ? 172 HIS A CE1 1 
ATOM   884  N NE2 . HIS A 1 112 ? 5.108   -18.843 -9.728  1.00 25.29 ? 172 HIS A NE2 1 
ATOM   885  N N   . LEU A 1 113 ? 7.513   -12.295 -9.739  1.00 7.82  ? 173 LEU A N   1 
ATOM   886  C CA  . LEU A 1 113 ? 8.147   -11.100 -10.291 1.00 8.68  ? 173 LEU A CA  1 
ATOM   887  C C   . LEU A 1 113 ? 9.569   -10.912 -9.818  1.00 8.20  ? 173 LEU A C   1 
ATOM   888  O O   . LEU A 1 113 ? 9.905   -11.239 -8.679  1.00 8.37  ? 173 LEU A O   1 
ATOM   889  C CB  . LEU A 1 113 ? 7.380   -9.839  -9.884  1.00 8.15  ? 173 LEU A CB  1 
ATOM   890  C CG  . LEU A 1 113 ? 5.916   -9.719  -10.275 1.00 9.44  ? 173 LEU A CG  1 
ATOM   891  C CD1 . LEU A 1 113 ? 5.468   -8.277  -10.012 1.00 8.90  ? 173 LEU A CD1 1 
ATOM   892  C CD2 . LEU A 1 113 ? 5.744   -10.070 -11.742 1.00 9.80  ? 173 LEU A CD2 1 
ATOM   893  N N   . THR A 1 114 ? 10.409  -10.357 -10.689 1.00 8.40  ? 174 THR A N   1 
ATOM   894  C CA  . THR A 1 114 ? 11.775  -10.044 -10.291 1.00 7.39  ? 174 THR A CA  1 
ATOM   895  C C   . THR A 1 114 ? 11.640  -8.731  -9.509  1.00 6.89  ? 174 THR A C   1 
ATOM   896  O O   . THR A 1 114 ? 10.613  -8.052  -9.603  1.00 6.61  ? 174 THR A O   1 
ATOM   897  C CB  . THR A 1 114 ? 12.682  -9.750  -11.507 1.00 8.36  ? 174 THR A CB  1 
ATOM   898  O OG1 . THR A 1 114 ? 12.206  -8.570  -12.173 1.00 8.24  ? 174 THR A OG1 1 
ATOM   899  C CG2 . THR A 1 114 ? 12.672  -10.912 -12.477 1.00 9.52  ? 174 THR A CG2 1 
ATOM   900  N N   . LEU A 1 115 ? 12.670  -8.361  -8.756  1.00 6.45  ? 175 LEU A N   1 
ATOM   901  C CA  . LEU A 1 115 ? 12.618  -7.106  -7.993  1.00 7.46  ? 175 LEU A CA  1 
ATOM   902  C C   . LEU A 1 115 ? 12.385  -5.900  -8.917  1.00 6.87  ? 175 LEU A C   1 
ATOM   903  O O   . LEU A 1 115 ? 11.622  -4.989  -8.581  1.00 8.32  ? 175 LEU A O   1 
ATOM   904  C CB  . LEU A 1 115 ? 13.915  -6.901  -7.195  1.00 4.83  ? 175 LEU A CB  1 
ATOM   905  C CG  . LEU A 1 115 ? 14.016  -5.582  -6.423  1.00 5.46  ? 175 LEU A CG  1 
ATOM   906  C CD1 . LEU A 1 115 ? 12.897  -5.475  -5.407  1.00 6.36  ? 175 LEU A CD1 1 
ATOM   907  C CD2 . LEU A 1 115 ? 15.395  -5.486  -5.758  1.00 7.71  ? 175 LEU A CD2 1 
ATOM   908  N N   . VAL A 1 116 ? 13.010  -5.908  -10.086 1.00 8.07  ? 176 VAL A N   1 
ATOM   909  C CA  . VAL A 1 116 ? 12.835  -4.805  -11.028 1.00 7.28  ? 176 VAL A CA  1 
ATOM   910  C C   . VAL A 1 116 ? 11.399  -4.708  -11.510 1.00 7.19  ? 176 VAL A C   1 
ATOM   911  O O   . VAL A 1 116 ? 10.828  -3.614  -11.591 1.00 7.00  ? 176 VAL A O   1 
ATOM   912  C CB  . VAL A 1 116 ? 13.789  -4.957  -12.225 1.00 7.94  ? 176 VAL A CB  1 
ATOM   913  C CG1 . VAL A 1 116 ? 13.410  -4.001  -13.341 1.00 10.25 ? 176 VAL A CG1 1 
ATOM   914  C CG2 . VAL A 1 116 ? 15.192  -4.671  -11.763 1.00 11.37 ? 176 VAL A CG2 1 
ATOM   915  N N   . GLU A 1 117 ? 10.796  -5.852  -11.816 1.00 6.84  ? 177 GLU A N   1 
ATOM   916  C CA  . GLU A 1 117 ? 9.413   -5.858  -12.263 1.00 6.38  ? 177 GLU A CA  1 
ATOM   917  C C   . GLU A 1 117 ? 8.487   -5.401  -11.141 1.00 6.13  ? 177 GLU A C   1 
ATOM   918  O O   . GLU A 1 117 ? 7.507   -4.702  -11.390 1.00 6.75  ? 177 GLU A O   1 
ATOM   919  C CB  . GLU A 1 117 ? 8.996   -7.264  -12.696 1.00 6.42  ? 177 GLU A CB  1 
ATOM   920  C CG  . GLU A 1 117 ? 9.640   -7.746  -13.991 1.00 8.53  ? 177 GLU A CG  1 
ATOM   921  C CD  . GLU A 1 117 ? 9.278   -9.203  -14.288 1.00 11.70 ? 177 GLU A CD  1 
ATOM   922  O OE1 . GLU A 1 117 ? 9.131   -9.547  -15.479 1.00 13.26 ? 177 GLU A OE1 1 
ATOM   923  O OE2 . GLU A 1 117 ? 9.143   -10.007 -13.335 1.00 9.13  ? 177 GLU A OE2 1 
ATOM   924  N N   . ALA A 1 118 ? 8.775   -5.838  -9.915  1.00 6.59  ? 178 ALA A N   1 
ATOM   925  C CA  . ALA A 1 118 ? 7.949   -5.464  -8.765  1.00 6.31  ? 178 ALA A CA  1 
ATOM   926  C C   . ALA A 1 118 ? 8.046   -3.957  -8.522  1.00 5.48  ? 178 ALA A C   1 
ATOM   927  O O   . ALA A 1 118 ? 7.028   -3.296  -8.309  1.00 6.82  ? 178 ALA A O   1 
ATOM   928  C CB  . ALA A 1 118 ? 8.389   -6.240  -7.524  1.00 6.33  ? 178 ALA A CB  1 
ATOM   929  N N   . ILE A 1 119 ? 9.259   -3.413  -8.570  1.00 5.06  ? 179 ILE A N   1 
ATOM   930  C CA  . ILE A 1 119 ? 9.449   -1.974  -8.381  1.00 6.57  ? 179 ILE A CA  1 
ATOM   931  C C   . ILE A 1 119 ? 8.652   -1.195  -9.439  1.00 6.82  ? 179 ILE A C   1 
ATOM   932  O O   . ILE A 1 119 ? 7.997   -0.200  -9.130  1.00 8.73  ? 179 ILE A O   1 
ATOM   933  C CB  . ILE A 1 119 ? 10.951  -1.604  -8.463  1.00 7.97  ? 179 ILE A CB  1 
ATOM   934  C CG1 . ILE A 1 119 ? 11.661  -2.076  -7.197  1.00 6.08  ? 179 ILE A CG1 1 
ATOM   935  C CG2 . ILE A 1 119 ? 11.122  -0.089  -8.630  1.00 7.04  ? 179 ILE A CG2 1 
ATOM   936  C CD1 . ILE A 1 119 ? 13.189  -2.016  -7.280  1.00 8.28  ? 179 ILE A CD1 1 
ATOM   937  N N   . LYS A 1 120 ? 8.693   -1.661  -10.684 1.00 7.23  ? 180 LYS A N   1 
ATOM   938  C CA  . LYS A 1 120 ? 7.965   -0.987  -11.749 1.00 8.56  ? 180 LYS A CA  1 
ATOM   939  C C   . LYS A 1 120 ? 6.466   -1.007  -11.474 1.00 8.96  ? 180 LYS A C   1 
ATOM   940  O O   . LYS A 1 120 ? 5.789   0.022   -11.590 1.00 8.86  ? 180 LYS A O   1 
ATOM   941  C CB  . LYS A 1 120 ? 8.266   -1.633  -13.102 1.00 9.70  ? 180 LYS A CB  1 
ATOM   942  C CG  . LYS A 1 120 ? 7.420   -1.033  -14.222 1.00 12.91 ? 180 LYS A CG  1 
ATOM   943  C CD  . LYS A 1 120 ? 7.936   -1.382  -15.609 1.00 15.79 ? 180 LYS A CD  1 
ATOM   944  C CE  . LYS A 1 120 ? 6.956   -0.919  -16.696 1.00 16.07 ? 180 LYS A CE  1 
ATOM   945  N NZ  . LYS A 1 120 ? 6.671   0.543   -16.621 1.00 18.85 ? 180 LYS A NZ  1 
ATOM   946  N N   . LYS A 1 121 ? 5.946   -2.169  -11.086 1.00 7.92  ? 181 LYS A N   1 
ATOM   947  C CA  . LYS A 1 121 ? 4.523   -2.283  -10.796 1.00 9.14  ? 181 LYS A CA  1 
ATOM   948  C C   . LYS A 1 121 ? 4.101   -1.285  -9.719  1.00 8.30  ? 181 LYS A C   1 
ATOM   949  O O   . LYS A 1 121 ? 3.101   -0.576  -9.866  1.00 7.98  ? 181 LYS A O   1 
ATOM   950  C CB  . LYS A 1 121 ? 4.170   -3.699  -10.328 1.00 13.84 ? 181 LYS A CB  1 
ATOM   951  C CG  . LYS A 1 121 ? 4.323   -4.772  -11.396 1.00 19.31 ? 181 LYS A CG  1 
ATOM   952  C CD  . LYS A 1 121 ? 3.424   -4.529  -12.605 1.00 24.80 ? 181 LYS A CD  1 
ATOM   953  C CE  . LYS A 1 121 ? 1.954   -4.602  -12.245 1.00 25.84 ? 181 LYS A CE  1 
ATOM   954  N NZ  . LYS A 1 121 ? 1.095   -4.577  -13.472 1.00 30.44 ? 181 LYS A NZ  1 
ATOM   955  N N   . VAL A 1 122 ? 4.864   -1.229  -8.635  1.00 7.35  ? 182 VAL A N   1 
ATOM   956  C CA  . VAL A 1 122 ? 4.512   -0.322  -7.549  1.00 8.59  ? 182 VAL A CA  1 
ATOM   957  C C   . VAL A 1 122 ? 4.629   1.135   -7.972  1.00 8.59  ? 182 VAL A C   1 
ATOM   958  O O   . VAL A 1 122 ? 3.687   1.903   -7.805  1.00 9.02  ? 182 VAL A O   1 
ATOM   959  C CB  . VAL A 1 122 ? 5.392   -0.566  -6.310  1.00 8.50  ? 182 VAL A CB  1 
ATOM   960  C CG1 . VAL A 1 122 ? 5.109   0.483   -5.241  1.00 7.54  ? 182 VAL A CG1 1 
ATOM   961  C CG2 . VAL A 1 122 ? 5.081   -1.952  -5.738  1.00 8.84  ? 182 VAL A CG2 1 
ATOM   962  N N   . LYS A 1 123 ? 5.773   1.501   -8.537  1.00 10.23 ? 183 LYS A N   1 
ATOM   963  C CA  . LYS A 1 123 ? 5.991   2.886   -8.947  1.00 9.43  ? 183 LYS A CA  1 
ATOM   964  C C   . LYS A 1 123 ? 4.992   3.378   -9.993  1.00 9.92  ? 183 LYS A C   1 
ATOM   965  O O   . LYS A 1 123 ? 4.558   4.542   -9.949  1.00 8.31  ? 183 LYS A O   1 
ATOM   966  C CB  . LYS A 1 123 ? 7.424   3.070   -9.460  1.00 9.36  ? 183 LYS A CB  1 
ATOM   967  C CG  . LYS A 1 123 ? 8.504   3.088   -8.366  1.00 10.04 ? 183 LYS A CG  1 
ATOM   968  C CD  . LYS A 1 123 ? 9.852   3.425   -8.992  1.00 14.27 ? 183 LYS A CD  1 
ATOM   969  C CE  . LYS A 1 123 ? 10.894  3.751   -7.953  1.00 15.49 ? 183 LYS A CE  1 
ATOM   970  N NZ  . LYS A 1 123 ? 12.196  4.083   -8.602  1.00 15.30 ? 183 LYS A NZ  1 
ATOM   971  N N   . ASP A 1 124 ? 4.627   2.509   -10.929 1.00 7.61  ? 184 ASP A N   1 
ATOM   972  C CA  . ASP A 1 124 ? 3.670   2.877   -11.975 1.00 9.58  ? 184 ASP A CA  1 
ATOM   973  C C   . ASP A 1 124 ? 2.292   3.169   -11.395 1.00 10.47 ? 184 ASP A C   1 
ATOM   974  O O   . ASP A 1 124 ? 1.496   3.898   -12.003 1.00 9.76  ? 184 ASP A O   1 
ATOM   975  C CB  . ASP A 1 124 ? 3.521   1.748   -13.006 1.00 9.61  ? 184 ASP A CB  1 
ATOM   976  C CG  . ASP A 1 124 ? 4.680   1.667   -13.983 1.00 13.05 ? 184 ASP A CG  1 
ATOM   977  O OD1 . ASP A 1 124 ? 5.627   2.472   -13.888 1.00 13.37 ? 184 ASP A OD1 1 
ATOM   978  O OD2 . ASP A 1 124 ? 4.632   0.773   -14.858 1.00 13.29 ? 184 ASP A OD2 1 
ATOM   979  N N   . HIS A 1 125 ? 2.010   2.612   -10.217 1.00 6.98  ? 185 HIS A N   1 
ATOM   980  C CA  . HIS A 1 125 ? 0.698   2.795   -9.610  1.00 10.01 ? 185 HIS A CA  1 
ATOM   981  C C   . HIS A 1 125 ? 0.593   3.738   -8.418  1.00 9.43  ? 185 HIS A C   1 
ATOM   982  O O   . HIS A 1 125 ? -0.420  3.746   -7.720  1.00 12.14 ? 185 HIS A O   1 
ATOM   983  C CB  . HIS A 1 125 ? 0.097   1.430   -9.251  1.00 10.69 ? 185 HIS A CB  1 
ATOM   984  C CG  . HIS A 1 125 ? -0.269  0.609   -10.446 1.00 13.99 ? 185 HIS A CG  1 
ATOM   985  N ND1 . HIS A 1 125 ? 0.652   -0.148  -11.140 1.00 14.85 ? 185 HIS A ND1 1 
ATOM   986  C CD2 . HIS A 1 125 ? -1.443  0.471   -11.107 1.00 16.00 ? 185 HIS A CD2 1 
ATOM   987  C CE1 . HIS A 1 125 ? 0.061   -0.715  -12.178 1.00 16.44 ? 185 HIS A CE1 1 
ATOM   988  N NE2 . HIS A 1 125 ? -1.210  -0.354  -12.181 1.00 17.25 ? 185 HIS A NE2 1 
ATOM   989  N N   . ARG A 1 126 ? 1.636   4.520   -8.172  1.00 8.63  ? 186 ARG A N   1 
ATOM   990  C CA  . ARG A 1 126 ? 1.578   5.501   -7.091  1.00 8.38  ? 186 ARG A CA  1 
ATOM   991  C C   . ARG A 1 126 ? 1.228   6.795   -7.824  1.00 8.96  ? 186 ARG A C   1 
ATOM   992  O O   . ARG A 1 126 ? 2.090   7.417   -8.444  1.00 10.43 ? 186 ARG A O   1 
ATOM   993  C CB  . ARG A 1 126 ? 2.930   5.608   -6.383  1.00 9.04  ? 186 ARG A CB  1 
ATOM   994  C CG  . ARG A 1 126 ? 3.219   4.423   -5.470  1.00 11.97 ? 186 ARG A CG  1 
ATOM   995  C CD  . ARG A 1 126 ? 4.453   4.689   -4.639  1.00 13.55 ? 186 ARG A CD  1 
ATOM   996  N NE  . ARG A 1 126 ? 4.171   5.578   -3.515  1.00 15.73 ? 186 ARG A NE  1 
ATOM   997  C CZ  . ARG A 1 126 ? 4.979   6.550   -3.096  1.00 15.86 ? 186 ARG A CZ  1 
ATOM   998  N NH1 . ARG A 1 126 ? 6.133   6.783   -3.707  1.00 15.38 ? 186 ARG A NH1 1 
ATOM   999  N NH2 . ARG A 1 126 ? 4.633   7.284   -2.043  1.00 16.64 ? 186 ARG A NH2 1 
ATOM   1000 N N   . GLY A 1 127 ? -0.047  7.175   -7.751  1.00 7.51  ? 187 GLY A N   1 
ATOM   1001 C CA  . GLY A 1 127 ? -0.535  8.330   -8.478  1.00 9.45  ? 187 GLY A CA  1 
ATOM   1002 C C   . GLY A 1 127 ? 0.035   9.679   -8.130  1.00 9.52  ? 187 GLY A C   1 
ATOM   1003 O O   . GLY A 1 127 ? 0.357   9.946   -6.972  1.00 9.00  ? 187 GLY A O   1 
ATOM   1004 N N   . ILE A 1 128 ? 0.166   10.530  -9.147  1.00 8.71  ? 188 ILE A N   1 
ATOM   1005 C CA  . ILE A 1 128 ? 0.667   11.878  -8.927  1.00 7.82  ? 188 ILE A CA  1 
ATOM   1006 C C   . ILE A 1 128 ? -0.289  12.950  -9.452  1.00 8.56  ? 188 ILE A C   1 
ATOM   1007 O O   . ILE A 1 128 ? 0.052   14.129  -9.439  1.00 9.08  ? 188 ILE A O   1 
ATOM   1008 C CB  . ILE A 1 128 ? 2.070   12.100  -9.543  1.00 7.04  ? 188 ILE A CB  1 
ATOM   1009 C CG1 . ILE A 1 128 ? 2.031   11.864  -11.055 1.00 8.57  ? 188 ILE A CG1 1 
ATOM   1010 C CG2 . ILE A 1 128 ? 3.087   11.188  -8.864  1.00 9.28  ? 188 ILE A CG2 1 
ATOM   1011 C CD1 . ILE A 1 128 ? 3.362   12.113  -11.740 1.00 8.66  ? 188 ILE A CD1 1 
ATOM   1012 N N   . ILE A 1 129 ? -1.474  12.558  -9.923  1.00 8.29  ? 189 ILE A N   1 
ATOM   1013 C CA  . ILE A 1 129 ? -2.473  13.546  -10.385 1.00 8.05  ? 189 ILE A CA  1 
ATOM   1014 C C   . ILE A 1 129 ? -3.854  13.154  -9.843  1.00 8.97  ? 189 ILE A C   1 
ATOM   1015 O O   . ILE A 1 129 ? -4.750  12.791  -10.593 1.00 10.83 ? 189 ILE A O   1 
ATOM   1016 C CB  . ILE A 1 129 ? -2.589  13.625  -11.921 1.00 8.56  ? 189 ILE A CB  1 
ATOM   1017 C CG1 . ILE A 1 129 ? -1.208  13.720  -12.562 1.00 7.45  ? 189 ILE A CG1 1 
ATOM   1018 C CG2 . ILE A 1 129 ? -3.393  14.868  -12.299 1.00 8.48  ? 189 ILE A CG2 1 
ATOM   1019 C CD1 . ILE A 1 129 ? -1.254  13.618  -14.091 1.00 9.17  ? 189 ILE A CD1 1 
ATOM   1020 N N   . PRO A 1 130 ? -4.040  13.236  -8.521  1.00 10.94 ? 190 PRO A N   1 
ATOM   1021 C CA  . PRO A 1 130 ? -5.310  12.886  -7.868  1.00 10.74 ? 190 PRO A CA  1 
ATOM   1022 C C   . PRO A 1 130 ? -6.470  13.819  -8.190  1.00 12.47 ? 190 PRO A C   1 
ATOM   1023 O O   . PRO A 1 130 ? -7.643  13.430  -8.102  1.00 11.84 ? 190 PRO A O   1 
ATOM   1024 C CB  . PRO A 1 130 ? -4.947  12.906  -6.385  1.00 11.81 ? 190 PRO A CB  1 
ATOM   1025 C CG  . PRO A 1 130 ? -3.891  13.985  -6.315  1.00 10.52 ? 190 PRO A CG  1 
ATOM   1026 C CD  . PRO A 1 130 ? -3.033  13.653  -7.533  1.00 10.71 ? 190 PRO A CD  1 
ATOM   1027 N N   . ASN A 1 131 ? -6.133  15.046  -8.571  1.00 10.65 ? 191 ASN A N   1 
ATOM   1028 C CA  . ASN A 1 131 ? -7.116  16.064  -8.881  1.00 11.64 ? 191 ASN A CA  1 
ATOM   1029 C C   . ASN A 1 131 ? -7.573  15.872  -10.325 1.00 10.97 ? 191 ASN A C   1 
ATOM   1030 O O   . ASN A 1 131 ? -6.810  16.095  -11.267 1.00 9.71  ? 191 ASN A O   1 
ATOM   1031 C CB  . ASN A 1 131 ? -6.450  17.431  -8.660  1.00 11.71 ? 191 ASN A CB  1 
ATOM   1032 C CG  . ASN A 1 131 ? -7.396  18.595  -8.806  1.00 11.70 ? 191 ASN A CG  1 
ATOM   1033 O OD1 . ASN A 1 131 ? -7.260  19.606  -8.094  1.00 14.03 ? 191 ASN A OD1 1 
ATOM   1034 N ND2 . ASN A 1 131 ? -8.326  18.497  -9.733  1.00 7.59  ? 191 ASN A ND2 1 
ATOM   1035 N N   . ARG A 1 132 ? -8.819  15.443  -10.503 1.00 12.52 ? 192 ARG A N   1 
ATOM   1036 C CA  . ARG A 1 132 ? -9.346  15.216  -11.848 1.00 13.89 ? 192 ARG A CA  1 
ATOM   1037 C C   . ARG A 1 132 ? -9.349  16.462  -12.723 1.00 12.62 ? 192 ARG A C   1 
ATOM   1038 O O   . ARG A 1 132 ? -9.199  16.367  -13.948 1.00 12.22 ? 192 ARG A O   1 
ATOM   1039 C CB  . ARG A 1 132 ? -10.755 14.635  -11.763 1.00 19.26 ? 192 ARG A CB  1 
ATOM   1040 C CG  . ARG A 1 132 ? -10.791 13.249  -11.135 1.00 23.68 ? 192 ARG A CG  1 
ATOM   1041 C CD  . ARG A 1 132 ? -10.162 12.220  -12.056 1.00 30.51 ? 192 ARG A CD  1 
ATOM   1042 N NE  . ARG A 1 132 ? -10.723 12.299  -13.405 1.00 33.99 ? 192 ARG A NE  1 
ATOM   1043 C CZ  . ARG A 1 132 ? -10.453 11.443  -14.385 1.00 35.87 ? 192 ARG A CZ  1 
ATOM   1044 N NH1 . ARG A 1 132 ? -9.630  10.422  -14.174 1.00 38.48 ? 192 ARG A NH1 1 
ATOM   1045 N NH2 . ARG A 1 132 ? -10.989 11.621  -15.586 1.00 38.54 ? 192 ARG A NH2 1 
ATOM   1046 N N   . GLY A 1 133 ? -9.516  17.625  -12.099 1.00 10.65 ? 193 GLY A N   1 
ATOM   1047 C CA  . GLY A 1 133 ? -9.495  18.872  -12.841 1.00 9.68  ? 193 GLY A CA  1 
ATOM   1048 C C   . GLY A 1 133 ? -8.090  19.137  -13.368 1.00 8.75  ? 193 GLY A C   1 
ATOM   1049 O O   . GLY A 1 133 ? -7.913  19.527  -14.526 1.00 9.90  ? 193 GLY A O   1 
ATOM   1050 N N   . PHE A 1 134 ? -7.085  18.937  -12.514 1.00 8.96  ? 194 PHE A N   1 
ATOM   1051 C CA  . PHE A 1 134 ? -5.693  19.146  -12.926 1.00 8.36  ? 194 PHE A CA  1 
ATOM   1052 C C   . PHE A 1 134 ? -5.359  18.180  -14.071 1.00 9.23  ? 194 PHE A C   1 
ATOM   1053 O O   . PHE A 1 134 ? -4.698  18.552  -15.040 1.00 7.98  ? 194 PHE A O   1 
ATOM   1054 C CB  . PHE A 1 134 ? -4.725  18.928  -11.743 1.00 8.71  ? 194 PHE A CB  1 
ATOM   1055 C CG  . PHE A 1 134 ? -4.786  20.010  -10.677 1.00 7.83  ? 194 PHE A CG  1 
ATOM   1056 C CD1 . PHE A 1 134 ? -3.989  19.912  -9.533  1.00 9.34  ? 194 PHE A CD1 1 
ATOM   1057 C CD2 . PHE A 1 134 ? -5.645  21.099  -10.800 1.00 7.98  ? 194 PHE A CD2 1 
ATOM   1058 C CE1 . PHE A 1 134 ? -4.053  20.879  -8.524  1.00 8.89  ? 194 PHE A CE1 1 
ATOM   1059 C CE2 . PHE A 1 134 ? -5.713  22.075  -9.790  1.00 8.69  ? 194 PHE A CE2 1 
ATOM   1060 C CZ  . PHE A 1 134 ? -4.916  21.957  -8.655  1.00 10.91 ? 194 PHE A CZ  1 
ATOM   1061 N N   . LEU A 1 135 ? -5.838  16.944  -13.972 1.00 7.73  ? 195 LEU A N   1 
ATOM   1062 C CA  . LEU A 1 135 ? -5.584  15.962  -15.024 1.00 7.43  ? 195 LEU A CA  1 
ATOM   1063 C C   . LEU A 1 135 ? -6.141  16.474  -16.347 1.00 7.67  ? 195 LEU A C   1 
ATOM   1064 O O   . LEU A 1 135 ? -5.447  16.441  -17.367 1.00 8.30  ? 195 LEU A O   1 
ATOM   1065 C CB  . LEU A 1 135 ? -6.238  14.625  -14.683 1.00 7.77  ? 195 LEU A CB  1 
ATOM   1066 C CG  . LEU A 1 135 ? -6.161  13.596  -15.810 1.00 9.16  ? 195 LEU A CG  1 
ATOM   1067 C CD1 . LEU A 1 135 ? -4.708  13.273  -16.136 1.00 10.42 ? 195 LEU A CD1 1 
ATOM   1068 C CD2 . LEU A 1 135 ? -6.924  12.344  -15.393 1.00 9.62  ? 195 LEU A CD2 1 
ATOM   1069 N N   . ARG A 1 136 ? -7.388  16.957  -16.318 1.00 8.85  ? 196 ARG A N   1 
ATOM   1070 C CA  . ARG A 1 136 ? -8.055  17.488  -17.511 1.00 9.34  ? 196 ARG A CA  1 
ATOM   1071 C C   . ARG A 1 136 ? -7.265  18.657  -18.107 1.00 9.76  ? 196 ARG A C   1 
ATOM   1072 O O   . ARG A 1 136 ? -7.097  18.760  -19.328 1.00 9.81  ? 196 ARG A O   1 
ATOM   1073 C CB  . ARG A 1 136 ? -9.480  17.958  -17.162 1.00 11.07 ? 196 ARG A CB  1 
ATOM   1074 C CG  . ARG A 1 136 ? -10.187 18.750  -18.266 1.00 15.62 ? 196 ARG A CG  1 
ATOM   1075 C CD  . ARG A 1 136 ? -11.560 19.263  -17.804 1.00 19.58 ? 196 ARG A CD  1 
ATOM   1076 N NE  . ARG A 1 136 ? -11.472 20.126  -16.624 1.00 22.49 ? 196 ARG A NE  1 
ATOM   1077 C CZ  . ARG A 1 136 ? -12.110 19.882  -15.481 1.00 25.31 ? 196 ARG A CZ  1 
ATOM   1078 N NH1 . ARG A 1 136 ? -12.881 18.806  -15.372 1.00 26.82 ? 196 ARG A NH1 1 
ATOM   1079 N NH2 . ARG A 1 136 ? -11.974 20.699  -14.441 1.00 24.94 ? 196 ARG A NH2 1 
ATOM   1080 N N   . GLN A 1 137 ? -6.785  19.521  -17.223 1.00 8.13  ? 197 GLN A N   1 
ATOM   1081 C CA  . GLN A 1 137 ? -6.005  20.693  -17.597 1.00 8.20  ? 197 GLN A CA  1 
ATOM   1082 C C   . GLN A 1 137 ? -4.675  20.303  -18.241 1.00 7.07  ? 197 GLN A C   1 
ATOM   1083 O O   . GLN A 1 137 ? -4.234  20.936  -19.197 1.00 7.13  ? 197 GLN A O   1 
ATOM   1084 C CB  . GLN A 1 137 ? -5.770  21.547  -16.349 1.00 8.03  ? 197 GLN A CB  1 
ATOM   1085 C CG  . GLN A 1 137 ? -7.027  22.266  -15.866 1.00 7.93  ? 197 GLN A CG  1 
ATOM   1086 C CD  . GLN A 1 137 ? -6.992  22.627  -14.383 1.00 9.58  ? 197 GLN A CD  1 
ATOM   1087 O OE1 . GLN A 1 137 ? -5.931  22.817  -13.801 1.00 12.04 ? 197 GLN A OE1 1 
ATOM   1088 N NE2 . GLN A 1 137 ? -8.170  22.735  -13.774 1.00 9.78  ? 197 GLN A NE2 1 
ATOM   1089 N N   . LEU A 1 138 ? -4.031  19.266  -17.709 1.00 7.77  ? 198 LEU A N   1 
ATOM   1090 C CA  . LEU A 1 138 ? -2.757  18.821  -18.272 1.00 7.63  ? 198 LEU A CA  1 
ATOM   1091 C C   . LEU A 1 138 ? -2.982  18.136  -19.620 1.00 6.79  ? 198 LEU A C   1 
ATOM   1092 O O   . LEU A 1 138 ? -2.167  18.266  -20.546 1.00 7.78  ? 198 LEU A O   1 
ATOM   1093 C CB  . LEU A 1 138 ? -2.060  17.856  -17.311 1.00 7.87  ? 198 LEU A CB  1 
ATOM   1094 C CG  . LEU A 1 138 ? -1.468  18.468  -16.035 1.00 8.24  ? 198 LEU A CG  1 
ATOM   1095 C CD1 . LEU A 1 138 ? -1.064  17.352  -15.062 1.00 9.19  ? 198 LEU A CD1 1 
ATOM   1096 C CD2 . LEU A 1 138 ? -0.260  19.329  -16.369 1.00 9.02  ? 198 LEU A CD2 1 
ATOM   1097 N N   . LEU A 1 139 ? -4.086  17.409  -19.738 1.00 9.24  ? 199 LEU A N   1 
ATOM   1098 C CA  . LEU A 1 139 ? -4.385  16.723  -20.988 1.00 8.44  ? 199 LEU A CA  1 
ATOM   1099 C C   . LEU A 1 139 ? -4.686  17.750  -22.064 1.00 9.62  ? 199 LEU A C   1 
ATOM   1100 O O   . LEU A 1 139 ? -4.385  17.528  -23.237 1.00 9.61  ? 199 LEU A O   1 
ATOM   1101 C CB  . LEU A 1 139 ? -5.574  15.778  -20.824 1.00 9.51  ? 199 LEU A CB  1 
ATOM   1102 C CG  . LEU A 1 139 ? -5.277  14.480  -20.074 1.00 11.00 ? 199 LEU A CG  1 
ATOM   1103 C CD1 . LEU A 1 139 ? -6.581  13.852  -19.635 1.00 14.22 ? 199 LEU A CD1 1 
ATOM   1104 C CD2 . LEU A 1 139 ? -4.468  13.523  -20.965 1.00 12.18 ? 199 LEU A CD2 1 
ATOM   1105 N N   . ALA A 1 140 ? -5.269  18.874  -21.663 1.00 9.34  ? 200 ALA A N   1 
ATOM   1106 C CA  . ALA A 1 140 ? -5.575  19.937  -22.614 1.00 10.25 ? 200 ALA A CA  1 
ATOM   1107 C C   . ALA A 1 140 ? -4.254  20.558  -23.087 1.00 9.83  ? 200 ALA A C   1 
ATOM   1108 O O   . ALA A 1 140 ? -4.072  20.809  -24.274 1.00 9.98  ? 200 ALA A O   1 
ATOM   1109 C CB  . ALA A 1 140 ? -6.459  20.993  -21.966 1.00 11.19 ? 200 ALA A CB  1 
ATOM   1110 N N   . LEU A 1 141 ? -3.330  20.790  -22.151 1.00 9.52  ? 201 LEU A N   1 
ATOM   1111 C CA  . LEU A 1 141 ? -2.019  21.357  -22.497 1.00 8.57  ? 201 LEU A CA  1 
ATOM   1112 C C   . LEU A 1 141 ? -1.335  20.388  -23.460 1.00 10.22 ? 201 LEU A C   1 
ATOM   1113 O O   . LEU A 1 141 ? -0.769  20.783  -24.477 1.00 8.89  ? 201 LEU A O   1 
ATOM   1114 C CB  . LEU A 1 141 ? -1.158  21.499  -21.230 1.00 9.56  ? 201 LEU A CB  1 
ATOM   1115 C CG  . LEU A 1 141 ? -0.122  22.623  -21.075 1.00 15.15 ? 201 LEU A CG  1 
ATOM   1116 C CD1 . LEU A 1 141 ? 1.061   22.096  -20.253 1.00 9.69  ? 201 LEU A CD1 1 
ATOM   1117 C CD2 . LEU A 1 141 ? 0.318   23.163  -22.411 1.00 13.08 ? 201 LEU A CD2 1 
ATOM   1118 N N   . ASP A 1 142 ? -1.409  19.102  -23.136 1.00 8.75  ? 202 ASP A N   1 
ATOM   1119 C CA  . ASP A 1 142 ? -0.784  18.063  -23.950 1.00 11.17 ? 202 ASP A CA  1 
ATOM   1120 C C   . ASP A 1 142 ? -1.279  18.044  -25.400 1.00 10.63 ? 202 ASP A C   1 
ATOM   1121 O O   . ASP A 1 142 ? -0.474  17.943  -26.336 1.00 10.28 ? 202 ASP A O   1 
ATOM   1122 C CB  . ASP A 1 142 ? -1.030  16.702  -23.285 1.00 10.24 ? 202 ASP A CB  1 
ATOM   1123 C CG  . ASP A 1 142 ? -0.206  15.593  -23.902 1.00 11.52 ? 202 ASP A CG  1 
ATOM   1124 O OD1 . ASP A 1 142 ? 1.030   15.740  -23.967 1.00 11.25 ? 202 ASP A OD1 1 
ATOM   1125 O OD2 . ASP A 1 142 ? -0.790  14.568  -24.313 1.00 9.20  ? 202 ASP A OD2 1 
ATOM   1126 N N   . ARG A 1 143 ? -2.594  18.123  -25.594 1.00 10.70 ? 203 ARG A N   1 
ATOM   1127 C CA  . ARG A 1 143 ? -3.139  18.126  -26.951 1.00 13.89 ? 203 ARG A CA  1 
ATOM   1128 C C   . ARG A 1 143 ? -2.622  19.330  -27.711 1.00 14.21 ? 203 ARG A C   1 
ATOM   1129 O O   . ARG A 1 143 ? -2.241  19.224  -28.876 1.00 13.87 ? 203 ARG A O   1 
ATOM   1130 C CB  . ARG A 1 143 ? -4.670  18.183  -26.961 1.00 17.12 ? 203 ARG A CB  1 
ATOM   1131 C CG  . ARG A 1 143 ? -5.350  16.932  -26.479 1.00 22.19 ? 203 ARG A CG  1 
ATOM   1132 C CD  . ARG A 1 143 ? -6.644  16.671  -27.247 1.00 25.99 ? 203 ARG A CD  1 
ATOM   1133 N NE  . ARG A 1 143 ? -7.321  15.496  -26.711 1.00 29.15 ? 203 ARG A NE  1 
ATOM   1134 C CZ  . ARG A 1 143 ? -8.092  14.676  -27.418 1.00 30.30 ? 203 ARG A CZ  1 
ATOM   1135 N NH1 . ARG A 1 143 ? -8.299  14.895  -28.711 1.00 30.92 ? 203 ARG A NH1 1 
ATOM   1136 N NH2 . ARG A 1 143 ? -8.646  13.625  -26.827 1.00 31.43 ? 203 ARG A NH2 1 
ATOM   1137 N N   . ARG A 1 144 ? -2.620  20.483  -27.053 1.00 13.99 ? 204 ARG A N   1 
ATOM   1138 C CA  . ARG A 1 144 ? -2.154  21.708  -27.687 1.00 16.44 ? 204 ARG A CA  1 
ATOM   1139 C C   . ARG A 1 144 ? -0.708  21.591  -28.151 1.00 15.65 ? 204 ARG A C   1 
ATOM   1140 O O   . ARG A 1 144 ? -0.380  21.942  -29.282 1.00 14.98 ? 204 ARG A O   1 
ATOM   1141 C CB  . ARG A 1 144 ? -2.290  22.868  -26.701 1.00 19.50 ? 204 ARG A CB  1 
ATOM   1142 C CG  . ARG A 1 144 ? -2.294  24.266  -27.298 1.00 25.86 ? 204 ARG A CG  1 
ATOM   1143 C CD  . ARG A 1 144 ? -2.622  25.258  -26.191 1.00 30.19 ? 204 ARG A CD  1 
ATOM   1144 N NE  . ARG A 1 144 ? -3.726  24.758  -25.369 1.00 33.33 ? 204 ARG A NE  1 
ATOM   1145 C CZ  . ARG A 1 144 ? -3.721  24.715  -24.037 1.00 34.93 ? 204 ARG A CZ  1 
ATOM   1146 N NH1 . ARG A 1 144 ? -2.665  25.149  -23.361 1.00 34.94 ? 204 ARG A NH1 1 
ATOM   1147 N NH2 . ARG A 1 144 ? -4.771  24.224  -23.379 1.00 34.29 ? 204 ARG A NH2 1 
ATOM   1148 N N   . LEU A 1 145 ? 0.159   21.087  -27.278 1.00 13.47 ? 205 LEU A N   1 
ATOM   1149 C CA  . LEU A 1 145 ? 1.570   20.954  -27.610 1.00 12.79 ? 205 LEU A CA  1 
ATOM   1150 C C   . LEU A 1 145 ? 1.894   19.863  -28.625 1.00 13.38 ? 205 LEU A C   1 
ATOM   1151 O O   . LEU A 1 145 ? 2.792   20.021  -29.451 1.00 14.54 ? 205 LEU A O   1 
ATOM   1152 C CB  . LEU A 1 145 ? 2.374   20.710  -26.329 1.00 10.85 ? 205 LEU A CB  1 
ATOM   1153 C CG  . LEU A 1 145 ? 2.409   21.854  -25.314 1.00 11.67 ? 205 LEU A CG  1 
ATOM   1154 C CD1 . LEU A 1 145 ? 3.219   21.438  -24.070 1.00 9.00  ? 205 LEU A CD1 1 
ATOM   1155 C CD2 . LEU A 1 145 ? 3.053   23.073  -25.955 1.00 12.91 ? 205 LEU A CD2 1 
ATOM   1156 N N   . ARG A 1 146 ? 1.177   18.750  -28.564 1.00 13.77 ? 206 ARG A N   1 
ATOM   1157 C CA  . ARG A 1 146 ? 1.444   17.653  -29.487 1.00 13.82 ? 206 ARG A CA  1 
ATOM   1158 C C   . ARG A 1 146 ? 0.965   17.934  -30.898 1.00 16.16 ? 206 ARG A C   1 
ATOM   1159 O O   . ARG A 1 146 ? 1.612   17.546  -31.871 1.00 16.59 ? 206 ARG A O   1 
ATOM   1160 C CB  . ARG A 1 146 ? 0.782   16.354  -28.997 1.00 13.85 ? 206 ARG A CB  1 
ATOM   1161 C CG  . ARG A 1 146 ? 1.537   15.662  -27.861 1.00 14.06 ? 206 ARG A CG  1 
ATOM   1162 C CD  . ARG A 1 146 ? 1.019   14.245  -27.597 1.00 16.31 ? 206 ARG A CD  1 
ATOM   1163 N NE  . ARG A 1 146 ? -0.334  14.242  -27.055 1.00 17.31 ? 206 ARG A NE  1 
ATOM   1164 C CZ  . ARG A 1 146 ? -1.441  14.159  -27.786 1.00 19.78 ? 206 ARG A CZ  1 
ATOM   1165 N NH1 . ARG A 1 146 ? -1.364  14.059  -29.105 1.00 21.71 ? 206 ARG A NH1 1 
ATOM   1166 N NH2 . ARG A 1 146 ? -2.633  14.183  -27.198 1.00 17.88 ? 206 ARG A NH2 1 
ATOM   1167 N N   . GLN A 1 147 ? -0.160  18.625  -30.993 1.00 16.87 ? 207 GLN A N   1 
ATOM   1168 C CA  . GLN A 1 147 ? -0.784  18.902  -32.281 1.00 19.03 ? 207 GLN A CA  1 
ATOM   1169 C C   . GLN A 1 147 ? -0.440  20.228  -32.928 1.00 19.10 ? 207 GLN A C   1 
ATOM   1170 O O   . GLN A 1 147 ? -0.369  20.314  -34.158 1.00 17.72 ? 207 GLN A O   1 
ATOM   1171 C CB  . GLN A 1 147 ? -2.295  18.808  -32.134 1.00 20.82 ? 207 GLN A CB  1 
ATOM   1172 C CG  . GLN A 1 147 ? -2.760  17.563  -31.399 1.00 24.27 ? 207 GLN A CG  1 
ATOM   1173 C CD  . GLN A 1 147 ? -4.243  17.582  -31.121 1.00 26.09 ? 207 GLN A CD  1 
ATOM   1174 O OE1 . GLN A 1 147 ? -4.869  18.644  -31.103 1.00 26.80 ? 207 GLN A OE1 1 
ATOM   1175 N NE2 . GLN A 1 147 ? -4.815  16.405  -30.883 1.00 27.04 ? 207 GLN A NE2 1 
ATOM   1176 N N   . GLY A 1 148 ? -0.255  21.259  -32.111 1.00 20.30 ? 208 GLY A N   1 
ATOM   1177 C CA  . GLY A 1 148 ? 0.062   22.566  -32.645 1.00 24.97 ? 208 GLY A CA  1 
ATOM   1178 C C   . GLY A 1 148 ? -1.185  23.287  -33.115 1.00 28.83 ? 208 GLY A C   1 
ATOM   1179 O O   . GLY A 1 148 ? -2.278  23.057  -32.596 1.00 28.43 ? 208 GLY A O   1 
ATOM   1180 N N   . LEU A 1 149 ? -1.017  24.150  -34.113 1.00 31.60 ? 209 LEU A N   1 
ATOM   1181 C CA  . LEU A 1 149 ? -2.117  24.934  -34.660 1.00 35.98 ? 209 LEU A CA  1 
ATOM   1182 C C   . LEU A 1 149 ? -3.043  24.119  -35.549 1.00 38.75 ? 209 LEU A C   1 
ATOM   1183 O O   . LEU A 1 149 ? -2.711  23.009  -35.964 1.00 38.83 ? 209 LEU A O   1 
ATOM   1184 C CB  . LEU A 1 149 ? -1.566  26.102  -35.479 1.00 36.37 ? 209 LEU A CB  1 
ATOM   1185 C CG  . LEU A 1 149 ? -0.559  27.018  -34.789 1.00 37.64 ? 209 LEU A CG  1 
ATOM   1186 C CD1 . LEU A 1 149 ? -0.011  28.010  -35.807 1.00 36.86 ? 209 LEU A CD1 1 
ATOM   1187 C CD2 . LEU A 1 149 ? -1.225  27.734  -33.623 1.00 37.70 ? 209 LEU A CD2 1 
ATOM   1188 N N   . GLU A 1 150 ? -4.200  24.701  -35.848 1.00 42.73 ? 210 GLU A N   1 
ATOM   1189 C CA  . GLU A 1 150 ? -5.199  24.080  -36.705 1.00 46.33 ? 210 GLU A CA  1 
ATOM   1190 C C   . GLU A 1 150 ? -5.824  22.852  -36.052 1.00 47.04 ? 210 GLU A C   1 
ATOM   1191 O O   . GLU A 1 150 ? -7.069  22.814  -35.971 1.00 48.04 ? 210 GLU A O   1 
ATOM   1192 C CB  . GLU A 1 150 ? -4.574  23.694  -38.048 1.00 49.22 ? 210 GLU A CB  1 
ATOM   1193 C CG  . GLU A 1 150 ? -5.586  23.413  -39.144 1.00 53.72 ? 210 GLU A CG  1 
ATOM   1194 C CD  . GLU A 1 150 ? -6.366  24.653  -39.544 1.00 56.43 ? 210 GLU A CD  1 
ATOM   1195 O OE1 . GLU A 1 150 ? -7.046  25.241  -38.677 1.00 58.57 ? 210 GLU A OE1 1 
ATOM   1196 O OE2 . GLU A 1 150 ? -6.297  25.040  -40.731 1.00 57.83 ? 210 GLU A OE2 1 
HETATM 1197 O O   . HOH B 2 .   ? -0.048  -8.594  14.976  1.00 7.40  ? 212 HOH A O   1 
HETATM 1198 O O   . HOH B 2 .   ? -0.926  16.486  -9.928  1.00 8.25  ? 213 HOH A O   1 
HETATM 1199 O O   . HOH B 2 .   ? 2.598   -5.467  20.731  1.00 8.30  ? 214 HOH A O   1 
HETATM 1200 O O   . HOH B 2 .   ? 11.849  -1.092  -11.999 1.00 12.10 ? 215 HOH A O   1 
HETATM 1201 O O   . HOH B 2 .   ? -0.550  1.254   16.050  1.00 14.76 ? 216 HOH A O   1 
HETATM 1202 O O   . HOH B 2 .   ? -2.358  0.138   11.597  1.00 7.86  ? 217 HOH A O   1 
HETATM 1203 O O   . HOH B 2 .   ? -1.060  -17.591 3.734   1.00 8.17  ? 218 HOH A O   1 
HETATM 1204 O O   . HOH B 2 .   ? 0.938   -19.288 2.621   1.00 11.64 ? 219 HOH A O   1 
HETATM 1205 O O   . HOH B 2 .   ? -12.489 -8.482  21.197  1.00 13.22 ? 220 HOH A O   1 
HETATM 1206 O O   . HOH B 2 .   ? 13.555  1.254   2.156   1.00 11.34 ? 221 HOH A O   1 
HETATM 1207 O O   . HOH B 2 .   ? 8.165   -1.122  14.727  1.00 11.64 ? 222 HOH A O   1 
HETATM 1208 O O   . HOH B 2 .   ? 12.962  3.001   -5.765  1.00 14.61 ? 223 HOH A O   1 
HETATM 1209 O O   . HOH B 2 .   ? 2.849   2.468   12.132  1.00 14.18 ? 224 HOH A O   1 
HETATM 1210 O O   . HOH B 2 .   ? -2.726  -9.213  15.012  1.00 11.18 ? 225 HOH A O   1 
HETATM 1211 O O   . HOH B 2 .   ? -5.154  -8.076  16.060  1.00 12.04 ? 226 HOH A O   1 
HETATM 1212 O O   . HOH B 2 .   ? 3.646   3.450   4.611   1.00 13.15 ? 227 HOH A O   1 
HETATM 1213 O O   . HOH B 2 .   ? 4.725   -7.127  20.861  1.00 12.03 ? 228 HOH A O   1 
HETATM 1214 O O   . HOH B 2 .   ? 12.256  -12.264 -7.655  1.00 7.90  ? 229 HOH A O   1 
HETATM 1215 O O   . HOH B 2 .   ? -1.574  -13.981 -3.421  1.00 13.16 ? 230 HOH A O   1 
HETATM 1216 O O   . HOH B 2 .   ? -4.788  23.547  -19.583 1.00 13.84 ? 231 HOH A O   1 
HETATM 1217 O O   . HOH B 2 .   ? 8.700   -14.303 8.271   1.00 11.31 ? 232 HOH A O   1 
HETATM 1218 O O   . HOH B 2 .   ? -2.306  0.434   17.486  1.00 13.57 ? 233 HOH A O   1 
HETATM 1219 O O   . HOH B 2 .   ? -9.711  -2.862  17.126  1.00 16.57 ? 234 HOH A O   1 
HETATM 1220 O O   . HOH B 2 .   ? -2.584  -20.804 -0.546  1.00 11.19 ? 235 HOH A O   1 
HETATM 1221 O O   . HOH B 2 .   ? 1.509   8.480   -4.864  1.00 15.67 ? 236 HOH A O   1 
HETATM 1222 O O   . HOH B 2 .   ? 6.507   -4.937  -13.914 1.00 13.51 ? 237 HOH A O   1 
HETATM 1223 O O   . HOH B 2 .   ? -3.389  -10.977 -6.080  1.00 15.16 ? 238 HOH A O   1 
HETATM 1224 O O   . HOH B 2 .   ? 12.577  3.433   12.610  1.00 15.44 ? 239 HOH A O   1 
HETATM 1225 O O   . HOH B 2 .   ? 0.719   -16.387 8.176   1.00 16.85 ? 240 HOH A O   1 
HETATM 1226 O O   . HOH B 2 .   ? -1.402  2.121   13.445  1.00 11.41 ? 241 HOH A O   1 
HETATM 1227 O O   . HOH B 2 .   ? 4.552   8.410   -7.888  1.00 13.39 ? 242 HOH A O   1 
HETATM 1228 O O   . HOH B 2 .   ? 6.153   -16.799 1.710   1.00 14.53 ? 243 HOH A O   1 
HETATM 1229 O O   . HOH B 2 .   ? 8.395   -12.380 -13.826 1.00 12.95 ? 244 HOH A O   1 
HETATM 1230 O O   . HOH B 2 .   ? 0.399   12.148  -23.522 1.00 11.03 ? 245 HOH A O   1 
HETATM 1231 O O   . HOH B 2 .   ? 8.880   -17.027 2.019   1.00 15.15 ? 246 HOH A O   1 
HETATM 1232 O O   . HOH B 2 .   ? 7.263   -8.447  14.798  1.00 13.64 ? 247 HOH A O   1 
HETATM 1233 O O   . HOH B 2 .   ? -3.110  10.107  -9.869  1.00 18.92 ? 248 HOH A O   1 
HETATM 1234 O O   . HOH B 2 .   ? 1.835   -0.119  26.688  1.00 17.19 ? 249 HOH A O   1 
HETATM 1235 O O   . HOH B 2 .   ? 0.874   -2.208  -15.009 1.00 32.75 ? 250 HOH A O   1 
HETATM 1236 O O   . HOH B 2 .   ? -3.182  0.307   21.682  1.00 22.79 ? 251 HOH A O   1 
HETATM 1237 O O   . HOH B 2 .   ? -7.034  -8.374  14.099  1.00 12.79 ? 252 HOH A O   1 
HETATM 1238 O O   . HOH B 2 .   ? -7.492  -16.701 2.110   1.00 17.01 ? 253 HOH A O   1 
HETATM 1239 O O   . HOH B 2 .   ? -7.879  17.159  -23.891 1.00 17.15 ? 254 HOH A O   1 
HETATM 1240 O O   . HOH B 2 .   ? 13.805  6.480   -7.851  1.00 15.58 ? 255 HOH A O   1 
HETATM 1241 O O   . HOH B 2 .   ? 13.411  -8.042  -14.532 1.00 16.78 ? 256 HOH A O   1 
HETATM 1242 O O   . HOH B 2 .   ? 6.372   -16.101 -7.045  1.00 15.19 ? 257 HOH A O   1 
HETATM 1243 O O   . HOH B 2 .   ? -2.714  -11.482 11.988  1.00 17.48 ? 258 HOH A O   1 
HETATM 1244 O O   . HOH B 2 .   ? -6.295  21.201  -25.855 1.00 15.95 ? 259 HOH A O   1 
HETATM 1245 O O   . HOH B 2 .   ? 3.501   2.859   14.782  1.00 17.91 ? 260 HOH A O   1 
HETATM 1246 O O   . HOH B 2 .   ? 4.169   -18.689 -3.937  1.00 19.86 ? 261 HOH A O   1 
HETATM 1247 O O   . HOH B 2 .   ? 3.173   -17.207 7.928   1.00 16.90 ? 262 HOH A O   1 
HETATM 1248 O O   . HOH B 2 .   ? 12.692  2.785   -11.006 1.00 18.25 ? 263 HOH A O   1 
HETATM 1249 O O   . HOH B 2 .   ? 6.124   4.948   -14.551 1.00 20.96 ? 264 HOH A O   1 
HETATM 1250 O O   . HOH B 2 .   ? 1.550   5.164   -2.050  1.00 15.96 ? 265 HOH A O   1 
HETATM 1251 O O   . HOH B 2 .   ? -8.701  17.730  -21.338 1.00 20.09 ? 266 HOH A O   1 
HETATM 1252 O O   . HOH B 2 .   ? 6.577   3.083   -16.864 1.00 36.87 ? 267 HOH A O   1 
HETATM 1253 O O   . HOH B 2 .   ? 3.257   6.636   6.646   1.00 19.14 ? 268 HOH A O   1 
HETATM 1254 O O   . HOH B 2 .   ? 4.948   21.608  -29.527 1.00 18.30 ? 269 HOH A O   1 
HETATM 1255 O O   . HOH B 2 .   ? 19.014  -3.689  14.057  1.00 19.05 ? 270 HOH A O   1 
HETATM 1256 O O   . HOH B 2 .   ? 0.426   9.927   7.174   1.00 23.31 ? 271 HOH A O   1 
HETATM 1257 O O   . HOH B 2 .   ? -13.738 -4.878  6.679   1.00 21.67 ? 272 HOH A O   1 
HETATM 1258 O O   . HOH B 2 .   ? 9.765   -15.006 -8.335  1.00 15.21 ? 273 HOH A O   1 
HETATM 1259 O O   . HOH B 2 .   ? -11.964 -0.275  -2.701  1.00 27.56 ? 274 HOH A O   1 
HETATM 1260 O O   . HOH B 2 .   ? -10.839 15.514  -8.215  1.00 24.70 ? 275 HOH A O   1 
HETATM 1261 O O   . HOH B 2 .   ? 9.545   6.780   2.107   1.00 15.98 ? 276 HOH A O   1 
HETATM 1262 O O   . HOH B 2 .   ? -5.295  3.832   -6.345  1.00 22.52 ? 277 HOH A O   1 
HETATM 1263 O O   . HOH B 2 .   ? -0.204  -16.528 -5.637  1.00 30.97 ? 278 HOH A O   1 
HETATM 1264 O O   . HOH B 2 .   ? -9.545  -2.879  -4.599  1.00 21.92 ? 279 HOH A O   1 
HETATM 1265 O O   . HOH B 2 .   ? 8.465   -7.119  21.176  1.00 22.07 ? 280 HOH A O   1 
HETATM 1266 O O   . HOH B 2 .   ? 3.407   4.526   17.568  1.00 24.68 ? 281 HOH A O   1 
HETATM 1267 O O   . HOH B 2 .   ? -10.299 14.290  -15.475 1.00 19.96 ? 282 HOH A O   1 
HETATM 1268 O O   . HOH B 2 .   ? -10.494 -12.317 6.697   1.00 33.91 ? 283 HOH A O   1 
HETATM 1269 O O   . HOH B 2 .   ? 5.626   0.816   -19.280 1.00 30.33 ? 284 HOH A O   1 
HETATM 1270 O O   . HOH B 2 .   ? 11.117  -7.595  14.916  1.00 27.55 ? 285 HOH A O   1 
HETATM 1271 O O   . HOH B 2 .   ? -5.342  -9.285  -6.098  1.00 22.44 ? 286 HOH A O   1 
HETATM 1272 O O   . HOH B 2 .   ? -5.099  11.448  -0.578  1.00 29.24 ? 287 HOH A O   1 
HETATM 1273 O O   . HOH B 2 .   ? -6.485  10.016  9.697   1.00 24.43 ? 288 HOH A O   1 
HETATM 1274 O O   . HOH B 2 .   ? 9.662   -4.049  18.668  1.00 30.37 ? 289 HOH A O   1 
HETATM 1275 O O   . HOH B 2 .   ? 12.100  -15.172 9.761   1.00 24.37 ? 290 HOH A O   1 
HETATM 1276 O O   . HOH B 2 .   ? 1.017   15.759  -33.505 1.00 22.05 ? 291 HOH A O   1 
HETATM 1277 O O   . HOH B 2 .   ? 7.341   -11.829 11.420  1.00 28.72 ? 292 HOH A O   1 
HETATM 1278 O O   . HOH B 2 .   ? -3.367  -1.870  -9.107  1.00 29.59 ? 293 HOH A O   1 
HETATM 1279 O O   . HOH B 2 .   ? 3.268   -12.756 -12.790 1.00 28.18 ? 294 HOH A O   1 
HETATM 1280 O O   . HOH B 2 .   ? 0.133   -13.003 -11.026 1.00 26.07 ? 295 HOH A O   1 
HETATM 1281 O O   . HOH B 2 .   ? -5.155  -13.625 8.409   1.00 20.48 ? 296 HOH A O   1 
HETATM 1282 O O   . HOH B 2 .   ? 9.044   4.630   12.928  1.00 24.15 ? 297 HOH A O   1 
HETATM 1283 O O   . HOH B 2 .   ? -13.314 -1.157  6.245   1.00 30.52 ? 298 HOH A O   1 
HETATM 1284 O O   . HOH B 2 .   ? -9.530  -6.802  14.396  1.00 24.22 ? 299 HOH A O   1 
HETATM 1285 O O   . HOH B 2 .   ? 13.265  -13.980 3.815   1.00 25.16 ? 300 HOH A O   1 
HETATM 1286 O O   . HOH B 2 .   ? -3.687  14.608  -24.367 1.00 23.13 ? 301 HOH A O   1 
HETATM 1287 O O   . HOH B 2 .   ? 8.214   -1.058  18.695  1.00 29.06 ? 302 HOH A O   1 
HETATM 1288 O O   . HOH B 2 .   ? 4.127   -9.865  14.182  1.00 24.40 ? 303 HOH A O   1 
HETATM 1289 O O   . HOH B 2 .   ? -6.511  0.506   -9.527  1.00 40.04 ? 304 HOH A O   1 
HETATM 1290 O O   . HOH B 2 .   ? 6.252   -9.111  18.072  1.00 30.06 ? 305 HOH A O   1 
HETATM 1291 O O   . HOH B 2 .   ? -4.249  -11.188 16.129  1.00 19.20 ? 306 HOH A O   1 
HETATM 1292 O O   . HOH B 2 .   ? -5.260  10.437  -12.298 1.00 28.98 ? 307 HOH A O   1 
HETATM 1293 O O   . HOH B 2 .   ? 14.767  5.054   5.078   1.00 27.30 ? 308 HOH A O   1 
HETATM 1294 O O   . HOH B 2 .   ? 3.153   9.510   8.115   1.00 33.43 ? 309 HOH A O   1 
HETATM 1295 O O   . HOH B 2 .   ? -10.821 -6.875  -3.398  1.00 25.82 ? 310 HOH A O   1 
HETATM 1296 O O   . HOH B 2 .   ? -9.666  13.882  -17.952 1.00 26.13 ? 311 HOH A O   1 
HETATM 1297 O O   . HOH B 2 .   ? -5.262  -1.452  21.259  1.00 34.99 ? 312 HOH A O   1 
HETATM 1298 O O   . HOH B 2 .   ? -7.538  19.875  -34.692 1.00 32.01 ? 313 HOH A O   1 
HETATM 1299 O O   . HOH B 2 .   ? -13.913 18.183  -12.721 1.00 33.67 ? 314 HOH A O   1 
HETATM 1300 O O   . HOH B 2 .   ? -7.873  3.139   15.151  1.00 27.40 ? 315 HOH A O   1 
HETATM 1301 O O   . HOH B 2 .   ? -14.374 -2.844  19.098  1.00 29.29 ? 316 HOH A O   1 
HETATM 1302 O O   . HOH B 2 .   ? -11.214 -9.351  7.530   1.00 17.55 ? 317 HOH A O   1 
HETATM 1303 O O   . HOH B 2 .   ? -7.266  22.016  -33.413 1.00 28.53 ? 318 HOH A O   1 
HETATM 1304 O O   . HOH B 2 .   ? -13.517 -1.329  17.058  1.00 29.36 ? 319 HOH A O   1 
HETATM 1305 O O   . HOH B 2 .   ? 5.705   -3.954  27.034  1.00 35.84 ? 320 HOH A O   1 
HETATM 1306 O O   . HOH B 2 .   ? 6.404   3.307   14.428  1.00 21.61 ? 321 HOH A O   1 
HETATM 1307 O O   . HOH B 2 .   ? 0.297   11.786  -29.368 1.00 35.77 ? 322 HOH A O   1 
HETATM 1308 O O   . HOH B 2 .   ? -9.618  2.113   -4.963  1.00 31.50 ? 323 HOH A O   1 
HETATM 1309 O O   . HOH B 2 .   ? -0.404  26.045  -24.419 1.00 33.02 ? 324 HOH A O   1 
HETATM 1310 O O   . HOH B 2 .   ? -7.647  -10.200 -5.242  1.00 30.66 ? 325 HOH A O   1 
HETATM 1311 O O   . HOH B 2 .   ? 7.581   -18.492 -7.026  1.00 39.69 ? 326 HOH A O   1 
HETATM 1312 O O   . HOH B 2 .   ? -14.102 -5.691  0.651   1.00 30.30 ? 327 HOH A O   1 
HETATM 1313 O O   . HOH B 2 .   ? 1.156   6.818   0.762   1.00 37.34 ? 328 HOH A O   1 
HETATM 1314 O O   . HOH B 2 .   ? 10.535  -8.186  -17.382 1.00 36.10 ? 329 HOH A O   1 
HETATM 1315 O O   . HOH B 2 .   ? -14.893 0.223   14.527  1.00 45.19 ? 330 HOH A O   1 
HETATM 1316 O O   . HOH B 2 .   ? 11.261  -11.534 -15.538 1.00 17.39 ? 331 HOH A O   1 
HETATM 1317 O O   . HOH B 2 .   ? -13.813 9.309   4.044   1.00 38.34 ? 332 HOH A O   1 
HETATM 1318 O O   . HOH B 2 .   ? 3.134   -1.486  -14.131 1.00 13.99 ? 333 HOH A O   1 
HETATM 1319 O O   . HOH B 2 .   ? -1.495  18.092  -35.920 1.00 30.95 ? 334 HOH A O   1 
HETATM 1320 O O   . HOH B 2 .   ? -3.068  -1.107  -13.872 1.00 36.25 ? 335 HOH A O   1 
HETATM 1321 O O   . HOH B 2 .   ? -8.831  -9.593  -3.099  1.00 23.40 ? 336 HOH A O   1 
HETATM 1322 O O   . HOH B 2 .   ? -3.542  2.456   -8.854  1.00 27.66 ? 337 HOH A O   1 
HETATM 1323 O O   . HOH B 2 .   ? 4.309   10.188  5.199   1.00 41.22 ? 338 HOH A O   1 
HETATM 1324 O O   . HOH B 2 .   ? -15.437 -4.427  -1.266  1.00 34.53 ? 339 HOH A O   1 
HETATM 1325 O O   . HOH B 2 .   ? -11.781 -9.684  -4.475  1.00 42.50 ? 340 HOH A O   1 
HETATM 1326 O O   . HOH B 2 .   ? -3.204  3.686   14.460  1.00 23.22 ? 341 HOH A O   1 
HETATM 1327 O O   . HOH B 2 .   ? 9.489   5.212   5.477   1.00 32.35 ? 342 HOH A O   1 
HETATM 1328 O O   . HOH B 2 .   ? -9.677  -12.974 -4.442  1.00 37.08 ? 343 HOH A O   1 
HETATM 1329 O O   . HOH B 2 .   ? 0.008   -21.084 0.848   1.00 9.68  ? 344 HOH A O   1 
HETATM 1330 O O   . HOH B 2 .   ? 10.953  2.418   14.623  1.00 20.28 ? 345 HOH A O   1 
HETATM 1331 O O   . HOH B 2 .   ? 12.188  -14.440 -9.234  1.00 17.05 ? 346 HOH A O   1 
HETATM 1332 O O   . HOH B 2 .   ? 8.053   -5.138  -16.223 1.00 20.33 ? 347 HOH A O   1 
HETATM 1333 O O   . HOH B 2 .   ? 10.560  1.345   -12.075 1.00 13.25 ? 348 HOH A O   1 
HETATM 1334 O O   . HOH B 2 .   ? 14.550  -0.954  -10.837 1.00 19.42 ? 349 HOH A O   1 
HETATM 1335 O O   . HOH B 2 .   ? 1.326   -10.884 15.196  1.00 21.79 ? 350 HOH A O   1 
HETATM 1336 O O   . HOH B 2 .   ? 4.744   -3.605  -15.380 1.00 25.74 ? 351 HOH A O   1 
HETATM 1337 O O   . HOH B 2 .   ? 12.363  -6.230  -16.226 1.00 21.56 ? 352 HOH A O   1 
HETATM 1338 O O   . HOH B 2 .   ? -3.922  9.515   -7.424  1.00 29.45 ? 353 HOH A O   1 
HETATM 1339 O O   . HOH B 2 .   ? -5.593  8.445   -1.082  1.00 23.17 ? 354 HOH A O   1 
HETATM 1340 O O   . HOH B 2 .   ? 7.763   1.934   17.500  1.00 23.81 ? 355 HOH A O   1 
HETATM 1341 O O   . HOH B 2 .   ? 8.501   1.366   14.980  1.00 26.44 ? 356 HOH A O   1 
HETATM 1342 O O   . HOH B 2 .   ? 2.025   -18.577 -5.580  1.00 24.73 ? 357 HOH A O   1 
HETATM 1343 O O   . HOH B 2 .   ? 14.764  1.332   -9.367  1.00 26.25 ? 358 HOH A O   1 
HETATM 1344 O O   . HOH B 2 .   ? -1.454  11.348  -5.157  1.00 26.30 ? 359 HOH A O   1 
HETATM 1345 O O   . HOH B 2 .   ? 11.706  -1.663  -15.374 1.00 33.31 ? 360 HOH A O   1 
HETATM 1346 O O   . HOH B 2 .   ? 17.341  -1.576  14.145  1.00 24.06 ? 361 HOH A O   1 
HETATM 1347 O O   . HOH B 2 .   ? -6.987  24.120  -20.975 1.00 25.75 ? 362 HOH A O   1 
HETATM 1348 O O   . HOH B 2 .   ? -10.197 15.451  -20.121 1.00 24.43 ? 363 HOH A O   1 
HETATM 1349 O O   . HOH B 2 .   ? -8.524  11.174  -18.542 1.00 27.07 ? 364 HOH A O   1 
HETATM 1350 O O   . HOH B 2 .   ? -3.839  9.879   -14.829 1.00 25.98 ? 365 HOH A O   1 
HETATM 1351 O O   . HOH B 2 .   ? 3.285   5.644   15.301  1.00 26.11 ? 366 HOH A O   1 
HETATM 1352 O O   . HOH B 2 .   ? 17.150  4.405   6.726   1.00 33.53 ? 367 HOH A O   1 
HETATM 1353 O O   . HOH B 2 .   ? 20.031  -2.883  16.397  1.00 34.97 ? 368 HOH A O   1 
HETATM 1354 O O   . HOH B 2 .   ? -0.524  -13.151 10.612  1.00 33.67 ? 369 HOH A O   1 
HETATM 1355 O O   . HOH B 2 .   ? -14.007 16.274  -10.771 1.00 29.50 ? 370 HOH A O   1 
HETATM 1356 O O   . HOH B 2 .   ? -15.782 -1.714  7.132   1.00 33.01 ? 371 HOH A O   1 
HETATM 1357 O O   . HOH B 2 .   ? -7.890  14.482  -24.031 1.00 34.54 ? 372 HOH A O   1 
HETATM 1358 O O   . HOH B 2 .   ? -5.346  3.948   15.954  1.00 31.25 ? 373 HOH A O   1 
HETATM 1359 O O   . HOH B 2 .   ? 0.970   10.686  -25.850 1.00 30.48 ? 374 HOH A O   1 
HETATM 1360 O O   . HOH B 2 .   ? -7.481  2.287   -6.986  1.00 35.96 ? 375 HOH A O   1 
HETATM 1361 O O   . HOH B 2 .   ? 4.766   24.258  -28.872 1.00 34.68 ? 376 HOH A O   1 
HETATM 1362 O O   . HOH B 2 .   ? 6.727   -9.313  2.606   1.00 31.24 ? 377 HOH A O   1 
HETATM 1363 O O   . HOH B 2 .   ? 4.437   -11.950 12.574  1.00 31.40 ? 378 HOH A O   1 
HETATM 1364 O O   . HOH B 2 .   ? 3.344   8.475   12.565  1.00 30.55 ? 379 HOH A O   1 
HETATM 1365 O O   . HOH B 2 .   ? -2.052  11.087  -23.093 1.00 30.95 ? 380 HOH A O   1 
HETATM 1366 O O   . HOH B 2 .   ? 11.578  7.144   4.332   1.00 33.18 ? 381 HOH A O   1 
HETATM 1367 O O   . HOH B 2 .   ? -2.746  5.085   -7.974  1.00 37.28 ? 382 HOH A O   1 
HETATM 1368 O O   . HOH B 2 .   ? -0.398  13.823  -31.584 1.00 32.25 ? 383 HOH A O   1 
HETATM 1369 O O   . HOH B 2 .   ? 5.761   -12.595 -14.776 1.00 37.20 ? 384 HOH A O   1 
HETATM 1370 O O   . HOH B 2 .   ? 2.532   9.913   -2.826  1.00 30.42 ? 385 HOH A O   1 
HETATM 1371 O O   . HOH B 2 .   ? -2.765  -3.936  -14.092 1.00 38.45 ? 386 HOH A O   1 
HETATM 1372 O O   . HOH B 2 .   ? -10.830 -1.499  19.924  1.00 33.48 ? 387 HOH A O   1 
HETATM 1373 O O   . HOH B 2 .   ? -16.545 -10.925 0.395   1.00 38.01 ? 388 HOH A O   1 
HETATM 1374 O O   . HOH B 2 .   ? -3.430  2.841   17.344  1.00 35.56 ? 389 HOH A O   1 
HETATM 1375 O O   . HOH B 2 .   ? 2.783   1.479   -16.741 1.00 36.65 ? 390 HOH A O   1 
HETATM 1376 O O   . HOH B 2 .   ? 2.297   27.370  -24.448 1.00 38.24 ? 391 HOH A O   1 
HETATM 1377 O O   . HOH B 2 .   ? -4.740  26.113  -33.729 1.00 40.07 ? 392 HOH A O   1 
HETATM 1378 O O   . HOH B 2 .   ? -10.983 8.149   12.216  1.00 35.85 ? 393 HOH A O   1 
HETATM 1379 O O   . HOH B 2 .   ? -17.854 -4.610  10.336  1.00 27.48 ? 394 HOH A O   1 
HETATM 1380 O O   . HOH B 2 .   ? -5.133  -12.536 6.050   1.00 34.41 ? 395 HOH A O   1 
HETATM 1381 O O   . HOH B 2 .   ? 8.020   -7.638  -17.239 1.00 28.54 ? 396 HOH A O   1 
HETATM 1382 O O   . HOH B 2 .   ? -15.178 1.297   17.168  1.00 37.38 ? 397 HOH A O   1 
HETATM 1383 O O   . HOH B 2 .   ? -13.112 14.595  -15.484 1.00 39.03 ? 398 HOH A O   1 
HETATM 1384 O O   . HOH B 2 .   ? -15.874 -6.815  -2.419  1.00 40.76 ? 399 HOH A O   1 
HETATM 1385 O O   . HOH B 2 .   ? 15.394  5.935   -10.425 1.00 38.97 ? 400 HOH A O   1 
HETATM 1386 O O   . HOH B 2 .   ? -8.338  9.729   2.264   1.00 42.74 ? 401 HOH A O   1 
HETATM 1387 O O   . HOH B 2 .   ? -8.941  11.112  9.972   1.00 40.69 ? 402 HOH A O   1 
HETATM 1388 O O   . HOH B 2 .   ? -19.064 5.632   7.382   1.00 37.66 ? 403 HOH A O   1 
HETATM 1389 O O   . HOH B 2 .   ? 11.281  -15.376 2.238   1.00 34.28 ? 404 HOH A O   1 
HETATM 1390 O O   . HOH B 2 .   ? 7.012   -11.507 18.254  1.00 39.86 ? 405 HOH A O   1 
HETATM 1391 O O   . HOH B 2 .   ? -10.411 -0.612  -7.560  1.00 40.00 ? 406 HOH A O   1 
HETATM 1392 O O   . HOH B 2 .   ? -6.675  5.214   -1.578  1.00 35.75 ? 407 HOH A O   1 
HETATM 1393 O O   . HOH B 2 .   ? 7.663   8.709   1.249   1.00 35.69 ? 408 HOH A O   1 
HETATM 1394 O O   . HOH B 2 .   ? -1.241  -4.955  -12.042 1.00 37.20 ? 409 HOH A O   1 
HETATM 1395 O O   . HOH B 2 .   ? -11.546 -8.779  13.388  1.00 35.89 ? 410 HOH A O   1 
HETATM 1396 O O   . HOH B 2 .   ? -11.927 12.380  10.981  1.00 42.98 ? 411 HOH A O   1 
HETATM 1397 O O   . HOH B 2 .   ? -1.967  -7.354  -11.409 1.00 24.45 ? 412 HOH A O   1 
HETATM 1398 O O   . HOH B 2 .   ? -0.816  -3.096  -10.254 1.00 25.98 ? 413 HOH A O   1 
HETATM 1399 O O   . HOH B 2 .   ? -0.470  6.918   15.070  1.00 18.01 ? 414 HOH A O   1 
HETATM 1400 O O   . HOH B 2 .   ? -5.595  11.464  5.470   1.00 32.29 ? 415 HOH A O   1 
HETATM 1401 O O   . HOH B 2 .   ? 14.532  1.837   -6.857  1.00 28.15 ? 416 HOH A O   1 
HETATM 1402 O O   . HOH B 2 .   ? -5.394  10.521  2.362   1.00 23.83 ? 417 HOH A O   1 
HETATM 1403 O O   . HOH B 2 .   ? 6.144   6.321   -8.598  0.50 9.73  ? 418 HOH A O   1 
HETATM 1404 O O   . HOH B 2 .   ? -7.869  12.661  5.228   1.00 32.53 ? 419 HOH A O   1 
HETATM 1405 O O   . HOH B 2 .   ? -7.370  10.147  4.774   1.00 32.56 ? 420 HOH A O   1 
HETATM 1406 O O   . HOH B 2 .   ? 8.761   2.533   7.076   1.00 26.65 ? 421 HOH A O   1 
HETATM 1407 O O   . HOH B 2 .   ? -3.700  10.588  4.456   1.00 31.46 ? 422 HOH A O   1 
HETATM 1408 O O   . HOH B 2 .   ? 2.110   0.733   15.939  1.00 10.88 ? 423 HOH A O   1 
HETATM 1409 O O   . HOH B 2 .   ? -6.317  13.102  7.143   1.00 27.28 ? 424 HOH A O   1 
HETATM 1410 O O   . HOH B 2 .   ? -3.277  -13.332 -4.837  1.00 23.62 ? 425 HOH A O   1 
HETATM 1411 O O   . HOH B 2 .   ? -3.394  -13.456 10.189  1.00 29.20 ? 426 HOH A O   1 
HETATM 1412 O O   . HOH B 2 .   ? 14.932  2.279   -4.333  1.00 34.45 ? 427 HOH A O   1 
HETATM 1413 O O   . HOH B 2 .   ? -0.169  -14.367 8.444   1.00 18.34 ? 428 HOH A O   1 
HETATM 1414 O O   . HOH B 2 .   ? 13.236  -10.188 -16.157 1.00 26.05 ? 429 HOH A O   1 
HETATM 1415 O O   . HOH B 2 .   ? 4.445   3.804   -17.908 1.00 33.11 ? 430 HOH A O   1 
HETATM 1416 O O   . HOH B 2 .   ? 10.579  -4.201  -15.556 1.00 33.40 ? 431 HOH A O   1 
HETATM 1417 O O   . HOH B 2 .   ? -7.312  -13.475 6.937   1.00 45.26 ? 432 HOH A O   1 
HETATM 1418 O O   . HOH B 2 .   ? 11.376  4.221   16.551  1.00 33.41 ? 433 HOH A O   1 
HETATM 1419 O O   . HOH B 2 .   ? -13.992 -7.927  13.681  1.00 32.53 ? 434 HOH A O   1 
HETATM 1420 O O   . HOH B 2 .   ? -5.861  10.028  -18.389 1.00 33.52 ? 435 HOH A O   1 
HETATM 1421 O O   . HOH B 2 .   ? 1.610   -20.266 -7.779  1.00 31.76 ? 436 HOH A O   1 
HETATM 1422 O O   . HOH B 2 .   ? -12.819 8.848   10.290  1.00 35.81 ? 437 HOH A O   1 
HETATM 1423 O O   . HOH B 2 .   ? 11.050  -7.368  22.900  1.00 40.25 ? 438 HOH A O   1 
HETATM 1424 O O   . HOH B 2 .   ? 16.278  -2.660  -9.171  1.00 33.46 ? 439 HOH A O   1 
HETATM 1425 O O   . HOH B 2 .   ? -0.211  21.512  -36.426 1.00 40.25 ? 440 HOH A O   1 
HETATM 1426 O O   . HOH B 2 .   ? -3.125  2.369   19.811  1.00 30.81 ? 441 HOH A O   1 
HETATM 1427 O O   . HOH B 2 .   ? -12.922 15.945  -19.540 1.00 42.02 ? 442 HOH A O   1 
HETATM 1428 O O   . HOH B 2 .   ? -8.331  3.778   12.409  1.00 27.02 ? 443 HOH A O   1 
HETATM 1429 O O   . HOH B 2 .   ? -8.136  10.740  -8.914  1.00 37.32 ? 444 HOH A O   1 
HETATM 1430 O O   . HOH B 2 .   ? -3.447  9.641   -17.255 1.00 35.94 ? 445 HOH A O   1 
HETATM 1431 O O   . HOH B 2 .   ? 14.819  -1.761  -15.816 1.00 32.85 ? 446 HOH A O   1 
HETATM 1432 O O   . HOH B 2 .   ? 1.144   10.491  10.907  1.00 36.86 ? 447 HOH A O   1 
HETATM 1433 O O   . HOH B 2 .   ? -5.284  0.134   -12.364 1.00 40.04 ? 448 HOH A O   1 
HETATM 1434 O O   . HOH B 2 .   ? -16.616 -3.482  18.107  1.00 42.33 ? 449 HOH A O   1 
HETATM 1435 O O   . HOH B 2 .   ? -2.668  15.682  -34.481 1.00 36.89 ? 450 HOH A O   1 
HETATM 1436 O O   . HOH B 2 .   ? 8.682   4.722   17.301  1.00 34.55 ? 451 HOH A O   1 
HETATM 1437 O O   . HOH B 2 .   ? -0.181  -7.951  -13.616 1.00 32.93 ? 452 HOH A O   1 
HETATM 1438 O O   . HOH B 2 .   ? -16.518 -1.366  4.380   1.00 38.63 ? 453 HOH A O   1 
HETATM 1439 O O   . HOH B 2 .   ? -7.297  24.686  -33.279 1.00 39.44 ? 454 HOH A O   1 
HETATM 1440 O O   . HOH B 2 .   ? -0.634  8.349   -25.311 1.00 36.97 ? 455 HOH A O   1 
HETATM 1441 O O   . HOH B 2 .   ? -17.431 5.810   5.138   1.00 33.99 ? 456 HOH A O   1 
HETATM 1442 O O   . HOH B 2 .   ? -5.532  -14.257 -5.751  1.00 38.29 ? 457 HOH A O   1 
HETATM 1443 O O   . HOH B 2 .   ? 4.834   -17.091 10.020  1.00 38.37 ? 458 HOH A O   1 
HETATM 1444 O O   . HOH B 2 .   ? -6.621  9.201   -7.696  1.00 32.55 ? 459 HOH A O   1 
HETATM 1445 O O   . HOH B 2 .   ? -3.266  9.811   -21.289 1.00 38.07 ? 460 HOH A O   1 
HETATM 1446 O O   . HOH B 2 .   ? -13.710 -7.651  6.728   1.00 40.37 ? 461 HOH A O   1 
HETATM 1447 O O   . HOH B 2 .   ? -9.905  13.930  -22.228 1.00 37.39 ? 462 HOH A O   1 
HETATM 1448 O O   . HOH B 2 .   ? -8.690  11.061  -21.439 1.00 34.07 ? 463 HOH A O   1 
HETATM 1449 O O   . HOH B 2 .   ? -4.307  12.049  -24.125 1.00 35.96 ? 464 HOH A O   1 
HETATM 1450 O O   . HOH B 2 .   ? 6.607   2.656   -21.374 1.00 41.63 ? 465 HOH A O   1 
HETATM 1451 O O   . HOH B 2 .   ? -18.331 -2.199  9.192   1.00 42.72 ? 466 HOH A O   1 
HETATM 1452 O O   . HOH B 2 .   ? -16.370 13.881  8.138   1.00 34.30 ? 467 HOH A O   1 
HETATM 1453 O O   . HOH B 2 .   ? 1.854   -15.356 -11.274 1.00 41.06 ? 468 HOH A O   1 
HETATM 1454 O O   . HOH B 2 .   ? -16.648 8.761   3.001   1.00 35.97 ? 469 HOH A O   1 
HETATM 1455 O O   . HOH B 2 .   ? -2.653  13.216  5.569   1.00 37.66 ? 470 HOH A O   1 
HETATM 1456 O O   . HOH B 2 .   ? 3.448   11.387  9.908   1.00 40.57 ? 471 HOH A O   1 
HETATM 1457 O O   . HOH B 2 .   ? -2.913  20.847  -37.620 1.00 33.89 ? 472 HOH A O   1 
HETATM 1458 O O   . HOH B 2 .   ? -15.925 -4.383  4.984   1.00 41.45 ? 473 HOH A O   1 
HETATM 1459 O O   . HOH B 2 .   ? 2.483   10.048  -29.285 1.00 38.07 ? 474 HOH A O   1 
# 
